data_5ETM
# 
_entry.id   5ETM 
# 
_audit_conform.dict_name       mmcif_pdbx.dic 
_audit_conform.dict_version    5.379 
_audit_conform.dict_location   http://mmcif.pdb.org/dictionaries/ascii/mmcif_pdbx.dic 
# 
loop_
_database_2.database_id 
_database_2.database_code 
_database_2.pdbx_database_accession 
_database_2.pdbx_DOI 
PDB   5ETM         pdb_00005etm 10.2210/pdb5etm/pdb 
WWPDB D_1000215436 ?            ?                   
# 
loop_
_pdbx_database_related.content_type 
_pdbx_database_related.db_id 
_pdbx_database_related.db_name 
_pdbx_database_related.details 
unspecified 5ETK PDB . 
unspecified 5ETL PDB . 
unspecified 5ETN PDB . 
unspecified 5ETO PDB . 
unspecified 5ETP PDB . 
unspecified 5ETQ PDB . 
unspecified 5ETR PDB . 
unspecified 5ETS PDB . 
unspecified 5ETT PDB . 
unspecified 5ETV PDB . 
# 
_pdbx_database_status.status_code                     REL 
_pdbx_database_status.status_code_sf                  REL 
_pdbx_database_status.status_code_mr                  ? 
_pdbx_database_status.entry_id                        5ETM 
_pdbx_database_status.recvd_initial_deposition_date   2015-11-17 
_pdbx_database_status.SG_entry                        N 
_pdbx_database_status.deposit_site                    RCSB 
_pdbx_database_status.process_site                    RCSB 
_pdbx_database_status.status_code_cs                  ? 
_pdbx_database_status.methods_development_category    ? 
_pdbx_database_status.pdb_format_compatible           Y 
_pdbx_database_status.status_code_nmr_data            ? 
# 
loop_
_audit_author.name 
_audit_author.pdbx_ordinal 
'Dennis, M.L.'    1 
'Peat, T.S.'      2 
'Swarbrick, J.D.' 3 
# 
_citation.abstract                  ? 
_citation.abstract_id_CAS           ? 
_citation.book_id_ISBN              ? 
_citation.book_publisher            ? 
_citation.book_publisher_city       ? 
_citation.book_title                ? 
_citation.coordinate_linkage        ? 
_citation.country                   US 
_citation.database_id_Medline       ? 
_citation.details                   ? 
_citation.id                        primary 
_citation.journal_abbrev            J.Med.Chem. 
_citation.journal_id_ASTM           JMCMAR 
_citation.journal_id_CSD            0151 
_citation.journal_id_ISSN           0022-2623 
_citation.journal_full              ? 
_citation.journal_issue             ? 
_citation.journal_volume            59 
_citation.language                  ? 
_citation.page_first                5248 
_citation.page_last                 5263 
_citation.title                     
;Structural Basis for the Selective Binding of Inhibitors to 6-Hydroxymethyl-7,8-dihydropterin Pyrophosphokinase from Staphylococcus aureus and Escherichia coli.
;
_citation.year                      2016 
_citation.database_id_CSD           ? 
_citation.pdbx_database_id_DOI      10.1021/acs.jmedchem.6b00002 
_citation.pdbx_database_id_PubMed   27094768 
_citation.unpublished_flag          ? 
# 
loop_
_citation_author.citation_id 
_citation_author.name 
_citation_author.ordinal 
_citation_author.identifier_ORCID 
primary 'Dennis, M.L.'    1  ? 
primary 'Pitcher, N.P.'   2  ? 
primary 'Lee, M.D.'       3  ? 
primary 'DeBono, A.J.'    4  ? 
primary 'Wang, Z.C.'      5  ? 
primary 'Harjani, J.R.'   6  ? 
primary 'Rahmani, R.'     7  ? 
primary 'Cleary, B.'      8  ? 
primary 'Peat, T.S.'      9  ? 
primary 'Baell, J.B.'     10 ? 
primary 'Swarbrick, J.D.' 11 ? 
# 
_cell.angle_alpha                  90.00 
_cell.angle_alpha_esd              ? 
_cell.angle_beta                   115.49 
_cell.angle_beta_esd               ? 
_cell.angle_gamma                  90.00 
_cell.angle_gamma_esd              ? 
_cell.entry_id                     5ETM 
_cell.details                      ? 
_cell.formula_units_Z              ? 
_cell.length_a                     35.763 
_cell.length_a_esd                 ? 
_cell.length_b                     57.631 
_cell.length_b_esd                 ? 
_cell.length_c                     38.407 
_cell.length_c_esd                 ? 
_cell.volume                       ? 
_cell.volume_esd                   ? 
_cell.Z_PDB                        2 
_cell.reciprocal_angle_alpha       ? 
_cell.reciprocal_angle_beta        ? 
_cell.reciprocal_angle_gamma       ? 
_cell.reciprocal_angle_alpha_esd   ? 
_cell.reciprocal_angle_beta_esd    ? 
_cell.reciprocal_angle_gamma_esd   ? 
_cell.reciprocal_length_a          ? 
_cell.reciprocal_length_b          ? 
_cell.reciprocal_length_c          ? 
_cell.reciprocal_length_a_esd      ? 
_cell.reciprocal_length_b_esd      ? 
_cell.reciprocal_length_c_esd      ? 
_cell.pdbx_unique_axis             ? 
# 
_symmetry.entry_id                         5ETM 
_symmetry.cell_setting                     ? 
_symmetry.Int_Tables_number                4 
_symmetry.space_group_name_Hall            ? 
_symmetry.space_group_name_H-M             'P 1 21 1' 
_symmetry.pdbx_full_space_group_name_H-M   ? 
# 
loop_
_entity.id 
_entity.type 
_entity.src_method 
_entity.pdbx_description 
_entity.formula_weight 
_entity.pdbx_number_of_molecules 
_entity.pdbx_ec 
_entity.pdbx_mutation 
_entity.pdbx_fragment 
_entity.details 
1 polymer     man '2-amino-4-hydroxy-6-hydroxymethyldihydropteridine pyrophosphokinase' 18312.939 1  2.7.6.3 ? ? ? 
2 non-polymer syn '2-azanyl-8-[(4-fluorophenyl)methylsulfanyl]-1,7-dihydropurin-6-one'  291.304   1  ?       ? ? ? 
3 non-polymer syn 'DIPHOSPHOMETHYLPHOSPHONIC ACID ADENOSYL ESTER'                       505.208   1  ?       ? ? ? 
4 non-polymer syn 'CALCIUM ION'                                                         40.078    2  ?       ? ? ? 
5 non-polymer syn 'SODIUM ION'                                                          22.990    2  ?       ? ? ? 
6 non-polymer syn 'CHLORIDE ION'                                                        35.453    2  ?       ? ? ? 
7 water       nat water                                                                 18.015    88 ?       ? ? ? 
# 
_entity_name_com.entity_id   1 
_entity_name_com.name        
'6-hydroxymethyl-7,8-dihydropterin pyrophosphokinase,PPPK,7,8-dihydro-6-hydroxymethylpterin-pyrophosphokinase,HPPK' 
# 
_entity_poly.entity_id                      1 
_entity_poly.type                           'polypeptide(L)' 
_entity_poly.nstd_linkage                   no 
_entity_poly.nstd_monomer                   no 
_entity_poly.pdbx_seq_one_letter_code       
;GSAMTVAYIAIGSNLASPLEQVNAALKALGDIPESHILTVSSFYRTPPLGPQDQPDYLNAAVALETSLAPEELLNHTQRI
ELQQGRVRKAERWGPRTLDLDIMLFGNEVINTERLTVPHYDMKNRGFMLWPLFEIAPELVFPDGEMLRQILHTRAFDKLN
KW
;
_entity_poly.pdbx_seq_one_letter_code_can   
;GSAMTVAYIAIGSNLASPLEQVNAALKALGDIPESHILTVSSFYRTPPLGPQDQPDYLNAAVALETSLAPEELLNHTQRI
ELQQGRVRKAERWGPRTLDLDIMLFGNEVINTERLTVPHYDMKNRGFMLWPLFEIAPELVFPDGEMLRQILHTRAFDKLN
KW
;
_entity_poly.pdbx_strand_id                 A 
_entity_poly.pdbx_target_identifier         ? 
# 
loop_
_entity_poly_seq.entity_id 
_entity_poly_seq.num 
_entity_poly_seq.mon_id 
_entity_poly_seq.hetero 
1 1   GLY n 
1 2   SER n 
1 3   ALA n 
1 4   MET n 
1 5   THR n 
1 6   VAL n 
1 7   ALA n 
1 8   TYR n 
1 9   ILE n 
1 10  ALA n 
1 11  ILE n 
1 12  GLY n 
1 13  SER n 
1 14  ASN n 
1 15  LEU n 
1 16  ALA n 
1 17  SER n 
1 18  PRO n 
1 19  LEU n 
1 20  GLU n 
1 21  GLN n 
1 22  VAL n 
1 23  ASN n 
1 24  ALA n 
1 25  ALA n 
1 26  LEU n 
1 27  LYS n 
1 28  ALA n 
1 29  LEU n 
1 30  GLY n 
1 31  ASP n 
1 32  ILE n 
1 33  PRO n 
1 34  GLU n 
1 35  SER n 
1 36  HIS n 
1 37  ILE n 
1 38  LEU n 
1 39  THR n 
1 40  VAL n 
1 41  SER n 
1 42  SER n 
1 43  PHE n 
1 44  TYR n 
1 45  ARG n 
1 46  THR n 
1 47  PRO n 
1 48  PRO n 
1 49  LEU n 
1 50  GLY n 
1 51  PRO n 
1 52  GLN n 
1 53  ASP n 
1 54  GLN n 
1 55  PRO n 
1 56  ASP n 
1 57  TYR n 
1 58  LEU n 
1 59  ASN n 
1 60  ALA n 
1 61  ALA n 
1 62  VAL n 
1 63  ALA n 
1 64  LEU n 
1 65  GLU n 
1 66  THR n 
1 67  SER n 
1 68  LEU n 
1 69  ALA n 
1 70  PRO n 
1 71  GLU n 
1 72  GLU n 
1 73  LEU n 
1 74  LEU n 
1 75  ASN n 
1 76  HIS n 
1 77  THR n 
1 78  GLN n 
1 79  ARG n 
1 80  ILE n 
1 81  GLU n 
1 82  LEU n 
1 83  GLN n 
1 84  GLN n 
1 85  GLY n 
1 86  ARG n 
1 87  VAL n 
1 88  ARG n 
1 89  LYS n 
1 90  ALA n 
1 91  GLU n 
1 92  ARG n 
1 93  TRP n 
1 94  GLY n 
1 95  PRO n 
1 96  ARG n 
1 97  THR n 
1 98  LEU n 
1 99  ASP n 
1 100 LEU n 
1 101 ASP n 
1 102 ILE n 
1 103 MET n 
1 104 LEU n 
1 105 PHE n 
1 106 GLY n 
1 107 ASN n 
1 108 GLU n 
1 109 VAL n 
1 110 ILE n 
1 111 ASN n 
1 112 THR n 
1 113 GLU n 
1 114 ARG n 
1 115 LEU n 
1 116 THR n 
1 117 VAL n 
1 118 PRO n 
1 119 HIS n 
1 120 TYR n 
1 121 ASP n 
1 122 MET n 
1 123 LYS n 
1 124 ASN n 
1 125 ARG n 
1 126 GLY n 
1 127 PHE n 
1 128 MET n 
1 129 LEU n 
1 130 TRP n 
1 131 PRO n 
1 132 LEU n 
1 133 PHE n 
1 134 GLU n 
1 135 ILE n 
1 136 ALA n 
1 137 PRO n 
1 138 GLU n 
1 139 LEU n 
1 140 VAL n 
1 141 PHE n 
1 142 PRO n 
1 143 ASP n 
1 144 GLY n 
1 145 GLU n 
1 146 MET n 
1 147 LEU n 
1 148 ARG n 
1 149 GLN n 
1 150 ILE n 
1 151 LEU n 
1 152 HIS n 
1 153 THR n 
1 154 ARG n 
1 155 ALA n 
1 156 PHE n 
1 157 ASP n 
1 158 LYS n 
1 159 LEU n 
1 160 ASN n 
1 161 LYS n 
1 162 TRP n 
# 
_entity_src_gen.entity_id                          1 
_entity_src_gen.pdbx_src_id                        1 
_entity_src_gen.pdbx_alt_source_flag               sample 
_entity_src_gen.pdbx_seq_type                      'Biological sequence' 
_entity_src_gen.pdbx_beg_seq_num                   1 
_entity_src_gen.pdbx_end_seq_num                   162 
_entity_src_gen.gene_src_common_name               ? 
_entity_src_gen.gene_src_genus                     ? 
_entity_src_gen.pdbx_gene_src_gene                 'folK, b0142, JW0138' 
_entity_src_gen.gene_src_species                   ? 
_entity_src_gen.gene_src_strain                    ? 
_entity_src_gen.gene_src_tissue                    ? 
_entity_src_gen.gene_src_tissue_fraction           ? 
_entity_src_gen.gene_src_details                   ? 
_entity_src_gen.pdbx_gene_src_fragment             ? 
_entity_src_gen.pdbx_gene_src_scientific_name      'Escherichia coli' 
_entity_src_gen.pdbx_gene_src_ncbi_taxonomy_id     562 
_entity_src_gen.pdbx_gene_src_variant              ? 
_entity_src_gen.pdbx_gene_src_cell_line            ? 
_entity_src_gen.pdbx_gene_src_atcc                 ? 
_entity_src_gen.pdbx_gene_src_organ                ? 
_entity_src_gen.pdbx_gene_src_organelle            ? 
_entity_src_gen.pdbx_gene_src_cell                 ? 
_entity_src_gen.pdbx_gene_src_cellular_location    ? 
_entity_src_gen.host_org_common_name               ? 
_entity_src_gen.pdbx_host_org_scientific_name      'Escherichia coli' 
_entity_src_gen.pdbx_host_org_ncbi_taxonomy_id     562 
_entity_src_gen.host_org_genus                     ? 
_entity_src_gen.pdbx_host_org_gene                 ? 
_entity_src_gen.pdbx_host_org_organ                ? 
_entity_src_gen.host_org_species                   ? 
_entity_src_gen.pdbx_host_org_tissue               ? 
_entity_src_gen.pdbx_host_org_tissue_fraction      ? 
_entity_src_gen.pdbx_host_org_strain               ? 
_entity_src_gen.pdbx_host_org_variant              ? 
_entity_src_gen.pdbx_host_org_cell_line            ? 
_entity_src_gen.pdbx_host_org_atcc                 ? 
_entity_src_gen.pdbx_host_org_culture_collection   ? 
_entity_src_gen.pdbx_host_org_cell                 ? 
_entity_src_gen.pdbx_host_org_organelle            ? 
_entity_src_gen.pdbx_host_org_cellular_location    ? 
_entity_src_gen.pdbx_host_org_vector_type          ? 
_entity_src_gen.pdbx_host_org_vector               ? 
_entity_src_gen.host_org_details                   ? 
_entity_src_gen.expression_system_id               ? 
_entity_src_gen.plasmid_name                       ? 
_entity_src_gen.plasmid_details                    ? 
_entity_src_gen.pdbx_description                   ? 
# 
_struct_ref.id                         1 
_struct_ref.db_name                    UNP 
_struct_ref.db_code                    HPPK_ECOLI 
_struct_ref.pdbx_db_accession          P26281 
_struct_ref.pdbx_db_isoform            ? 
_struct_ref.entity_id                  1 
_struct_ref.pdbx_seq_one_letter_code   
;MTVAYIAIGSNLASPLEQVNAALKALGDIPESHILTVSSFYRTPPLGPQDQPDYLNAAVALETSLAPEELLNHTQRIELQ
QGRVRKAERWGPRTLDLDIMLFGNEVINTERLTVPHYDMKNRGFMLWPLFEIAPELVFPDGEMLRQILHTRAFDKLNKW
;
_struct_ref.pdbx_align_begin           1 
# 
_struct_ref_seq.align_id                      1 
_struct_ref_seq.ref_id                        1 
_struct_ref_seq.pdbx_PDB_id_code              5ETM 
_struct_ref_seq.pdbx_strand_id                A 
_struct_ref_seq.seq_align_beg                 4 
_struct_ref_seq.pdbx_seq_align_beg_ins_code   ? 
_struct_ref_seq.seq_align_end                 162 
_struct_ref_seq.pdbx_seq_align_end_ins_code   ? 
_struct_ref_seq.pdbx_db_accession             P26281 
_struct_ref_seq.db_align_beg                  1 
_struct_ref_seq.pdbx_db_align_beg_ins_code    ? 
_struct_ref_seq.db_align_end                  159 
_struct_ref_seq.pdbx_db_align_end_ins_code    ? 
_struct_ref_seq.pdbx_auth_seq_align_beg       0 
_struct_ref_seq.pdbx_auth_seq_align_end       158 
# 
loop_
_struct_ref_seq_dif.align_id 
_struct_ref_seq_dif.pdbx_pdb_id_code 
_struct_ref_seq_dif.mon_id 
_struct_ref_seq_dif.pdbx_pdb_strand_id 
_struct_ref_seq_dif.seq_num 
_struct_ref_seq_dif.pdbx_pdb_ins_code 
_struct_ref_seq_dif.pdbx_seq_db_name 
_struct_ref_seq_dif.pdbx_seq_db_accession_code 
_struct_ref_seq_dif.db_mon_id 
_struct_ref_seq_dif.pdbx_seq_db_seq_num 
_struct_ref_seq_dif.details 
_struct_ref_seq_dif.pdbx_auth_seq_num 
_struct_ref_seq_dif.pdbx_ordinal 
1 5ETM GLY A 1 ? UNP P26281 ? ? 'expression tag' -3 1 
1 5ETM SER A 2 ? UNP P26281 ? ? 'expression tag' -2 2 
1 5ETM ALA A 3 ? UNP P26281 ? ? 'expression tag' -1 3 
# 
loop_
_chem_comp.id 
_chem_comp.type 
_chem_comp.mon_nstd_flag 
_chem_comp.name 
_chem_comp.pdbx_synonyms 
_chem_comp.formula 
_chem_comp.formula_weight 
5RW non-polymer         . '2-azanyl-8-[(4-fluorophenyl)methylsulfanyl]-1,7-dihydropurin-6-one' ? 'C12 H10 F N5 O S'  291.304 
ALA 'L-peptide linking' y ALANINE                                                              ? 'C3 H7 N O2'        89.093  
APC non-polymer         . 'DIPHOSPHOMETHYLPHOSPHONIC ACID ADENOSYL ESTER'                      
"ALPHA,BETA-METHYLENEADENOSINE-5'-TRIPHOSPHATE" 'C11 H18 N5 O12 P3' 505.208 
ARG 'L-peptide linking' y ARGININE                                                             ? 'C6 H15 N4 O2 1'    175.209 
ASN 'L-peptide linking' y ASPARAGINE                                                           ? 'C4 H8 N2 O3'       132.118 
ASP 'L-peptide linking' y 'ASPARTIC ACID'                                                      ? 'C4 H7 N O4'        133.103 
CA  non-polymer         . 'CALCIUM ION'                                                        ? 'Ca 2'              40.078  
CL  non-polymer         . 'CHLORIDE ION'                                                       ? 'Cl -1'             35.453  
GLN 'L-peptide linking' y GLUTAMINE                                                            ? 'C5 H10 N2 O3'      146.144 
GLU 'L-peptide linking' y 'GLUTAMIC ACID'                                                      ? 'C5 H9 N O4'        147.129 
GLY 'peptide linking'   y GLYCINE                                                              ? 'C2 H5 N O2'        75.067  
HIS 'L-peptide linking' y HISTIDINE                                                            ? 'C6 H10 N3 O2 1'    156.162 
HOH non-polymer         . WATER                                                                ? 'H2 O'              18.015  
ILE 'L-peptide linking' y ISOLEUCINE                                                           ? 'C6 H13 N O2'       131.173 
LEU 'L-peptide linking' y LEUCINE                                                              ? 'C6 H13 N O2'       131.173 
LYS 'L-peptide linking' y LYSINE                                                               ? 'C6 H15 N2 O2 1'    147.195 
MET 'L-peptide linking' y METHIONINE                                                           ? 'C5 H11 N O2 S'     149.211 
NA  non-polymer         . 'SODIUM ION'                                                         ? 'Na 1'              22.990  
PHE 'L-peptide linking' y PHENYLALANINE                                                        ? 'C9 H11 N O2'       165.189 
PRO 'L-peptide linking' y PROLINE                                                              ? 'C5 H9 N O2'        115.130 
SER 'L-peptide linking' y SERINE                                                               ? 'C3 H7 N O3'        105.093 
THR 'L-peptide linking' y THREONINE                                                            ? 'C4 H9 N O3'        119.119 
TRP 'L-peptide linking' y TRYPTOPHAN                                                           ? 'C11 H12 N2 O2'     204.225 
TYR 'L-peptide linking' y TYROSINE                                                             ? 'C9 H11 N O3'       181.189 
VAL 'L-peptide linking' y VALINE                                                               ? 'C5 H11 N O2'       117.146 
# 
_exptl.absorpt_coefficient_mu     ? 
_exptl.absorpt_correction_T_max   ? 
_exptl.absorpt_correction_T_min   ? 
_exptl.absorpt_correction_type    ? 
_exptl.absorpt_process_details    ? 
_exptl.entry_id                   5ETM 
_exptl.crystals_number            1 
_exptl.details                    ? 
_exptl.method                     'X-RAY DIFFRACTION' 
_exptl.method_details             ? 
# 
_exptl_crystal.colour                      ? 
_exptl_crystal.density_diffrn              ? 
_exptl_crystal.density_Matthews            1.95 
_exptl_crystal.density_method              ? 
_exptl_crystal.density_percent_sol         36.95 
_exptl_crystal.description                 ? 
_exptl_crystal.F_000                       ? 
_exptl_crystal.id                          1 
_exptl_crystal.preparation                 ? 
_exptl_crystal.size_max                    ? 
_exptl_crystal.size_mid                    ? 
_exptl_crystal.size_min                    ? 
_exptl_crystal.size_rad                    ? 
_exptl_crystal.colour_lustre               ? 
_exptl_crystal.colour_modifier             ? 
_exptl_crystal.colour_primary              ? 
_exptl_crystal.density_meas                ? 
_exptl_crystal.density_meas_esd            ? 
_exptl_crystal.density_meas_gt             ? 
_exptl_crystal.density_meas_lt             ? 
_exptl_crystal.density_meas_temp           ? 
_exptl_crystal.density_meas_temp_esd       ? 
_exptl_crystal.density_meas_temp_gt        ? 
_exptl_crystal.density_meas_temp_lt        ? 
_exptl_crystal.pdbx_crystal_image_url      ? 
_exptl_crystal.pdbx_crystal_image_format   ? 
_exptl_crystal.pdbx_mosaicity              ? 
_exptl_crystal.pdbx_mosaicity_esd          ? 
# 
_exptl_crystal_grow.apparatus       ? 
_exptl_crystal_grow.atmosphere      ? 
_exptl_crystal_grow.crystal_id      1 
_exptl_crystal_grow.details         ? 
_exptl_crystal_grow.method          'VAPOR DIFFUSION, SITTING DROP' 
_exptl_crystal_grow.method_ref      ? 
_exptl_crystal_grow.pH              6.55 
_exptl_crystal_grow.pressure        ? 
_exptl_crystal_grow.pressure_esd    ? 
_exptl_crystal_grow.seeding         ? 
_exptl_crystal_grow.seeding_ref     ? 
_exptl_crystal_grow.temp            293 
_exptl_crystal_grow.temp_details    ? 
_exptl_crystal_grow.temp_esd        ? 
_exptl_crystal_grow.time            ? 
_exptl_crystal_grow.pdbx_details    
;Protein 6.6 mg/mL, 1 mM AMPCPP, 1 mM inhibitor, 2 mM Magnesium Chloride, 27.5 %w/v PEG4000, 0.1 M sodium HEPES, 0.196 M Calcium Chloride
;
_exptl_crystal_grow.pdbx_pH_range   ? 
# 
_diffrn.ambient_environment    ? 
_diffrn.ambient_temp           100 
_diffrn.ambient_temp_details   ? 
_diffrn.ambient_temp_esd       ? 
_diffrn.crystal_id             1 
_diffrn.crystal_support        ? 
_diffrn.crystal_treatment      ? 
_diffrn.details                ? 
_diffrn.id                     1 
_diffrn.ambient_pressure       ? 
_diffrn.ambient_pressure_esd   ? 
_diffrn.ambient_pressure_gt    ? 
_diffrn.ambient_pressure_lt    ? 
_diffrn.ambient_temp_gt        ? 
_diffrn.ambient_temp_lt        ? 
# 
_diffrn_detector.details                      ? 
_diffrn_detector.detector                     CCD 
_diffrn_detector.diffrn_id                    1 
_diffrn_detector.type                         'ADSC QUANTUM 315r' 
_diffrn_detector.area_resol_mean              ? 
_diffrn_detector.dtime                        ? 
_diffrn_detector.pdbx_frames_total            ? 
_diffrn_detector.pdbx_collection_time_total   ? 
_diffrn_detector.pdbx_collection_date         2015-09-26 
# 
_diffrn_radiation.collimation                      ? 
_diffrn_radiation.diffrn_id                        1 
_diffrn_radiation.filter_edge                      ? 
_diffrn_radiation.inhomogeneity                    ? 
_diffrn_radiation.monochromator                    ? 
_diffrn_radiation.polarisn_norm                    ? 
_diffrn_radiation.polarisn_ratio                   ? 
_diffrn_radiation.probe                            ? 
_diffrn_radiation.type                             ? 
_diffrn_radiation.xray_symbol                      ? 
_diffrn_radiation.wavelength_id                    1 
_diffrn_radiation.pdbx_monochromatic_or_laue_m_l   M 
_diffrn_radiation.pdbx_wavelength_list             ? 
_diffrn_radiation.pdbx_wavelength                  ? 
_diffrn_radiation.pdbx_diffrn_protocol             'SINGLE WAVELENGTH' 
_diffrn_radiation.pdbx_analyzer                    ? 
_diffrn_radiation.pdbx_scattering_type             x-ray 
# 
_diffrn_radiation_wavelength.id           1 
_diffrn_radiation_wavelength.wavelength   0.9537 
_diffrn_radiation_wavelength.wt           1.0 
# 
_diffrn_source.current                     ? 
_diffrn_source.details                     ? 
_diffrn_source.diffrn_id                   1 
_diffrn_source.power                       ? 
_diffrn_source.size                        ? 
_diffrn_source.source                      SYNCHROTRON 
_diffrn_source.target                      ? 
_diffrn_source.type                        'AUSTRALIAN SYNCHROTRON BEAMLINE MX2' 
_diffrn_source.voltage                     ? 
_diffrn_source.take-off_angle              ? 
_diffrn_source.pdbx_wavelength_list        0.9537 
_diffrn_source.pdbx_wavelength             ? 
_diffrn_source.pdbx_synchrotron_beamline   MX2 
_diffrn_source.pdbx_synchrotron_site       'Australian Synchrotron' 
# 
_reflns.B_iso_Wilson_estimate            ? 
_reflns.entry_id                         5ETM 
_reflns.data_reduction_details           ? 
_reflns.data_reduction_method            ? 
_reflns.d_resolution_high                1.46 
_reflns.d_resolution_low                 34.67 
_reflns.details                          ? 
_reflns.limit_h_max                      ? 
_reflns.limit_h_min                      ? 
_reflns.limit_k_max                      ? 
_reflns.limit_k_min                      ? 
_reflns.limit_l_max                      ? 
_reflns.limit_l_min                      ? 
_reflns.number_all                       ? 
_reflns.number_obs                       24472 
_reflns.observed_criterion               ? 
_reflns.observed_criterion_F_max         ? 
_reflns.observed_criterion_F_min         ? 
_reflns.observed_criterion_I_max         ? 
_reflns.observed_criterion_I_min         ? 
_reflns.observed_criterion_sigma_F       ? 
_reflns.observed_criterion_sigma_I       ? 
_reflns.percent_possible_obs             99.8 
_reflns.R_free_details                   ? 
_reflns.Rmerge_F_all                     ? 
_reflns.Rmerge_F_obs                     ? 
_reflns.Friedel_coverage                 ? 
_reflns.number_gt                        ? 
_reflns.threshold_expression             ? 
_reflns.pdbx_redundancy                  7.1 
_reflns.pdbx_Rmerge_I_obs                0.097 
_reflns.pdbx_Rmerge_I_all                ? 
_reflns.pdbx_Rsym_value                  ? 
_reflns.pdbx_netI_over_av_sigmaI         ? 
_reflns.pdbx_netI_over_sigmaI            11.6 
_reflns.pdbx_res_netI_over_av_sigmaI_2   ? 
_reflns.pdbx_res_netI_over_sigmaI_2      ? 
_reflns.pdbx_chi_squared                 ? 
_reflns.pdbx_scaling_rejects             ? 
_reflns.pdbx_d_res_high_opt              ? 
_reflns.pdbx_d_res_low_opt               ? 
_reflns.pdbx_d_res_opt_method            ? 
_reflns.phase_calculation_details        ? 
_reflns.pdbx_Rrim_I_all                  ? 
_reflns.pdbx_Rpim_I_all                  ? 
_reflns.pdbx_d_opt                       ? 
_reflns.pdbx_number_measured_all         ? 
_reflns.pdbx_diffrn_id                   1 
_reflns.pdbx_ordinal                     1 
_reflns.pdbx_CC_half                     ? 
_reflns.pdbx_R_split                     ? 
# 
_reflns_shell.d_res_high                  1.46 
_reflns_shell.d_res_low                   1.48 
_reflns_shell.meanI_over_sigI_all         ? 
_reflns_shell.meanI_over_sigI_obs         2.7 
_reflns_shell.number_measured_all         ? 
_reflns_shell.number_measured_obs         ? 
_reflns_shell.number_possible             ? 
_reflns_shell.number_unique_all           ? 
_reflns_shell.number_unique_obs           ? 
_reflns_shell.percent_possible_all        99.9 
_reflns_shell.percent_possible_obs        ? 
_reflns_shell.Rmerge_F_all                ? 
_reflns_shell.Rmerge_F_obs                ? 
_reflns_shell.Rmerge_I_all                ? 
_reflns_shell.Rmerge_I_obs                0.662 
_reflns_shell.meanI_over_sigI_gt          ? 
_reflns_shell.meanI_over_uI_all           ? 
_reflns_shell.meanI_over_uI_gt            ? 
_reflns_shell.number_measured_gt          ? 
_reflns_shell.number_unique_gt            ? 
_reflns_shell.percent_possible_gt         ? 
_reflns_shell.Rmerge_F_gt                 ? 
_reflns_shell.Rmerge_I_gt                 ? 
_reflns_shell.pdbx_redundancy             6.5 
_reflns_shell.pdbx_Rsym_value             ? 
_reflns_shell.pdbx_chi_squared            ? 
_reflns_shell.pdbx_netI_over_sigmaI_all   ? 
_reflns_shell.pdbx_netI_over_sigmaI_obs   ? 
_reflns_shell.pdbx_Rrim_I_all             ? 
_reflns_shell.pdbx_Rpim_I_all             ? 
_reflns_shell.pdbx_rejects                ? 
_reflns_shell.pdbx_ordinal                1 
_reflns_shell.pdbx_diffrn_id              1 
_reflns_shell.pdbx_CC_half                ? 
_reflns_shell.pdbx_R_split                ? 
# 
_refine.aniso_B[1][1]                            0.00 
_refine.aniso_B[1][2]                            -0.00 
_refine.aniso_B[1][3]                            0.48 
_refine.aniso_B[2][2]                            -0.42 
_refine.aniso_B[2][3]                            -0.00 
_refine.aniso_B[3][3]                            -0.03 
_refine.B_iso_max                                ? 
_refine.B_iso_mean                               12.946 
_refine.B_iso_min                                ? 
_refine.correlation_coeff_Fo_to_Fc               0.928 
_refine.correlation_coeff_Fo_to_Fc_free          0.910 
_refine.details                                  'HYDROGENS HAVE BEEN ADDED IN THE RIDING POSITIONS' 
_refine.diff_density_max                         ? 
_refine.diff_density_max_esd                     ? 
_refine.diff_density_min                         ? 
_refine.diff_density_min_esd                     ? 
_refine.diff_density_rms                         ? 
_refine.diff_density_rms_esd                     ? 
_refine.entry_id                                 5ETM 
_refine.pdbx_refine_id                           'X-RAY DIFFRACTION' 
_refine.ls_abs_structure_details                 ? 
_refine.ls_abs_structure_Flack                   ? 
_refine.ls_abs_structure_Flack_esd               ? 
_refine.ls_abs_structure_Rogers                  ? 
_refine.ls_abs_structure_Rogers_esd              ? 
_refine.ls_d_res_high                            1.46 
_refine.ls_d_res_low                             34.67 
_refine.ls_extinction_coef                       ? 
_refine.ls_extinction_coef_esd                   ? 
_refine.ls_extinction_expression                 ? 
_refine.ls_extinction_method                     ? 
_refine.ls_goodness_of_fit_all                   ? 
_refine.ls_goodness_of_fit_all_esd               ? 
_refine.ls_goodness_of_fit_obs                   ? 
_refine.ls_goodness_of_fit_obs_esd               ? 
_refine.ls_hydrogen_treatment                    ? 
_refine.ls_matrix_type                           ? 
_refine.ls_number_constraints                    ? 
_refine.ls_number_parameters                     ? 
_refine.ls_number_reflns_all                     ? 
_refine.ls_number_reflns_obs                     23060 
_refine.ls_number_reflns_R_free                  1391 
_refine.ls_number_reflns_R_work                  ? 
_refine.ls_number_restraints                     ? 
_refine.ls_percent_reflns_obs                    99.76 
_refine.ls_percent_reflns_R_free                 5.7 
_refine.ls_R_factor_all                          ? 
_refine.ls_R_factor_obs                          0.20630 
_refine.ls_R_factor_R_free                       0.23939 
_refine.ls_R_factor_R_free_error                 ? 
_refine.ls_R_factor_R_free_error_details         ? 
_refine.ls_R_factor_R_work                       0.20441 
_refine.ls_R_Fsqd_factor_obs                     ? 
_refine.ls_R_I_factor_obs                        ? 
_refine.ls_redundancy_reflns_all                 ? 
_refine.ls_redundancy_reflns_obs                 ? 
_refine.ls_restrained_S_all                      ? 
_refine.ls_restrained_S_obs                      ? 
_refine.ls_shift_over_esd_max                    ? 
_refine.ls_shift_over_esd_mean                   ? 
_refine.ls_structure_factor_coef                 ? 
_refine.ls_weighting_details                     ? 
_refine.ls_weighting_scheme                      ? 
_refine.ls_wR_factor_all                         ? 
_refine.ls_wR_factor_obs                         ? 
_refine.ls_wR_factor_R_free                      ? 
_refine.ls_wR_factor_R_work                      ? 
_refine.occupancy_max                            ? 
_refine.occupancy_min                            ? 
_refine.solvent_model_details                    MASK 
_refine.solvent_model_param_bsol                 ? 
_refine.solvent_model_param_ksol                 ? 
_refine.ls_R_factor_gt                           ? 
_refine.ls_goodness_of_fit_gt                    ? 
_refine.ls_goodness_of_fit_ref                   ? 
_refine.ls_shift_over_su_max                     ? 
_refine.ls_shift_over_su_max_lt                  ? 
_refine.ls_shift_over_su_mean                    ? 
_refine.ls_shift_over_su_mean_lt                 ? 
_refine.pdbx_ls_sigma_I                          ? 
_refine.pdbx_ls_sigma_F                          ? 
_refine.pdbx_ls_sigma_Fsqd                       ? 
_refine.pdbx_data_cutoff_high_absF               ? 
_refine.pdbx_data_cutoff_high_rms_absF           ? 
_refine.pdbx_data_cutoff_low_absF                ? 
_refine.pdbx_isotropic_thermal_model             ? 
_refine.pdbx_ls_cross_valid_method               THROUGHOUT 
_refine.pdbx_method_to_determine_struct          'MOLECULAR REPLACEMENT' 
_refine.pdbx_starting_model                      5ETK 
_refine.pdbx_stereochemistry_target_values       'MAXIMUM LIKELIHOOD' 
_refine.pdbx_R_Free_selection_details            RANDOM 
_refine.pdbx_stereochem_target_val_spec_case     ? 
_refine.pdbx_overall_ESU_R                       0.088 
_refine.pdbx_overall_ESU_R_Free                  0.089 
_refine.pdbx_solvent_vdw_probe_radii             1.20 
_refine.pdbx_solvent_ion_probe_radii             0.80 
_refine.pdbx_solvent_shrinkage_radii             0.80 
_refine.pdbx_real_space_R                        ? 
_refine.pdbx_density_correlation                 ? 
_refine.pdbx_pd_number_of_powder_patterns        ? 
_refine.pdbx_pd_number_of_points                 ? 
_refine.pdbx_pd_meas_number_of_points            ? 
_refine.pdbx_pd_proc_ls_prof_R_factor            ? 
_refine.pdbx_pd_proc_ls_prof_wR_factor           ? 
_refine.pdbx_pd_Marquardt_correlation_coeff      ? 
_refine.pdbx_pd_Fsqrd_R_factor                   ? 
_refine.pdbx_pd_ls_matrix_band_width             ? 
_refine.pdbx_overall_phase_error                 ? 
_refine.pdbx_overall_SU_R_free_Cruickshank_DPI   ? 
_refine.pdbx_overall_SU_R_free_Blow_DPI          ? 
_refine.pdbx_overall_SU_R_Blow_DPI               ? 
_refine.pdbx_TLS_residual_ADP_flag               ? 
_refine.pdbx_diffrn_id                           1 
_refine.overall_SU_B                             ? 
_refine.overall_SU_ML                            ? 
_refine.overall_SU_R_Cruickshank_DPI             ? 
_refine.overall_SU_R_free                        ? 
_refine.overall_FOM_free_R_set                   ? 
_refine.overall_FOM_work_R_set                   ? 
_refine.pdbx_average_fsc_overall                 ? 
_refine.pdbx_average_fsc_work                    ? 
_refine.pdbx_average_fsc_free                    ? 
# 
_refine_hist.pdbx_refine_id                   'X-RAY DIFFRACTION' 
_refine_hist.cycle_id                         1 
_refine_hist.pdbx_number_atoms_protein        1275 
_refine_hist.pdbx_number_atoms_nucleic_acid   0 
_refine_hist.pdbx_number_atoms_ligand         57 
_refine_hist.number_atoms_solvent             88 
_refine_hist.number_atoms_total               1420 
_refine_hist.d_res_high                       1.46 
_refine_hist.d_res_low                        34.67 
# 
loop_
_refine_ls_restr.pdbx_refine_id 
_refine_ls_restr.criterion 
_refine_ls_restr.dev_ideal 
_refine_ls_restr.dev_ideal_target 
_refine_ls_restr.number 
_refine_ls_restr.rejects 
_refine_ls_restr.type 
_refine_ls_restr.weight 
_refine_ls_restr.pdbx_restraint_function 
'X-RAY DIFFRACTION' ? 0.021  0.019  1387 ? r_bond_refined_d             ? ? 
'X-RAY DIFFRACTION' ? 0.000  0.020  1294 ? r_bond_other_d               ? ? 
'X-RAY DIFFRACTION' ? 2.206  2.016  1903 ? r_angle_refined_deg          ? ? 
'X-RAY DIFFRACTION' ? 3.558  3.000  2978 ? r_angle_other_deg            ? ? 
'X-RAY DIFFRACTION' ? 6.733  5.000  166  ? r_dihedral_angle_1_deg       ? ? 
'X-RAY DIFFRACTION' ? 35.376 24.219 64   ? r_dihedral_angle_2_deg       ? ? 
'X-RAY DIFFRACTION' ? 11.552 15.000 227  ? r_dihedral_angle_3_deg       ? ? 
'X-RAY DIFFRACTION' ? 17.167 15.000 10   ? r_dihedral_angle_4_deg       ? ? 
'X-RAY DIFFRACTION' ? 0.128  0.200  210  ? r_chiral_restr               ? ? 
'X-RAY DIFFRACTION' ? 0.011  0.021  1595 ? r_gen_planes_refined         ? ? 
'X-RAY DIFFRACTION' ? 0.020  0.020  313  ? r_gen_planes_other           ? ? 
'X-RAY DIFFRACTION' ? ?      ?      ?    ? r_nbd_refined                ? ? 
'X-RAY DIFFRACTION' ? ?      ?      ?    ? r_nbd_other                  ? ? 
'X-RAY DIFFRACTION' ? ?      ?      ?    ? r_nbtor_refined              ? ? 
'X-RAY DIFFRACTION' ? ?      ?      ?    ? r_nbtor_other                ? ? 
'X-RAY DIFFRACTION' ? ?      ?      ?    ? r_xyhbond_nbd_refined        ? ? 
'X-RAY DIFFRACTION' ? ?      ?      ?    ? r_xyhbond_nbd_other          ? ? 
'X-RAY DIFFRACTION' ? ?      ?      ?    ? r_metal_ion_refined          ? ? 
'X-RAY DIFFRACTION' ? ?      ?      ?    ? r_metal_ion_other            ? ? 
'X-RAY DIFFRACTION' ? ?      ?      ?    ? r_symmetry_vdw_refined       ? ? 
'X-RAY DIFFRACTION' ? ?      ?      ?    ? r_symmetry_vdw_other         ? ? 
'X-RAY DIFFRACTION' ? ?      ?      ?    ? r_symmetry_hbond_refined     ? ? 
'X-RAY DIFFRACTION' ? ?      ?      ?    ? r_symmetry_hbond_other       ? ? 
'X-RAY DIFFRACTION' ? ?      ?      ?    ? r_symmetry_metal_ion_refined ? ? 
'X-RAY DIFFRACTION' ? ?      ?      ?    ? r_symmetry_metal_ion_other   ? ? 
'X-RAY DIFFRACTION' ? 1.358  1.127  646  ? r_mcbond_it                  ? ? 
'X-RAY DIFFRACTION' ? 1.358  1.125  645  ? r_mcbond_other               ? ? 
'X-RAY DIFFRACTION' ? 2.046  1.691  809  ? r_mcangle_it                 ? ? 
'X-RAY DIFFRACTION' ? 2.045  1.692  810  ? r_mcangle_other              ? ? 
'X-RAY DIFFRACTION' ? 1.862  1.343  741  ? r_scbond_it                  ? ? 
'X-RAY DIFFRACTION' ? 1.891  1.360  709  ? r_scbond_other               ? ? 
'X-RAY DIFFRACTION' ? ?      ?      ?    ? r_scangle_it                 ? ? 
'X-RAY DIFFRACTION' ? 2.781  1.959  1040 ? r_scangle_other              ? ? 
'X-RAY DIFFRACTION' ? 4.291  9.942  1631 ? r_long_range_B_refined       ? ? 
'X-RAY DIFFRACTION' ? 4.245  9.866  1561 ? r_long_range_B_other         ? ? 
'X-RAY DIFFRACTION' ? ?      ?      ?    ? r_rigid_bond_restr           ? ? 
'X-RAY DIFFRACTION' ? ?      ?      ?    ? r_sphericity_free            ? ? 
'X-RAY DIFFRACTION' ? ?      ?      ?    ? r_sphericity_bonded          ? ? 
# 
_refine_ls_shell.pdbx_refine_id                   'X-RAY DIFFRACTION' 
_refine_ls_shell.d_res_high                       1.460 
_refine_ls_shell.d_res_low                        1.498 
_refine_ls_shell.number_reflns_all                ? 
_refine_ls_shell.number_reflns_obs                ? 
_refine_ls_shell.number_reflns_R_free             109 
_refine_ls_shell.number_reflns_R_work             1707 
_refine_ls_shell.percent_reflns_obs               99.84 
_refine_ls_shell.percent_reflns_R_free            ? 
_refine_ls_shell.R_factor_all                     ? 
_refine_ls_shell.R_factor_obs                     ? 
_refine_ls_shell.R_factor_R_free                  0.278 
_refine_ls_shell.R_factor_R_free_error            ? 
_refine_ls_shell.R_factor_R_work                  0.273 
_refine_ls_shell.redundancy_reflns_all            ? 
_refine_ls_shell.redundancy_reflns_obs            ? 
_refine_ls_shell.wR_factor_all                    ? 
_refine_ls_shell.wR_factor_obs                    ? 
_refine_ls_shell.wR_factor_R_free                 ? 
_refine_ls_shell.wR_factor_R_work                 ? 
_refine_ls_shell.pdbx_total_number_of_bins_used   20 
_refine_ls_shell.pdbx_phase_error                 ? 
_refine_ls_shell.pdbx_fsc_work                    ? 
_refine_ls_shell.pdbx_fsc_free                    ? 
# 
_struct.entry_id                     5ETM 
_struct.title                        
'E. coli 6-hydroxymethyl-7,8-dihydropterin pyrophosphokinase complexed with AMPCPP and inhibitor at 1.46 angstrom resolution' 
_struct.pdbx_model_details           ? 
_struct.pdbx_formula_weight          ? 
_struct.pdbx_formula_weight_method   ? 
_struct.pdbx_model_type_details      ? 
_struct.pdbx_CASP_flag               ? 
# 
_struct_keywords.entry_id        5ETM 
_struct_keywords.text            'inhibitor, complex, ampcpp, pyrophosphokinase, TRANSFERASE-TRANSFERASE inhibitor complex' 
_struct_keywords.pdbx_keywords   'TRANSFERASE/TRANSFERASE inhibitor' 
# 
loop_
_struct_asym.id 
_struct_asym.pdbx_blank_PDB_chainid_flag 
_struct_asym.pdbx_modified 
_struct_asym.entity_id 
_struct_asym.details 
A N N 1 ? 
B N N 2 ? 
C N N 3 ? 
D N N 4 ? 
E N N 4 ? 
F N N 5 ? 
G N N 5 ? 
H N N 6 ? 
I N N 6 ? 
J N N 7 ? 
# 
loop_
_struct_conf.conf_type_id 
_struct_conf.id 
_struct_conf.pdbx_PDB_helix_id 
_struct_conf.beg_label_comp_id 
_struct_conf.beg_label_asym_id 
_struct_conf.beg_label_seq_id 
_struct_conf.pdbx_beg_PDB_ins_code 
_struct_conf.end_label_comp_id 
_struct_conf.end_label_asym_id 
_struct_conf.end_label_seq_id 
_struct_conf.pdbx_end_PDB_ins_code 
_struct_conf.beg_auth_comp_id 
_struct_conf.beg_auth_asym_id 
_struct_conf.beg_auth_seq_id 
_struct_conf.end_auth_comp_id 
_struct_conf.end_auth_asym_id 
_struct_conf.end_auth_seq_id 
_struct_conf.pdbx_PDB_helix_class 
_struct_conf.details 
_struct_conf.pdbx_PDB_helix_length 
HELX_P HELX_P1 AA1 SER A 17  ? ASP A 31  ? SER A 13  ASP A 27  1 ? 15 
HELX_P HELX_P2 AA2 ALA A 69  ? GLN A 84  ? ALA A 65  GLN A 80  1 ? 16 
HELX_P HELX_P3 AA3 ASP A 121 ? ASN A 124 ? ASP A 117 ASN A 120 5 ? 4  
HELX_P HELX_P4 AA4 ARG A 125 ? ALA A 136 ? ARG A 121 ALA A 132 1 ? 12 
HELX_P HELX_P5 AA5 MET A 146 ? ARG A 154 ? MET A 142 ARG A 150 1 ? 9  
# 
_struct_conf_type.id          HELX_P 
_struct_conf_type.criteria    ? 
_struct_conf_type.reference   ? 
# 
loop_
_struct_conn.id 
_struct_conn.conn_type_id 
_struct_conn.pdbx_leaving_atom_flag 
_struct_conn.pdbx_PDB_id 
_struct_conn.ptnr1_label_asym_id 
_struct_conn.ptnr1_label_comp_id 
_struct_conn.ptnr1_label_seq_id 
_struct_conn.ptnr1_label_atom_id 
_struct_conn.pdbx_ptnr1_label_alt_id 
_struct_conn.pdbx_ptnr1_PDB_ins_code 
_struct_conn.pdbx_ptnr1_standard_comp_id 
_struct_conn.ptnr1_symmetry 
_struct_conn.ptnr2_label_asym_id 
_struct_conn.ptnr2_label_comp_id 
_struct_conn.ptnr2_label_seq_id 
_struct_conn.ptnr2_label_atom_id 
_struct_conn.pdbx_ptnr2_label_alt_id 
_struct_conn.pdbx_ptnr2_PDB_ins_code 
_struct_conn.ptnr1_auth_asym_id 
_struct_conn.ptnr1_auth_comp_id 
_struct_conn.ptnr1_auth_seq_id 
_struct_conn.ptnr2_auth_asym_id 
_struct_conn.ptnr2_auth_comp_id 
_struct_conn.ptnr2_auth_seq_id 
_struct_conn.ptnr2_symmetry 
_struct_conn.pdbx_ptnr3_label_atom_id 
_struct_conn.pdbx_ptnr3_label_seq_id 
_struct_conn.pdbx_ptnr3_label_comp_id 
_struct_conn.pdbx_ptnr3_label_asym_id 
_struct_conn.pdbx_ptnr3_label_alt_id 
_struct_conn.pdbx_ptnr3_PDB_ins_code 
_struct_conn.details 
_struct_conn.pdbx_dist_value 
_struct_conn.pdbx_value_order 
_struct_conn.pdbx_role 
metalc1  metalc ? ? A GLY 30  O   ? ? ? 1_555 G NA  . NA ? ? A GLY 26  A NA  206 1_555 ? ? ? ? ? ? ? 2.858 ? ? 
metalc2  metalc ? ? A ILE 32  O   ? ? ? 1_555 G NA  . NA ? ? A ILE 28  A NA  206 1_555 ? ? ? ? ? ? ? 2.304 ? ? 
metalc3  metalc ? ? A SER 35  O   ? ? ? 1_555 G NA  . NA ? ? A SER 31  A NA  206 1_555 ? ? ? ? ? ? ? 2.272 ? ? 
metalc4  metalc ? ? A LEU 38  O   ? ? ? 1_555 F NA  . NA ? ? A LEU 34  A NA  205 2_545 ? ? ? ? ? ? ? 2.335 ? ? 
metalc5  metalc ? ? A ASP 53  OD1 ? ? ? 1_555 F NA  . NA ? ? A ASP 49  A NA  205 1_555 ? ? ? ? ? ? ? 2.542 ? ? 
metalc6  metalc ? ? A ASP 53  OD2 ? ? ? 1_555 F NA  . NA ? ? A ASP 49  A NA  205 1_555 ? ? ? ? ? ? ? 2.558 ? ? 
metalc7  metalc ? ? A GLU 91  OE1 ? ? ? 1_555 F NA  . NA ? ? A GLU 87  A NA  205 1_555 ? ? ? ? ? ? ? 3.075 ? ? 
metalc8  metalc ? ? A GLU 91  OE2 ? ? ? 1_555 F NA  . NA ? ? A GLU 87  A NA  205 1_555 ? ? ? ? ? ? ? 2.777 ? ? 
metalc9  metalc ? ? A ASP 99  OD1 ? ? ? 1_555 D CA  . CA ? ? A ASP 95  A CA  203 1_555 ? ? ? ? ? ? ? 2.338 ? ? 
metalc10 metalc ? ? A ASP 99  OD2 ? ? ? 1_555 E CA  . CA ? ? A ASP 95  A CA  204 1_555 ? ? ? ? ? ? ? 2.329 ? ? 
metalc11 metalc ? ? A ASP 101 OD1 ? ? ? 1_555 D CA  . CA ? ? A ASP 97  A CA  203 1_555 ? ? ? ? ? ? ? 2.292 ? ? 
metalc12 metalc ? ? A ASP 101 OD2 ? ? ? 1_555 E CA  . CA ? ? A ASP 97  A CA  204 1_555 ? ? ? ? ? ? ? 2.342 ? ? 
metalc13 metalc ? ? A GLU 113 OE2 ? ? ? 1_555 G NA  . NA ? ? A GLU 109 A NA  206 2_454 ? ? ? ? ? ? ? 2.362 ? ? 
metalc14 metalc ? ? C APC .   O1B ? ? ? 1_555 D CA  . CA ? ? A APC 202 A CA  203 1_555 ? ? ? ? ? ? ? 2.350 ? ? 
metalc15 metalc ? ? C APC .   O1A ? ? ? 1_555 D CA  . CA ? ? A APC 202 A CA  203 1_555 ? ? ? ? ? ? ? 2.309 ? ? 
metalc16 metalc ? ? C APC .   O2G ? ? ? 1_555 E CA  . CA ? ? A APC 202 A CA  204 1_555 ? ? ? ? ? ? ? 2.347 ? ? 
metalc17 metalc ? ? C APC .   O1B ? ? ? 1_555 E CA  . CA ? ? A APC 202 A CA  204 1_555 ? ? ? ? ? ? ? 2.392 ? ? 
metalc18 metalc ? ? D CA  .   CA  ? ? ? 1_555 J HOH . O  ? ? A CA  203 A HOH 332 1_555 ? ? ? ? ? ? ? 2.339 ? ? 
metalc19 metalc ? ? D CA  .   CA  ? ? ? 1_555 J HOH . O  ? ? A CA  203 A HOH 363 1_555 ? ? ? ? ? ? ? 2.283 ? ? 
metalc20 metalc ? ? E CA  .   CA  ? ? ? 1_555 J HOH . O  ? ? A CA  204 A HOH 309 1_555 ? ? ? ? ? ? ? 2.380 ? ? 
metalc21 metalc ? ? E CA  .   CA  ? ? ? 1_555 J HOH . O  ? ? A CA  204 A HOH 370 1_555 ? ? ? ? ? ? ? 2.365 ? ? 
metalc22 metalc ? ? F NA  .   NA  ? ? ? 1_555 J HOH . O  ? ? A NA  205 A HOH 308 2_555 ? ? ? ? ? ? ? 2.172 ? ? 
metalc23 metalc ? ? F NA  .   NA  ? ? ? 1_555 J HOH . O  ? ? A NA  205 A HOH 348 1_555 ? ? ? ? ? ? ? 2.307 ? ? 
metalc24 metalc ? ? G NA  .   NA  ? ? ? 1_555 J HOH . O  ? ? A NA  206 A HOH 317 1_555 ? ? ? ? ? ? ? 2.779 ? ? 
metalc25 metalc ? ? G NA  .   NA  ? ? ? 1_555 J HOH . O  ? ? A NA  206 A HOH 353 2_444 ? ? ? ? ? ? ? 2.341 ? ? 
# 
_struct_conn_type.id          metalc 
_struct_conn_type.criteria    ? 
_struct_conn_type.reference   ? 
# 
_struct_mon_prot_cis.pdbx_id                1 
_struct_mon_prot_cis.label_comp_id          VAL 
_struct_mon_prot_cis.label_seq_id           117 
_struct_mon_prot_cis.label_asym_id          A 
_struct_mon_prot_cis.label_alt_id           . 
_struct_mon_prot_cis.pdbx_PDB_ins_code      ? 
_struct_mon_prot_cis.auth_comp_id           VAL 
_struct_mon_prot_cis.auth_seq_id            113 
_struct_mon_prot_cis.auth_asym_id           A 
_struct_mon_prot_cis.pdbx_label_comp_id_2   PRO 
_struct_mon_prot_cis.pdbx_label_seq_id_2    118 
_struct_mon_prot_cis.pdbx_label_asym_id_2   A 
_struct_mon_prot_cis.pdbx_PDB_ins_code_2    ? 
_struct_mon_prot_cis.pdbx_auth_comp_id_2    PRO 
_struct_mon_prot_cis.pdbx_auth_seq_id_2     114 
_struct_mon_prot_cis.pdbx_auth_asym_id_2    A 
_struct_mon_prot_cis.pdbx_PDB_model_num     1 
_struct_mon_prot_cis.pdbx_omega_angle       -11.90 
# 
loop_
_struct_sheet.id 
_struct_sheet.type 
_struct_sheet.number_strands 
_struct_sheet.details 
AA1 ? 4 ? 
AA2 ? 4 ? 
AA3 ? 2 ? 
# 
loop_
_struct_sheet_order.sheet_id 
_struct_sheet_order.range_id_1 
_struct_sheet_order.range_id_2 
_struct_sheet_order.offset 
_struct_sheet_order.sense 
AA1 1 2 ? anti-parallel 
AA1 2 3 ? anti-parallel 
AA1 3 4 ? anti-parallel 
AA2 1 2 ? anti-parallel 
AA2 2 3 ? anti-parallel 
AA2 3 4 ? anti-parallel 
AA3 1 2 ? anti-parallel 
# 
loop_
_struct_sheet_range.sheet_id 
_struct_sheet_range.id 
_struct_sheet_range.beg_label_comp_id 
_struct_sheet_range.beg_label_asym_id 
_struct_sheet_range.beg_label_seq_id 
_struct_sheet_range.pdbx_beg_PDB_ins_code 
_struct_sheet_range.end_label_comp_id 
_struct_sheet_range.end_label_asym_id 
_struct_sheet_range.end_label_seq_id 
_struct_sheet_range.pdbx_end_PDB_ins_code 
_struct_sheet_range.beg_auth_comp_id 
_struct_sheet_range.beg_auth_asym_id 
_struct_sheet_range.beg_auth_seq_id 
_struct_sheet_range.end_auth_comp_id 
_struct_sheet_range.end_auth_asym_id 
_struct_sheet_range.end_auth_seq_id 
AA1 1 SER A 35  ? VAL A 40  ? SER A 31  VAL A 36  
AA1 2 TYR A 57  ? THR A 66  ? TYR A 53  THR A 62  
AA1 3 THR A 5   ? SER A 13  ? THR A 1   SER A 9   
AA1 4 ASP A 99  ? PHE A 105 ? ASP A 95  PHE A 101 
AA2 1 SER A 35  ? VAL A 40  ? SER A 31  VAL A 36  
AA2 2 TYR A 57  ? THR A 66  ? TYR A 53  THR A 62  
AA2 3 TYR A 44  ? THR A 46  ? TYR A 40  THR A 42  
AA2 4 ASN A 160 ? LYS A 161 ? ASN A 156 LYS A 157 
AA3 1 ILE A 110 ? ASN A 111 ? ILE A 106 ASN A 107 
AA3 2 THR A 116 ? VAL A 117 ? THR A 112 VAL A 113 
# 
loop_
_pdbx_struct_sheet_hbond.sheet_id 
_pdbx_struct_sheet_hbond.range_id_1 
_pdbx_struct_sheet_hbond.range_id_2 
_pdbx_struct_sheet_hbond.range_1_label_atom_id 
_pdbx_struct_sheet_hbond.range_1_label_comp_id 
_pdbx_struct_sheet_hbond.range_1_label_asym_id 
_pdbx_struct_sheet_hbond.range_1_label_seq_id 
_pdbx_struct_sheet_hbond.range_1_PDB_ins_code 
_pdbx_struct_sheet_hbond.range_1_auth_atom_id 
_pdbx_struct_sheet_hbond.range_1_auth_comp_id 
_pdbx_struct_sheet_hbond.range_1_auth_asym_id 
_pdbx_struct_sheet_hbond.range_1_auth_seq_id 
_pdbx_struct_sheet_hbond.range_2_label_atom_id 
_pdbx_struct_sheet_hbond.range_2_label_comp_id 
_pdbx_struct_sheet_hbond.range_2_label_asym_id 
_pdbx_struct_sheet_hbond.range_2_label_seq_id 
_pdbx_struct_sheet_hbond.range_2_PDB_ins_code 
_pdbx_struct_sheet_hbond.range_2_auth_atom_id 
_pdbx_struct_sheet_hbond.range_2_auth_comp_id 
_pdbx_struct_sheet_hbond.range_2_auth_asym_id 
_pdbx_struct_sheet_hbond.range_2_auth_seq_id 
AA1 1 2 N HIS A 36  ? N HIS A 32  O GLU A 65  ? O GLU A 61  
AA1 2 3 O LEU A 64  ? O LEU A 60  N ALA A 7   ? N ALA A 3   
AA1 3 4 N ALA A 10  ? N ALA A 6   O ASP A 101 ? O ASP A 97  
AA2 1 2 N HIS A 36  ? N HIS A 32  O GLU A 65  ? O GLU A 61  
AA2 2 3 O ASN A 59  ? O ASN A 55  N TYR A 44  ? N TYR A 40  
AA2 3 4 N ARG A 45  ? N ARG A 41  O ASN A 160 ? O ASN A 156 
AA3 1 2 N ILE A 110 ? N ILE A 106 O VAL A 117 ? O VAL A 113 
# 
loop_
_struct_site.id 
_struct_site.pdbx_evidence_code 
_struct_site.pdbx_auth_asym_id 
_struct_site.pdbx_auth_comp_id 
_struct_site.pdbx_auth_seq_id 
_struct_site.pdbx_auth_ins_code 
_struct_site.pdbx_num_residues 
_struct_site.details 
AC1 Software A 5RW 201 ? 12 'binding site for residue 5RW A 201' 
AC2 Software A APC 202 ? 22 'binding site for residue APC A 202' 
AC3 Software A CA  203 ? 5  'binding site for residue CA A 203'  
AC4 Software A CA  204 ? 5  'binding site for residue CA A 204'  
AC5 Software A NA  205 ? 3  'binding site for residue NA A 205'  
AC6 Software A NA  206 ? 4  'binding site for residue NA A 206'  
AC7 Software A CL  207 ? 5  'binding site for residue CL A 207'  
AC8 Software A CL  208 ? 1  'binding site for residue CL A 208'  
# 
loop_
_struct_site_gen.id 
_struct_site_gen.site_id 
_struct_site_gen.pdbx_num_res 
_struct_site_gen.label_comp_id 
_struct_site_gen.label_asym_id 
_struct_site_gen.label_seq_id 
_struct_site_gen.pdbx_auth_ins_code 
_struct_site_gen.auth_comp_id 
_struct_site_gen.auth_asym_id 
_struct_site_gen.auth_seq_id 
_struct_site_gen.label_atom_id 
_struct_site_gen.label_alt_id 
_struct_site_gen.symmetry 
_struct_site_gen.details 
1  AC1 12 THR A 46  ? THR A 42  . ? 1_555 ? 
2  AC1 12 PRO A 47  ? PRO A 43  . ? 1_555 ? 
3  AC1 12 PRO A 48  ? PRO A 44  . ? 1_555 ? 
4  AC1 12 LEU A 49  ? LEU A 45  . ? 1_555 ? 
5  AC1 12 TYR A 57  ? TYR A 53  . ? 1_555 ? 
6  AC1 12 ASN A 59  ? ASN A 55  . ? 1_555 ? 
7  AC1 12 TRP A 93  ? TRP A 89  . ? 1_555 ? 
8  AC1 12 ARG A 125 ? ARG A 121 . ? 1_555 ? 
9  AC1 12 PHE A 127 ? PHE A 123 . ? 1_555 ? 
10 AC1 12 HOH J .   ? HOH A 309 . ? 1_555 ? 
11 AC1 12 HOH J .   ? HOH A 340 . ? 1_555 ? 
12 AC1 12 HOH J .   ? HOH A 370 . ? 1_555 ? 
13 AC2 22 GLN A 78  ? GLN A 74  . ? 1_555 ? 
14 AC2 22 ARG A 86  ? ARG A 82  . ? 1_555 ? 
15 AC2 22 ARG A 88  ? ARG A 84  . ? 1_555 ? 
16 AC2 22 TRP A 93  ? TRP A 89  . ? 1_555 ? 
17 AC2 22 ARG A 96  ? ARG A 92  . ? 1_555 ? 
18 AC2 22 ASP A 99  ? ASP A 95  . ? 1_555 ? 
19 AC2 22 ASP A 101 ? ASP A 97  . ? 1_555 ? 
20 AC2 22 ILE A 102 ? ILE A 98  . ? 1_555 ? 
21 AC2 22 ARG A 114 ? ARG A 110 . ? 1_555 ? 
22 AC2 22 LEU A 115 ? LEU A 111 . ? 1_555 ? 
23 AC2 22 THR A 116 ? THR A 112 . ? 1_555 ? 
24 AC2 22 HIS A 119 ? HIS A 115 . ? 1_555 ? 
25 AC2 22 TYR A 120 ? TYR A 116 . ? 1_555 ? 
26 AC2 22 ARG A 125 ? ARG A 121 . ? 1_555 ? 
27 AC2 22 GLN A 149 ? GLN A 145 . ? 1_455 ? 
28 AC2 22 HIS A 152 ? HIS A 148 . ? 1_455 ? 
29 AC2 22 CA  D .   ? CA  A 203 . ? 1_555 ? 
30 AC2 22 CA  E .   ? CA  A 204 . ? 1_555 ? 
31 AC2 22 HOH J .   ? HOH A 302 . ? 1_555 ? 
32 AC2 22 HOH J .   ? HOH A 309 . ? 1_555 ? 
33 AC2 22 HOH J .   ? HOH A 357 . ? 1_555 ? 
34 AC2 22 HOH J .   ? HOH A 363 . ? 1_555 ? 
35 AC3 5  ASP A 99  ? ASP A 95  . ? 1_555 ? 
36 AC3 5  ASP A 101 ? ASP A 97  . ? 1_555 ? 
37 AC3 5  APC C .   ? APC A 202 . ? 1_555 ? 
38 AC3 5  HOH J .   ? HOH A 332 . ? 1_555 ? 
39 AC3 5  HOH J .   ? HOH A 363 . ? 1_555 ? 
40 AC4 5  ASP A 99  ? ASP A 95  . ? 1_555 ? 
41 AC4 5  ASP A 101 ? ASP A 97  . ? 1_555 ? 
42 AC4 5  APC C .   ? APC A 202 . ? 1_555 ? 
43 AC4 5  HOH J .   ? HOH A 309 . ? 1_555 ? 
44 AC4 5  HOH J .   ? HOH A 370 . ? 1_555 ? 
45 AC5 3  ASP A 53  ? ASP A 49  . ? 1_555 ? 
46 AC5 3  GLU A 91  ? GLU A 87  . ? 1_555 ? 
47 AC5 3  HOH J .   ? HOH A 348 . ? 1_555 ? 
48 AC6 4  GLY A 30  ? GLY A 26  . ? 1_555 ? 
49 AC6 4  ILE A 32  ? ILE A 28  . ? 1_555 ? 
50 AC6 4  SER A 35  ? SER A 31  . ? 1_555 ? 
51 AC6 4  HOH J .   ? HOH A 317 . ? 1_555 ? 
52 AC7 5  GLY A 85  ? GLY A 81  . ? 1_555 ? 
53 AC7 5  ARG A 86  ? ARG A 82  . ? 1_555 ? 
54 AC7 5  VAL A 87  ? VAL A 83  . ? 1_555 ? 
55 AC7 5  ARG A 96  ? ARG A 92  . ? 1_555 ? 
56 AC7 5  THR A 97  ? THR A 93  . ? 1_555 ? 
57 AC8 1  LYS A 89  ? LYS A 85  . ? 1_555 ? 
# 
_atom_sites.entry_id                    5ETM 
_atom_sites.fract_transf_matrix[1][1]   0.02517701 
_atom_sites.fract_transf_matrix[1][2]   -0.00953853 
_atom_sites.fract_transf_matrix[1][3]   -0.01531808 
_atom_sites.fract_transf_matrix[2][1]   0.00943382 
_atom_sites.fract_transf_matrix[2][2]   0.00166652 
_atom_sites.fract_transf_matrix[2][3]   0.01446782 
_atom_sites.fract_transf_matrix[3][1]   0.00463882 
_atom_sites.fract_transf_matrix[3][2]   -0.02846740 
_atom_sites.fract_transf_matrix[3][3]   0.00025434 
_atom_sites.fract_transf_vector[1]      -0.062141 
_atom_sites.fract_transf_vector[2]      -0.251076 
_atom_sites.fract_transf_vector[3]      -0.151920 
# 
loop_
_atom_type.symbol 
C  
CA 
CL 
F  
N  
NA 
O  
P  
S  
# 
loop_
_atom_site.group_PDB 
_atom_site.id 
_atom_site.type_symbol 
_atom_site.label_atom_id 
_atom_site.label_alt_id 
_atom_site.label_comp_id 
_atom_site.label_asym_id 
_atom_site.label_entity_id 
_atom_site.label_seq_id 
_atom_site.pdbx_PDB_ins_code 
_atom_site.Cartn_x 
_atom_site.Cartn_y 
_atom_site.Cartn_z 
_atom_site.occupancy 
_atom_site.B_iso_or_equiv 
_atom_site.pdbx_formal_charge 
_atom_site.auth_seq_id 
_atom_site.auth_comp_id 
_atom_site.auth_asym_id 
_atom_site.auth_atom_id 
_atom_site.pdbx_PDB_model_num 
ATOM   1    N  N     . MET A 1 4   ? -8.189  17.715  -6.686  1.00 27.47 ? 0   MET A N     1 
ATOM   2    C  CA    . MET A 1 4   ? -7.729  16.307  -6.909  1.00 26.55 ? 0   MET A CA    1 
ATOM   3    C  C     . MET A 1 4   ? -6.251  16.119  -6.664  1.00 23.15 ? 0   MET A C     1 
ATOM   4    O  O     . MET A 1 4   ? -5.454  17.039  -6.824  1.00 22.75 ? 0   MET A O     1 
ATOM   5    C  CB    . MET A 1 4   ? -8.036  15.786  -8.314  1.00 34.14 ? 0   MET A CB    1 
ATOM   6    C  CG    . MET A 1 4   ? -9.501  15.413  -8.522  1.00 40.72 ? 0   MET A CG    1 
ATOM   7    S  SD    . MET A 1 4   ? -9.824  14.695  -10.147 1.00 57.42 ? 0   MET A SD    1 
ATOM   8    C  CE    . MET A 1 4   ? -9.384  16.049  -11.238 1.00 53.03 ? 0   MET A CE    1 
ATOM   9    N  N     . THR A 1 5   ? -5.910  14.899  -6.251  1.00 18.17 ? 1   THR A N     1 
ATOM   10   C  CA    . THR A 1 5   ? -4.530  14.539  -5.913  1.00 16.31 ? 1   THR A CA    1 
ATOM   11   C  C     . THR A 1 5   ? -4.378  13.089  -6.151  1.00 14.15 ? 1   THR A C     1 
ATOM   12   O  O     . THR A 1 5   ? -5.377  12.359  -6.203  1.00 15.93 ? 1   THR A O     1 
ATOM   13   C  CB    . THR A 1 5   ? -4.222  14.869  -4.458  1.00 19.21 ? 1   THR A CB    1 
ATOM   14   O  OG1   . THR A 1 5   ? -2.818  14.682  -4.229  1.00 24.03 ? 1   THR A OG1   1 
ATOM   15   C  CG2   . THR A 1 5   ? -5.056  14.071  -3.465  1.00 21.55 ? 1   THR A CG2   1 
ATOM   16   N  N     . VAL A 1 6   ? -3.145  12.648  -6.334  1.00 11.06 ? 2   VAL A N     1 
ATOM   17   C  CA    . VAL A 1 6   ? -2.860  11.217  -6.452  1.00 10.01 ? 2   VAL A CA    1 
ATOM   18   C  C     . VAL A 1 6   ? -2.349  10.645  -5.135  1.00 9.05  ? 2   VAL A C     1 
ATOM   19   O  O     . VAL A 1 6   ? -1.324  11.113  -4.595  1.00 9.98  ? 2   VAL A O     1 
ATOM   20   C  CB    . VAL A 1 6   ? -1.894  10.881  -7.594  1.00 10.96 ? 2   VAL A CB    1 
ATOM   21   C  CG1   . VAL A 1 6   ? -1.689  9.384   -7.757  1.00 13.06 ? 2   VAL A CG1   1 
ATOM   22   C  CG2   . VAL A 1 6   ? -2.372  11.549  -8.884  1.00 12.41 ? 2   VAL A CG2   1 
ATOM   23   N  N     . ALA A 1 7   ? -3.047  9.605   -4.664  1.00 7.96  ? 3   ALA A N     1 
ATOM   24   C  CA    . ALA A 1 7   ? -2.670  8.868   -3.501  1.00 8.10  ? 3   ALA A CA    1 
ATOM   25   C  C     . ALA A 1 7   ? -2.057  7.596   -4.040  1.00 8.35  ? 3   ALA A C     1 
ATOM   26   O  O     . ALA A 1 7   ? -2.474  7.067   -5.088  1.00 9.09  ? 3   ALA A O     1 
ATOM   27   C  CB    . ALA A 1 7   ? -3.848  8.596   -2.624  1.00 9.13  ? 3   ALA A CB    1 
ATOM   28   N  N     . TYR A 1 8   ? -1.064  7.141   -3.323  1.00 7.38  ? 4   TYR A N     1 
ATOM   29   C  CA    . TYR A 1 8   ? -0.483  5.866   -3.546  1.00 7.52  ? 4   TYR A CA    1 
ATOM   30   C  C     . TYR A 1 8   ? -0.744  4.927   -2.351  1.00 7.92  ? 4   TYR A C     1 
ATOM   31   O  O     . TYR A 1 8   ? -0.382  5.172   -1.251  1.00 7.81  ? 4   TYR A O     1 
ATOM   32   C  CB    . TYR A 1 8   ? 1.015   6.018   -3.826  1.00 8.00  ? 4   TYR A CB    1 
ATOM   33   C  CG    . TYR A 1 8   ? 1.307   6.767   -5.102  1.00 7.91  ? 4   TYR A CG    1 
ATOM   34   C  CD1   . TYR A 1 8   ? 1.339   6.114   -6.302  1.00 8.34  ? 4   TYR A CD1   1 
ATOM   35   C  CD2   . TYR A 1 8   ? 1.491   8.115   -5.102  1.00 7.99  ? 4   TYR A CD2   1 
ATOM   36   C  CE1   . TYR A 1 8   ? 1.607   6.785   -7.480  1.00 9.52  ? 4   TYR A CE1   1 
ATOM   37   C  CE2   . TYR A 1 8   ? 1.720   8.801   -6.276  1.00 9.66  ? 4   TYR A CE2   1 
ATOM   38   C  CZ    . TYR A 1 8   ? 1.794   8.099   -7.463  1.00 10.29 ? 4   TYR A CZ    1 
ATOM   39   O  OH    . TYR A 1 8   ? 2.052   8.741   -8.648  1.00 13.77 ? 4   TYR A OH    1 
ATOM   40   N  N     . ILE A 1 9   ? -1.442  3.857   -2.646  1.00 6.99  ? 5   ILE A N     1 
ATOM   41   C  CA    . ILE A 1 9   ? -1.797  2.856   -1.682  1.00 7.74  ? 5   ILE A CA    1 
ATOM   42   C  C     . ILE A 1 9   ? -1.001  1.542   -1.833  1.00 6.69  ? 5   ILE A C     1 
ATOM   43   O  O     . ILE A 1 9   ? -0.915  0.998   -2.901  1.00 7.26  ? 5   ILE A O     1 
ATOM   44   C  CB    . ILE A 1 9   ? -3.285  2.531   -1.778  1.00 8.52  ? 5   ILE A CB    1 
ATOM   45   C  CG1   . ILE A 1 9   ? -4.078  3.804   -1.448  1.00 8.57  ? 5   ILE A CG1   1 
ATOM   46   C  CG2   . ILE A 1 9   ? -3.590  1.333   -0.850  1.00 9.03  ? 5   ILE A CG2   1 
ATOM   47   C  CD1   . ILE A 1 9   ? -5.521  3.805   -1.888  1.00 9.63  ? 5   ILE A CD1   1 
ATOM   48   N  N     . ALA A 1 10  ? -0.429  1.059   -0.751  1.00 6.54  ? 6   ALA A N     1 
ATOM   49   C  CA    . ALA A 1 10  ? 0.204   -0.335  -0.694  1.00 6.45  ? 6   ALA A CA    1 
ATOM   50   C  C     . ALA A 1 10  ? -0.857  -1.338  -0.367  1.00 7.24  ? 6   ALA A C     1 
ATOM   51   O  O     . ALA A 1 10  ? -1.725  -1.065  0.534   1.00 7.44  ? 6   ALA A O     1 
ATOM   52   C  CB    . ALA A 1 10  ? 1.230   -0.385  0.456   1.00 7.02  ? 6   ALA A CB    1 
ATOM   53   N  N     . ILE A 1 11  ? -0.833  -2.457  -1.141  1.00 6.95  ? 7   ILE A N     1 
ATOM   54   C  CA    . ILE A 1 11  ? -1.671  -3.603  -0.874  1.00 7.21  ? 7   ILE A CA    1 
ATOM   55   C  C     . ILE A 1 11  ? -0.840  -4.762  -0.329  1.00 7.11  ? 7   ILE A C     1 
ATOM   56   O  O     . ILE A 1 11  ? 0.218   -5.080  -0.878  1.00 6.83  ? 7   ILE A O     1 
ATOM   57   C  CB    . ILE A 1 11  ? -2.547  -3.990  -2.058  1.00 7.91  ? 7   ILE A CB    1 
ATOM   58   C  CG1   . ILE A 1 11  ? -3.274  -2.784  -2.635  1.00 7.89  ? 7   ILE A CG1   1 
ATOM   59   C  CG2   . ILE A 1 11  ? -3.504  -5.152  -1.671  1.00 8.75  ? 7   ILE A CG2   1 
ATOM   60   C  CD1   . ILE A 1 11  ? -3.908  -3.105  -3.995  1.00 8.49  ? 7   ILE A CD1   1 
ATOM   61   N  N     . GLY A 1 12  ? -1.384  -5.455  0.687   1.00 6.91  ? 8   GLY A N     1 
ATOM   62   C  CA    . GLY A 1 12  ? -0.795  -6.726  1.197   1.00 7.21  ? 8   GLY A CA    1 
ATOM   63   C  C     . GLY A 1 12  ? -1.887  -7.700  1.567   1.00 6.82  ? 8   GLY A C     1 
ATOM   64   O  O     . GLY A 1 12  ? -2.953  -7.354  2.055   1.00 8.11  ? 8   GLY A O     1 
ATOM   65   N  N     . SER A 1 13  ? -1.604  -8.950  1.342   1.00 6.94  ? 9   SER A N     1 
ATOM   66   C  CA    . SER A 1 13  ? -2.377  -10.037 1.823   1.00 7.02  ? 9   SER A CA    1 
ATOM   67   C  C     . SER A 1 13  ? -1.555  -11.274 1.947   1.00 6.91  ? 9   SER A C     1 
ATOM   68   O  O     . SER A 1 13  ? -0.812  -11.617 1.051   1.00 7.01  ? 9   SER A O     1 
ATOM   69   C  CB    . SER A 1 13  ? -3.578  -10.230 0.895   1.00 6.61  ? 9   SER A CB    1 
ATOM   70   O  OG    . SER A 1 13  ? -4.302  -11.445 1.124   1.00 7.75  ? 9   SER A OG    1 
ATOM   71   N  N     . ASN A 1 14  ? -1.652  -11.966 3.086   1.00 8.12  ? 10  ASN A N     1 
ATOM   72   C  CA    . ASN A 1 14  ? -1.083  -13.284 3.196   1.00 8.73  ? 10  ASN A CA    1 
ATOM   73   C  C     . ASN A 1 14  ? -2.038  -14.383 3.762   1.00 9.78  ? 10  ASN A C     1 
ATOM   74   O  O     . ASN A 1 14  ? -1.552  -15.431 4.171   1.00 11.02 ? 10  ASN A O     1 
ATOM   75   C  CB    . ASN A 1 14  ? 0.222   -13.205 4.005   1.00 8.33  ? 10  ASN A CB    1 
ATOM   76   C  CG    . ASN A 1 14  ? 0.048   -12.967 5.473   1.00 8.01  ? 10  ASN A CG    1 
ATOM   77   O  OD1   . ASN A 1 14  ? -0.980  -12.419 5.971   1.00 9.56  ? 10  ASN A OD1   1 
ATOM   78   N  ND2   . ASN A 1 14  ? 1.122   -13.320 6.215   1.00 8.41  ? 10  ASN A ND2   1 
ATOM   79   N  N     . LEU A 1 15  ? -3.330  -14.153 3.792   1.00 8.53  ? 11  LEU A N     1 
ATOM   80   C  CA    . LEU A 1 15  ? -4.268  -15.160 4.225   1.00 10.05 ? 11  LEU A CA    1 
ATOM   81   C  C     . LEU A 1 15  ? -5.396  -15.313 3.270   1.00 9.98  ? 11  LEU A C     1 
ATOM   82   O  O     . LEU A 1 15  ? -5.706  -14.389 2.523   1.00 10.99 ? 11  LEU A O     1 
ATOM   83   C  CB    . LEU A 1 15  ? -4.946  -14.737 5.543   1.00 10.46 ? 11  LEU A CB    1 
ATOM   84   C  CG    . LEU A 1 15  ? -3.991  -14.665 6.720   1.00 11.63 ? 11  LEU A CG    1 
ATOM   85   C  CD1   . LEU A 1 15  ? -4.721  -14.159 7.897   1.00 11.79 ? 11  LEU A CD1   1 
ATOM   86   C  CD2   . LEU A 1 15  ? -3.327  -16.000 7.080   1.00 11.90 ? 11  LEU A CD2   1 
ATOM   87   N  N     . ALA A 1 16  ? -6.074  -16.452 3.345   1.00 10.90 ? 12  ALA A N     1 
ATOM   88   C  CA    . ALA A 1 16  ? -7.393  -16.626 2.709   1.00 11.59 ? 12  ALA A CA    1 
ATOM   89   C  C     . ALA A 1 16  ? -7.316  -16.398 1.173   1.00 11.38 ? 12  ALA A C     1 
ATOM   90   O  O     . ALA A 1 16  ? -8.163  -15.742 0.611   1.00 9.98  ? 12  ALA A O     1 
ATOM   91   C  CB    . ALA A 1 16  ? -8.389  -15.682 3.335   1.00 12.46 ? 12  ALA A CB    1 
ATOM   92   N  N     . SER A 1 17  ? -6.290  -16.986 0.519   1.00 12.42 ? 13  SER A N     1 
ATOM   93   C  CA    A SER A 1 17  ? -6.028  -16.828 -0.944  0.50 11.86 ? 13  SER A CA    1 
ATOM   94   C  CA    B SER A 1 17  ? -6.041  -16.826 -0.934  0.50 11.47 ? 13  SER A CA    1 
ATOM   95   C  C     . SER A 1 17  ? -5.716  -15.369 -1.309  1.00 9.89  ? 13  SER A C     1 
ATOM   96   O  O     . SER A 1 17  ? -6.591  -14.588 -1.823  1.00 10.31 ? 13  SER A O     1 
ATOM   97   C  CB    A SER A 1 17  ? -7.113  -17.412 -1.867  0.50 13.09 ? 13  SER A CB    1 
ATOM   98   C  CB    B SER A 1 17  ? -7.169  -17.396 -1.798  0.50 12.31 ? 13  SER A CB    1 
ATOM   99   O  OG    A SER A 1 17  ? -7.367  -18.788 -1.606  0.50 15.18 ? 13  SER A OG    1 
ATOM   100  O  OG    B SER A 1 17  ? -6.831  -17.367 -3.161  0.50 12.73 ? 13  SER A OG    1 
ATOM   101  N  N     . PRO A 1 18  ? -4.438  -14.987 -1.124  1.00 10.37 ? 14  PRO A N     1 
ATOM   102  C  CA    . PRO A 1 18  ? -4.029  -13.607 -1.389  1.00 8.93  ? 14  PRO A CA    1 
ATOM   103  C  C     . PRO A 1 18  ? -4.366  -13.098 -2.780  1.00 9.74  ? 14  PRO A C     1 
ATOM   104  O  O     . PRO A 1 18  ? -4.758  -11.924 -2.900  1.00 9.87  ? 14  PRO A O     1 
ATOM   105  C  CB    . PRO A 1 18  ? -2.507  -13.616 -1.111  1.00 9.76  ? 14  PRO A CB    1 
ATOM   106  C  CG    . PRO A 1 18  ? -2.381  -14.643 -0.055  1.00 9.83  ? 14  PRO A CG    1 
ATOM   107  C  CD    . PRO A 1 18  ? -3.386  -15.696 -0.407  1.00 10.46 ? 14  PRO A CD    1 
ATOM   108  N  N     . LEU A 1 19  ? -4.311  -13.933 -3.785  1.00 9.09  ? 15  LEU A N     1 
ATOM   109  C  CA    . LEU A 1 19  ? -4.585  -13.466 -5.185  1.00 10.18 ? 15  LEU A CA    1 
ATOM   110  C  C     . LEU A 1 19  ? -6.061  -13.059 -5.264  1.00 10.97 ? 15  LEU A C     1 
ATOM   111  O  O     . LEU A 1 19  ? -6.400  -12.039 -5.806  1.00 10.66 ? 15  LEU A O     1 
ATOM   112  C  CB    . LEU A 1 19  ? -4.243  -14.511 -6.245  1.00 11.26 ? 15  LEU A CB    1 
ATOM   113  C  CG    . LEU A 1 19  ? -4.536  -14.013 -7.651  1.00 11.64 ? 15  LEU A CG    1 
ATOM   114  C  CD1   . LEU A 1 19  ? -3.752  -12.740 -7.912  1.00 12.30 ? 15  LEU A CD1   1 
ATOM   115  C  CD2   . LEU A 1 19  ? -4.254  -15.180 -8.587  1.00 13.67 ? 15  LEU A CD2   1 
ATOM   116  N  N     . GLU A 1 20  ? -6.916  -13.822 -4.604  1.00 10.66 ? 16  GLU A N     1 
ATOM   117  C  CA    . GLU A 1 20  ? -8.365  -13.487 -4.612  1.00 10.78 ? 16  GLU A CA    1 
ATOM   118  C  C     . GLU A 1 20  ? -8.660  -12.267 -3.742  1.00 10.26 ? 16  GLU A C     1 
ATOM   119  O  O     . GLU A 1 20  ? -9.492  -11.388 -4.043  1.00 9.89  ? 16  GLU A O     1 
ATOM   120  C  CB    . GLU A 1 20  ? -9.180  -14.670 -4.087  1.00 13.58 ? 16  GLU A CB    1 
ATOM   121  C  CG    . GLU A 1 20  ? -9.296  -15.780 -5.112  1.00 17.18 ? 16  GLU A CG    1 
ATOM   122  C  CD    . GLU A 1 20  ? -9.999  -16.935 -4.512  0.99 21.79 ? 16  GLU A CD    1 
ATOM   123  O  OE1   . GLU A 1 20  ? -11.218 -16.790 -4.178  0.99 26.06 ? 16  GLU A OE1   1 
ATOM   124  O  OE2   . GLU A 1 20  ? -9.269  -17.952 -4.323  0.99 20.92 ? 16  GLU A OE2   1 
ATOM   125  N  N     . GLN A 1 21  ? -7.945  -12.145 -2.623  1.00 9.46  ? 17  GLN A N     1 
ATOM   126  C  CA    . GLN A 1 21  ? -8.154  -10.975 -1.792  1.00 9.35  ? 17  GLN A CA    1 
ATOM   127  C  C     . GLN A 1 21  ? -7.746  -9.674  -2.475  1.00 8.79  ? 17  GLN A C     1 
ATOM   128  O  O     . GLN A 1 21  ? -8.420  -8.658  -2.353  1.00 7.91  ? 17  GLN A O     1 
ATOM   129  C  CB    . GLN A 1 21  ? -7.320  -11.133 -0.506  1.00 9.72  ? 17  GLN A CB    1 
ATOM   130  C  CG    . GLN A 1 21  ? -7.779  -12.295 0.363   1.00 10.82 ? 17  GLN A CG    1 
ATOM   131  C  CD    . GLN A 1 21  ? -9.167  -12.120 0.976   1.00 11.88 ? 17  GLN A CD    1 
ATOM   132  O  OE1   . GLN A 1 21  ? -9.695  -11.043 1.148   1.00 14.21 ? 17  GLN A OE1   1 
ATOM   133  N  NE2   . GLN A 1 21  ? -9.743  -13.233 1.367   1.00 13.94 ? 17  GLN A NE2   1 
ATOM   134  N  N     . VAL A 1 22  ? -6.594  -9.691  -3.136  1.00 8.82  ? 18  VAL A N     1 
ATOM   135  C  CA    . VAL A 1 22  ? -6.090  -8.489  -3.857  1.00 8.27  ? 18  VAL A CA    1 
ATOM   136  C  C     . VAL A 1 22  ? -6.986  -8.166  -5.079  1.00 8.09  ? 18  VAL A C     1 
ATOM   137  O  O     . VAL A 1 22  ? -7.333  -7.008  -5.292  1.00 8.72  ? 18  VAL A O     1 
ATOM   138  C  CB    . VAL A 1 22  ? -4.615  -8.669  -4.157  1.00 9.02  ? 18  VAL A CB    1 
ATOM   139  C  CG1   . VAL A 1 22  ? -4.072  -7.630  -5.137  1.00 9.01  ? 18  VAL A CG1   1 
ATOM   140  C  CG2   . VAL A 1 22  ? -3.866  -8.592  -2.802  1.00 8.60  ? 18  VAL A CG2   1 
ATOM   141  N  N     . ASN A 1 23  ? -7.424  -9.158  -5.828  1.00 8.13  ? 19  ASN A N     1 
ATOM   142  C  CA    . ASN A 1 23  ? -8.285  -8.862  -6.971  1.00 9.05  ? 19  ASN A CA    1 
ATOM   143  C  C     . ASN A 1 23  ? -9.587  -8.282  -6.455  1.00 8.86  ? 19  ASN A C     1 
ATOM   144  O  O     . ASN A 1 23  ? -10.111 -7.388  -7.082  1.00 11.00 ? 19  ASN A O     1 
ATOM   145  C  CB    . ASN A 1 23  ? -8.546  -10.073 -7.822  1.00 9.25  ? 19  ASN A CB    1 
ATOM   146  C  CG    . ASN A 1 23  ? -7.383  -10.394 -8.794  1.00 11.57 ? 19  ASN A CG    1 
ATOM   147  O  OD1   . ASN A 1 23  ? -6.613  -9.507  -9.176  1.00 14.30 ? 19  ASN A OD1   1 
ATOM   148  N  ND2   . ASN A 1 23  ? -7.180  -11.676 -9.070  1.00 13.11 ? 19  ASN A ND2   1 
ATOM   149  N  N     . ALA A 1 24  ? -10.121 -8.798  -5.344  1.00 8.02  ? 20  ALA A N     1 
ATOM   150  C  CA    . ALA A 1 24  ? -11.351 -8.204  -4.787  1.00 8.09  ? 20  ALA A CA    1 
ATOM   151  C  C     . ALA A 1 24  ? -11.106 -6.775  -4.302  1.00 8.19  ? 20  ALA A C     1 
ATOM   152  O  O     . ALA A 1 24  ? -11.961 -5.864  -4.419  1.00 9.19  ? 20  ALA A O     1 
ATOM   153  C  CB    . ALA A 1 24  ? -11.956 -9.097  -3.702  1.00 7.61  ? 20  ALA A CB    1 
ATOM   154  N  N     . ALA A 1 25  ? -9.949  -6.560  -3.703  1.00 8.59  ? 21  ALA A N     1 
ATOM   155  C  CA    . ALA A 1 25  ? -9.660  -5.200  -3.224  1.00 9.05  ? 21  ALA A CA    1 
ATOM   156  C  C     . ALA A 1 25  ? -9.517  -4.185  -4.325  1.00 9.41  ? 21  ALA A C     1 
ATOM   157  O  O     . ALA A 1 25  ? -9.924  -3.058  -4.162  1.00 9.33  ? 21  ALA A O     1 
ATOM   158  C  CB    . ALA A 1 25  ? -8.478  -5.222  -2.273  1.00 9.29  ? 21  ALA A CB    1 
ATOM   159  N  N     . LEU A 1 26  ? -9.058  -4.632  -5.464  1.00 10.11 ? 22  LEU A N     1 
ATOM   160  C  CA    . LEU A 1 26  ? -8.944  -3.723  -6.584  1.00 10.16 ? 22  LEU A CA    1 
ATOM   161  C  C     . LEU A 1 26  ? -10.293 -3.333  -7.165  1.00 10.45 ? 22  LEU A C     1 
ATOM   162  O  O     . LEU A 1 26  ? -10.562 -2.177  -7.520  1.00 9.22  ? 22  LEU A O     1 
ATOM   163  C  CB    . LEU A 1 26  ? -8.015  -4.347  -7.623  1.00 11.00 ? 22  LEU A CB    1 
ATOM   164  C  CG    . LEU A 1 26  ? -6.549  -4.456  -7.250  1.00 12.74 ? 22  LEU A CG    1 
ATOM   165  C  CD1   . LEU A 1 26  ? -5.949  -5.368  -8.298  1.00 12.28 ? 22  LEU A CD1   1 
ATOM   166  C  CD2   . LEU A 1 26  ? -5.849  -3.128  -7.269  1.00 13.58 ? 22  LEU A CD2   1 
ATOM   167  N  N     . LYS A 1 27  ? -11.207 -4.259  -7.179  1.00 9.22  ? 23  LYS A N     1 
ATOM   168  C  CA    . LYS A 1 27  ? -12.592 -3.920  -7.532  1.00 9.49  ? 23  LYS A CA    1 
ATOM   169  C  C     . LYS A 1 27  ? -13.240 -2.952  -6.541  1.00 9.50  ? 23  LYS A C     1 
ATOM   170  O  O     . LYS A 1 27  ? -13.862 -2.016  -6.924  1.00 11.62 ? 23  LYS A O     1 
ATOM   171  C  CB    . LYS A 1 27  ? -13.354 -5.212  -7.701  1.00 9.04  ? 23  LYS A CB    1 
ATOM   172  C  CG    . LYS A 1 27  ? -12.850 -6.072  -8.866  1.00 10.66 ? 23  LYS A CG    1 
ATOM   173  C  CD    . LYS A 1 27  ? -13.733 -7.298  -9.050  1.00 10.46 ? 23  LYS A CD    1 
ATOM   174  C  CE    . LYS A 1 27  ? -13.195 -8.228  -10.101 1.00 10.30 ? 23  LYS A CE    1 
ATOM   175  N  NZ    . LYS A 1 27  ? -11.926 -8.926  -9.701  1.00 11.50 ? 23  LYS A NZ    1 
ATOM   176  N  N     . ALA A 1 28  ? -12.991 -3.174  -5.272  1.00 8.79  ? 24  ALA A N     1 
ATOM   177  C  CA    . ALA A 1 28  ? -13.497 -2.316  -4.202  1.00 8.93  ? 24  ALA A CA    1 
ATOM   178  C  C     . ALA A 1 28  ? -12.854 -0.935  -4.179  1.00 8.74  ? 24  ALA A C     1 
ATOM   179  O  O     . ALA A 1 28  ? -13.528 0.093   -3.966  1.00 8.45  ? 24  ALA A O     1 
ATOM   180  C  CB    . ALA A 1 28  ? -13.371 -3.006  -2.833  1.00 9.78  ? 24  ALA A CB    1 
ATOM   181  N  N     . LEU A 1 29  ? -11.551 -0.838  -4.445  1.00 8.57  ? 25  LEU A N     1 
ATOM   182  C  CA    . LEU A 1 29  ? -10.946 0.441   -4.616  1.00 8.37  ? 25  LEU A CA    1 
ATOM   183  C  C     . LEU A 1 29  ? -11.484 1.237   -5.762  1.00 8.89  ? 25  LEU A C     1 
ATOM   184  O  O     . LEU A 1 29  ? -11.579 2.477   -5.644  1.00 11.12 ? 25  LEU A O     1 
ATOM   185  C  CB    . LEU A 1 29  ? -9.402  0.364   -4.725  1.00 8.94  ? 25  LEU A CB    1 
ATOM   186  C  CG    . LEU A 1 29  ? -8.575  -0.191  -3.583  1.00 9.76  ? 25  LEU A CG    1 
ATOM   187  C  CD1   . LEU A 1 29  ? -7.243  -0.709  -4.108  1.00 10.38 ? 25  LEU A CD1   1 
ATOM   188  C  CD2   . LEU A 1 29  ? -8.383  0.845   -2.533  1.00 9.98  ? 25  LEU A CD2   1 
ATOM   189  N  N     . GLY A 1 30  ? -11.917 0.594   -6.829  1.00 9.37  ? 26  GLY A N     1 
ATOM   190  C  CA    . GLY A 1 30  ? -12.559 1.324   -7.901  1.00 9.45  ? 26  GLY A CA    1 
ATOM   191  C  C     . GLY A 1 30  ? -13.929 1.893   -7.514  1.00 10.90 ? 26  GLY A C     1 
ATOM   192  O  O     . GLY A 1 30  ? -14.365 2.864   -8.122  1.00 13.85 ? 26  GLY A O     1 
ATOM   193  N  N     . ASP A 1 31  ? -14.564 1.377   -6.489  1.00 10.29 ? 27  ASP A N     1 
ATOM   194  C  CA    . ASP A 1 31  ? -15.867 1.894   -6.015  1.00 12.18 ? 27  ASP A CA    1 
ATOM   195  C  C     . ASP A 1 31  ? -15.754 3.000   -4.964  1.00 12.82 ? 27  ASP A C     1 
ATOM   196  O  O     . ASP A 1 31  ? -16.780 3.441   -4.410  1.00 14.87 ? 27  ASP A O     1 
ATOM   197  C  CB    . ASP A 1 31  ? -16.714 0.746   -5.448  1.00 14.19 ? 27  ASP A CB    1 
ATOM   198  C  CG    . ASP A 1 31  ? -17.267 -0.149  -6.513  1.00 19.23 ? 27  ASP A CG    1 
ATOM   199  O  OD1   . ASP A 1 31  ? -17.159 0.126   -7.757  1.00 27.49 ? 27  ASP A OD1   1 
ATOM   200  O  OD2   . ASP A 1 31  ? -17.853 -1.169  -6.118  1.00 22.14 ? 27  ASP A OD2   1 
ATOM   201  N  N     . ILE A 1 32  ? -14.531 3.432   -4.633  1.00 11.91 ? 28  ILE A N     1 
ATOM   202  C  CA    . ILE A 1 32  ? -14.398 4.545   -3.698  1.00 12.26 ? 28  ILE A CA    1 
ATOM   203  C  C     . ILE A 1 32  ? -14.907 5.796   -4.373  1.00 12.14 ? 28  ILE A C     1 
ATOM   204  O  O     . ILE A 1 32  ? -14.505 6.084   -5.531  1.00 13.02 ? 28  ILE A O     1 
ATOM   205  C  CB    . ILE A 1 32  ? -12.943 4.703   -3.164  1.00 11.63 ? 28  ILE A CB    1 
ATOM   206  C  CG1   . ILE A 1 32  ? -12.587 3.500   -2.322  1.00 11.38 ? 28  ILE A CG1   1 
ATOM   207  C  CG2   . ILE A 1 32  ? -12.803 5.942   -2.314  1.00 12.42 ? 28  ILE A CG2   1 
ATOM   208  C  CD1   . ILE A 1 32  ? -11.144 3.519   -1.941  1.00 11.25 ? 28  ILE A CD1   1 
ATOM   209  N  N     . PRO A 1 33  ? -15.752 6.557   -3.674  1.00 12.10 ? 29  PRO A N     1 
ATOM   210  C  CA    . PRO A 1 33  ? -16.251 7.777   -4.283  1.00 12.43 ? 29  PRO A CA    1 
ATOM   211  C  C     . PRO A 1 33  ? -15.221 8.826   -4.527  1.00 11.94 ? 29  PRO A C     1 
ATOM   212  O  O     . PRO A 1 33  ? -14.177 8.861   -3.838  1.00 11.30 ? 29  PRO A O     1 
ATOM   213  C  CB    . PRO A 1 33  ? -17.292 8.256   -3.284  1.00 13.42 ? 29  PRO A CB    1 
ATOM   214  C  CG    . PRO A 1 33  ? -16.765 7.769   -1.991  1.00 13.75 ? 29  PRO A CG    1 
ATOM   215  C  CD    . PRO A 1 33  ? -16.285 6.406   -2.298  1.00 13.51 ? 29  PRO A CD    1 
ATOM   216  N  N     . GLU A 1 34  ? -15.513 9.688   -5.488  1.00 12.99 ? 30  GLU A N     1 
ATOM   217  C  CA    . GLU A 1 34  ? -14.681 10.858  -5.810  1.00 14.37 ? 30  GLU A CA    1 
ATOM   218  C  C     . GLU A 1 34  ? -13.237 10.432  -6.173  1.00 13.52 ? 30  GLU A C     1 
ATOM   219  O  O     . GLU A 1 34  ? -12.271 11.180  -5.974  1.00 14.29 ? 30  GLU A O     1 
ATOM   220  C  CB    . GLU A 1 34  ? -14.652 11.899  -4.664  1.00 15.83 ? 30  GLU A CB    1 
ATOM   221  C  CG    . GLU A 1 34  ? -16.019 12.450  -4.140  1.00 19.88 ? 30  GLU A CG    1 
ATOM   222  C  CD    . GLU A 1 34  ? -15.878 13.784  -3.371  1.00 22.26 ? 30  GLU A CD    1 
ATOM   223  O  OE1   . GLU A 1 34  ? -14.965 14.598  -3.655  1.00 23.62 ? 30  GLU A OE1   1 
ATOM   224  O  OE2   . GLU A 1 34  ? -16.714 14.005  -2.485  1.00 23.60 ? 30  GLU A OE2   1 
ATOM   225  N  N     . SER A 1 35  ? -13.103 9.222   -6.707  1.00 11.36 ? 31  SER A N     1 
ATOM   226  C  CA    . SER A 1 35  ? -11.770 8.600   -6.900  1.00 11.48 ? 31  SER A CA    1 
ATOM   227  C  C     . SER A 1 35  ? -11.738 7.706   -8.126  1.00 11.64 ? 31  SER A C     1 
ATOM   228  O  O     . SER A 1 35  ? -12.730 7.041   -8.434  1.00 12.53 ? 31  SER A O     1 
ATOM   229  C  CB    . SER A 1 35  ? -11.395 7.773   -5.683  1.00 11.72 ? 31  SER A CB    1 
ATOM   230  O  OG    . SER A 1 35  ? -11.527 8.488   -4.503  1.00 11.04 ? 31  SER A OG    1 
ATOM   231  N  N     . HIS A 1 36  ? -10.571 7.581   -8.739  1.00 11.50 ? 32  HIS A N     1 
ATOM   232  C  CA    . HIS A 1 36  ? -10.373 6.743   -9.942  1.00 11.73 ? 32  HIS A CA    1 
ATOM   233  C  C     . HIS A 1 36  ? -8.993  6.057   -9.752  1.00 10.41 ? 32  HIS A C     1 
ATOM   234  O  O     . HIS A 1 36  ? -7.992  6.741   -9.521  1.00 10.96 ? 32  HIS A O     1 
ATOM   235  C  CB    . HIS A 1 36  ? -10.331 7.567   -11.279 1.00 14.83 ? 32  HIS A CB    1 
ATOM   236  C  CG    . HIS A 1 36  ? -11.621 8.221   -11.628 1.00 19.42 ? 32  HIS A CG    1 
ATOM   237  N  ND1   . HIS A 1 36  ? -11.918 9.524   -11.288 1.00 22.20 ? 32  HIS A ND1   1 
ATOM   238  C  CD2   . HIS A 1 36  ? -12.715 7.736   -12.264 1.00 22.34 ? 32  HIS A CD2   1 
ATOM   239  C  CE1   . HIS A 1 36  ? -13.128 9.824   -11.739 1.00 22.95 ? 32  HIS A CE1   1 
ATOM   240  N  NE2   . HIS A 1 36  ? -13.632 8.753   -12.326 1.00 23.41 ? 32  HIS A NE2   1 
ATOM   241  N  N     . ILE A 1 37  ? -8.903  4.746   -9.964  1.00 8.63  ? 33  ILE A N     1 
ATOM   242  C  CA    . ILE A 1 37  ? -7.631  4.110   -10.114 1.00 7.26  ? 33  ILE A CA    1 
ATOM   243  C  C     . ILE A 1 37  ? -6.949  4.586   -11.366 1.00 7.04  ? 33  ILE A C     1 
ATOM   244  O  O     . ILE A 1 37  ? -7.528  4.488   -12.461 1.00 7.04  ? 33  ILE A O     1 
ATOM   245  C  CB    . ILE A 1 37  ? -7.803  2.580   -10.144 1.00 7.62  ? 33  ILE A CB    1 
ATOM   246  C  CG1   . ILE A 1 37  ? -8.414  2.074   -8.794  1.00 7.52  ? 33  ILE A CG1   1 
ATOM   247  C  CG2   . ILE A 1 37  ? -6.481  1.896   -10.323 1.00 6.92  ? 33  ILE A CG2   1 
ATOM   248  C  CD1   . ILE A 1 37  ? -8.836  0.668   -8.774  1.00 8.66  ? 33  ILE A CD1   1 
ATOM   249  N  N     . LEU A 1 38  ? -5.683  4.956   -11.275 1.00 7.61  ? 34  LEU A N     1 
ATOM   250  C  CA    . LEU A 1 38  ? -4.843  5.262   -12.459 1.00 8.16  ? 34  LEU A CA    1 
ATOM   251  C  C     . LEU A 1 38  ? -3.957  4.166   -12.925 1.00 8.38  ? 34  LEU A C     1 
ATOM   252  O  O     . LEU A 1 38  ? -3.756  3.970   -14.138 1.00 7.83  ? 34  LEU A O     1 
ATOM   253  C  CB    . LEU A 1 38  ? -3.952  6.490   -12.154 1.00 9.30  ? 34  LEU A CB    1 
ATOM   254  C  CG    . LEU A 1 38  ? -4.625  7.787   -11.736 1.00 9.60  ? 34  LEU A CG    1 
ATOM   255  C  CD1   . LEU A 1 38  ? -3.578  8.905   -11.506 1.00 9.85  ? 34  LEU A CD1   1 
ATOM   256  C  CD2   . LEU A 1 38  ? -5.733  8.222   -12.709 1.00 10.41 ? 34  LEU A CD2   1 
ATOM   257  N  N     . THR A 1 39  ? -3.392  3.439   -11.957 1.00 7.79  ? 35  THR A N     1 
ATOM   258  C  CA    . THR A 1 39  ? -2.356  2.452   -12.266 1.00 7.65  ? 35  THR A CA    1 
ATOM   259  C  C     . THR A 1 39  ? -2.310  1.393   -11.227 1.00 7.74  ? 35  THR A C     1 
ATOM   260  O  O     . THR A 1 39  ? -2.352  1.712   -10.025 1.00 8.30  ? 35  THR A O     1 
ATOM   261  C  CB    . THR A 1 39  ? -0.969  3.172   -12.264 1.00 9.07  ? 35  THR A CB    1 
ATOM   262  O  OG1   . THR A 1 39  ? -1.038  4.492   -12.822 1.00 12.44 ? 35  THR A OG1   1 
ATOM   263  C  CG2   . THR A 1 39  ? 0.046   2.384   -13.083 1.00 9.76  ? 35  THR A CG2   1 
ATOM   264  N  N     . VAL A 1 40  ? -2.085  0.161   -11.625 1.00 8.76  ? 36  VAL A N     1 
ATOM   265  C  CA    . VAL A 1 40  ? -1.906  -0.978  -10.714 1.00 8.53  ? 36  VAL A CA    1 
ATOM   266  C  C     . VAL A 1 40  ? -0.564  -1.610  -10.996 1.00 8.02  ? 36  VAL A C     1 
ATOM   267  O  O     . VAL A 1 40  ? -0.271  -1.843  -12.177 1.00 9.20  ? 36  VAL A O     1 
ATOM   268  C  CB    . VAL A 1 40  ? -3.033  -2.071  -10.945 1.00 9.11  ? 36  VAL A CB    1 
ATOM   269  C  CG1   . VAL A 1 40  ? -2.916  -3.113  -9.868  1.00 10.04 ? 36  VAL A CG1   1 
ATOM   270  C  CG2   . VAL A 1 40  ? -4.450  -1.507  -10.901 1.00 10.08 ? 36  VAL A CG2   1 
ATOM   271  N  N     . SER A 1 41  ? 0.214   -1.939  -9.940  1.00 7.05  ? 37  SER A N     1 
ATOM   272  C  CA    . SER A 1 41  ? 1.486   -2.583  -10.147 1.00 7.55  ? 37  SER A CA    1 
ATOM   273  C  C     . SER A 1 41  ? 1.276   -4.065  -10.491 1.00 7.04  ? 37  SER A C     1 
ATOM   274  O  O     . SER A 1 41  ? 0.174   -4.607  -10.402 1.00 7.74  ? 37  SER A O     1 
ATOM   275  C  CB    . SER A 1 41  ? 2.305   -2.426  -8.889  1.00 7.32  ? 37  SER A CB    1 
ATOM   276  O  OG    . SER A 1 41  ? 1.804   -3.272  -7.876  1.00 7.27  ? 37  SER A OG    1 
ATOM   277  N  N     . SER A 1 42  ? 2.378   -4.741  -10.827 1.00 7.72  ? 38  SER A N     1 
ATOM   278  C  CA    . SER A 1 42  ? 2.438   -6.196  -10.783 1.00 7.72  ? 38  SER A CA    1 
ATOM   279  C  C     . SER A 1 42  ? 2.168   -6.708  -9.357  1.00 7.31  ? 38  SER A C     1 
ATOM   280  O  O     . SER A 1 42  ? 2.317   -5.937  -8.347  1.00 7.32  ? 38  SER A O     1 
ATOM   281  C  CB    . SER A 1 42  ? 3.804   -6.728  -11.277 1.00 8.07  ? 38  SER A CB    1 
ATOM   282  O  OG    . SER A 1 42  ? 3.990   -6.322  -12.662 1.00 10.16 ? 38  SER A OG    1 
ATOM   283  N  N     . PHE A 1 43  ? 1.788   -7.958  -9.252  1.00 7.81  ? 39  PHE A N     1 
ATOM   284  C  CA    . PHE A 1 43  ? 1.702   -8.570  -7.916  1.00 8.74  ? 39  PHE A CA    1 
ATOM   285  C  C     . PHE A 1 43  ? 2.996   -9.278  -7.580  1.00 9.60  ? 39  PHE A C     1 
ATOM   286  O  O     . PHE A 1 43  ? 3.604   -9.973  -8.422  1.00 10.62 ? 39  PHE A O     1 
ATOM   287  C  CB    . PHE A 1 43  ? 0.601   -9.576  -7.919  1.00 8.93  ? 39  PHE A CB    1 
ATOM   288  C  CG    . PHE A 1 43  ? -0.800  -8.981  -8.143  1.00 9.11  ? 39  PHE A CG    1 
ATOM   289  C  CD1   . PHE A 1 43  ? -1.046  -7.648  -8.058  1.00 10.41 ? 39  PHE A CD1   1 
ATOM   290  C  CD2   . PHE A 1 43  ? -1.832  -9.798  -8.540  1.00 10.07 ? 39  PHE A CD2   1 
ATOM   291  C  CE1   . PHE A 1 43  ? -2.325  -7.114  -8.244  1.00 10.01 ? 39  PHE A CE1   1 
ATOM   292  C  CE2   . PHE A 1 43  ? -3.088  -9.309  -8.713  1.00 11.05 ? 39  PHE A CE2   1 
ATOM   293  C  CZ    . PHE A 1 43  ? -3.341  -7.977  -8.587  1.00 10.09 ? 39  PHE A CZ    1 
ATOM   294  N  N     . TYR A 1 44  ? 3.413   -9.108  -6.315  1.00 10.47 ? 40  TYR A N     1 
ATOM   295  C  CA    . TYR A 1 44  ? 4.720   -9.644  -5.856  1.00 10.26 ? 40  TYR A CA    1 
ATOM   296  C  C     . TYR A 1 44  ? 4.597   -10.561 -4.676  1.00 9.59  ? 40  TYR A C     1 
ATOM   297  O  O     . TYR A 1 44  ? 3.771   -10.289 -3.812  1.00 9.51  ? 40  TYR A O     1 
ATOM   298  C  CB    . TYR A 1 44  ? 5.762   -8.545  -5.490  1.00 10.60 ? 40  TYR A CB    1 
ATOM   299  C  CG    . TYR A 1 44  ? 6.112   -7.613  -6.631  1.00 10.68 ? 40  TYR A CG    1 
ATOM   300  C  CD1   . TYR A 1 44  ? 5.270   -6.554  -7.005  1.00 10.44 ? 40  TYR A CD1   1 
ATOM   301  C  CD2   . TYR A 1 44  ? 7.308   -7.809  -7.344  1.00 13.82 ? 40  TYR A CD2   1 
ATOM   302  C  CE1   . TYR A 1 44  ? 5.609   -5.735  -8.044  1.00 10.75 ? 40  TYR A CE1   1 
ATOM   303  C  CE2   . TYR A 1 44  ? 7.641   -6.993  -8.407  1.00 14.14 ? 40  TYR A CE2   1 
ATOM   304  C  CZ    . TYR A 1 44  ? 6.792   -5.985  -8.726  1.00 12.59 ? 40  TYR A CZ    1 
ATOM   305  O  OH    . TYR A 1 44  ? 7.146   -5.186  -9.779  1.00 15.51 ? 40  TYR A OH    1 
ATOM   306  N  N     . ARG A 1 45  ? 5.354   -11.686 -4.702  1.00 10.45 ? 41  ARG A N     1 
ATOM   307  C  CA    . ARG A 1 45  ? 5.325   -12.627 -3.610  1.00 11.42 ? 41  ARG A CA    1 
ATOM   308  C  C     . ARG A 1 45  ? 6.559   -12.390 -2.747  1.00 11.55 ? 41  ARG A C     1 
ATOM   309  O  O     . ARG A 1 45  ? 7.678   -12.485 -3.177  1.00 13.26 ? 41  ARG A O     1 
ATOM   310  C  CB    . ARG A 1 45  ? 5.205   -14.053 -4.187  1.00 11.91 ? 41  ARG A CB    1 
ATOM   311  C  CG    . ARG A 1 45  ? 5.148   -15.236 -3.206  1.00 14.50 ? 41  ARG A CG    1 
ATOM   312  C  CD    . ARG A 1 45  ? 5.378   -16.590 -3.956  1.00 16.09 ? 41  ARG A CD    1 
ATOM   313  N  NE    . ARG A 1 45  ? 4.588   -16.766 -5.195  1.00 17.97 ? 41  ARG A NE    1 
ATOM   314  C  CZ    . ARG A 1 45  ? 3.277   -17.129 -5.235  1.00 21.02 ? 41  ARG A CZ    1 
ATOM   315  N  NH1   . ARG A 1 45  ? 2.576   -17.397 -4.144  1.00 24.38 ? 41  ARG A NH1   1 
ATOM   316  N  NH2   . ARG A 1 45  ? 2.663   -17.247 -6.420  1.00 23.41 ? 41  ARG A NH2   1 
ATOM   317  N  N     . THR A 1 46  ? 6.345   -11.933 -1.521  1.00 10.15 ? 42  THR A N     1 
ATOM   318  C  CA    . THR A 1 46  ? 7.403   -11.436 -0.724  1.00 10.73 ? 42  THR A CA    1 
ATOM   319  C  C     . THR A 1 46  ? 7.502   -12.180 0.614   1.00 9.98  ? 42  THR A C     1 
ATOM   320  O  O     . THR A 1 46  ? 6.489   -12.485 1.203   1.00 10.70 ? 42  THR A O     1 
ATOM   321  C  CB    . THR A 1 46  ? 7.187   -9.918  -0.420  1.00 10.71 ? 42  THR A CB    1 
ATOM   322  O  OG1   . THR A 1 46  ? 5.971   -9.700  0.308   1.00 10.78 ? 42  THR A OG1   1 
ATOM   323  C  CG2   . THR A 1 46  ? 7.182   -9.055  -1.677  1.00 11.19 ? 42  THR A CG2   1 
ATOM   324  N  N     . PRO A 1 47  ? 8.717   -12.446 1.088   1.00 10.63 ? 43  PRO A N     1 
ATOM   325  C  CA    . PRO A 1 47  ? 8.894   -13.120 2.402   1.00 10.03 ? 43  PRO A CA    1 
ATOM   326  C  C     . PRO A 1 47  ? 8.489   -12.158 3.520   1.00 9.42  ? 43  PRO A C     1 
ATOM   327  O  O     . PRO A 1 47  ? 8.674   -10.984 3.401   1.00 9.55  ? 43  PRO A O     1 
ATOM   328  C  CB    . PRO A 1 47  ? 10.402  -13.407 2.499   1.00 11.18 ? 43  PRO A CB    1 
ATOM   329  C  CG    . PRO A 1 47  ? 10.998  -12.468 1.508   1.00 11.85 ? 43  PRO A CG    1 
ATOM   330  C  CD    . PRO A 1 47  ? 9.988   -12.043 0.485   1.00 10.58 ? 43  PRO A CD    1 
ATOM   331  N  N     . PRO A 1 48  ? 7.848   -12.659 4.570   1.00 10.25 ? 44  PRO A N     1 
ATOM   332  C  CA    . PRO A 1 48  ? 7.356   -11.739 5.638   1.00 9.83  ? 44  PRO A CA    1 
ATOM   333  C  C     . PRO A 1 48  ? 8.482   -11.062 6.418   1.00 9.97  ? 44  PRO A C     1 
ATOM   334  O  O     . PRO A 1 48  ? 9.448   -11.744 6.764   1.00 10.53 ? 44  PRO A O     1 
ATOM   335  C  CB    . PRO A 1 48  ? 6.568   -12.660 6.564   1.00 9.83  ? 44  PRO A CB    1 
ATOM   336  C  CG    . PRO A 1 48  ? 7.189   -14.026 6.314   1.00 9.91  ? 44  PRO A CG    1 
ATOM   337  C  CD    . PRO A 1 48  ? 7.648   -14.069 4.887   1.00 10.60 ? 44  PRO A CD    1 
ATOM   338  N  N     . LEU A 1 49  ? 8.374   -9.748  6.568   1.00 10.59 ? 45  LEU A N     1 
ATOM   339  C  CA    . LEU A 1 49  ? 9.220   -8.951  7.452   1.00 10.05 ? 45  LEU A CA    1 
ATOM   340  C  C     . LEU A 1 49  ? 8.479   -8.743  8.757   1.00 11.16 ? 45  LEU A C     1 
ATOM   341  O  O     . LEU A 1 49  ? 7.223   -8.848  8.816   1.00 10.97 ? 45  LEU A O     1 
ATOM   342  C  CB    . LEU A 1 49  ? 9.537   -7.646  6.763   1.00 13.33 ? 45  LEU A CB    1 
ATOM   343  C  CG    . LEU A 1 49  ? 10.224  -7.633  5.410   1.00 15.87 ? 45  LEU A CG    1 
ATOM   344  C  CD1   . LEU A 1 49  ? 10.775  -6.209  5.249   1.00 17.22 ? 45  LEU A CD1   1 
ATOM   345  C  CD2   . LEU A 1 49  ? 11.294  -8.719  5.427   1.00 17.07 ? 45  LEU A CD2   1 
ATOM   346  N  N     . GLY A 1 50  ? 9.225   -8.624  9.871   1.00 11.03 ? 46  GLY A N     1 
ATOM   347  C  CA    . GLY A 1 50  ? 8.611   -8.608  11.197  1.00 11.40 ? 46  GLY A CA    1 
ATOM   348  C  C     . GLY A 1 50  ? 8.520   -10.058 11.640  1.00 11.05 ? 46  GLY A C     1 
ATOM   349  O  O     . GLY A 1 50  ? 9.432   -10.848 11.308  1.00 10.76 ? 46  GLY A O     1 
ATOM   350  N  N     . PRO A 1 51  ? 7.409   -10.477 12.261  1.00 10.32 ? 47  PRO A N     1 
ATOM   351  C  CA    . PRO A 1 51  ? 7.229   -11.905 12.523  1.00 10.82 ? 47  PRO A CA    1 
ATOM   352  C  C     . PRO A 1 51  ? 7.341   -12.734 11.215  1.00 9.67  ? 47  PRO A C     1 
ATOM   353  O  O     . PRO A 1 51  ? 6.786   -12.298 10.189  1.00 9.64  ? 47  PRO A O     1 
ATOM   354  C  CB    . PRO A 1 51  ? 5.835   -12.009 13.118  1.00 12.22 ? 47  PRO A CB    1 
ATOM   355  C  CG    . PRO A 1 51  ? 5.496   -10.624 13.549  1.00 12.02 ? 47  PRO A CG    1 
ATOM   356  C  CD    . PRO A 1 51  ? 6.185   -9.705  12.591  1.00 11.72 ? 47  PRO A CD    1 
ATOM   357  N  N     . GLN A 1 52  ? 8.165   -13.798 11.199  1.00 8.59  ? 48  GLN A N     1 
ATOM   358  C  CA    . GLN A 1 52  ? 8.379   -14.616 10.029  1.00 9.84  ? 48  GLN A CA    1 
ATOM   359  C  C     . GLN A 1 52  ? 7.584   -15.900 10.067  1.00 9.43  ? 48  GLN A C     1 
ATOM   360  O  O     . GLN A 1 52  ? 7.545   -16.623 9.030   1.00 10.06 ? 48  GLN A O     1 
ATOM   361  C  CB    . GLN A 1 52  ? 9.879   -14.871 9.820   1.00 9.13  ? 48  GLN A CB    1 
ATOM   362  C  CG    . GLN A 1 52  ? 10.610  -13.555 9.633   1.00 8.00  ? 48  GLN A CG    1 
ATOM   363  C  CD    . GLN A 1 52  ? 12.102  -13.697 9.603   1.00 9.46  ? 48  GLN A CD    1 
ATOM   364  O  OE1   . GLN A 1 52  ? 12.669  -14.078 10.572  1.00 9.18  ? 48  GLN A OE1   1 
ATOM   365  N  NE2   . GLN A 1 52  ? 12.710  -13.586 8.400   1.00 9.64  ? 48  GLN A NE2   1 
ATOM   366  N  N     . ASP A 1 53  ? 6.896   -16.202 11.166  1.00 10.04 ? 49  ASP A N     1 
ATOM   367  C  CA    . ASP A 1 53  ? 6.122   -17.443 11.265  1.00 10.05 ? 49  ASP A CA    1 
ATOM   368  C  C     . ASP A 1 53  ? 4.711   -17.150 10.708  1.00 8.86  ? 49  ASP A C     1 
ATOM   369  O  O     . ASP A 1 53  ? 3.642   -17.277 11.404  1.00 9.95  ? 49  ASP A O     1 
ATOM   370  C  CB    . ASP A 1 53  ? 6.026   -17.953 12.709  1.00 10.34 ? 49  ASP A CB    1 
ATOM   371  C  CG    . ASP A 1 53  ? 5.438   -16.928 13.675  1.00 11.49 ? 49  ASP A CG    1 
ATOM   372  O  OD1   . ASP A 1 53  ? 5.519   -15.693 13.406  1.00 11.52 ? 49  ASP A OD1   1 
ATOM   373  O  OD2   . ASP A 1 53  ? 4.906   -17.371 14.758  1.00 13.59 ? 49  ASP A OD2   1 
ATOM   374  N  N     . GLN A 1 54  ? 4.676   -16.780 9.424   1.00 8.37  ? 50  GLN A N     1 
ATOM   375  C  CA    . GLN A 1 54  ? 3.393   -16.564 8.741   1.00 8.39  ? 50  GLN A CA    1 
ATOM   376  C  C     . GLN A 1 54  ? 3.665   -16.773 7.254   1.00 7.46  ? 50  GLN A C     1 
ATOM   377  O  O     . GLN A 1 54  ? 4.860   -16.717 6.842   1.00 8.66  ? 50  GLN A O     1 
ATOM   378  C  CB    . GLN A 1 54  ? 2.834   -15.118 8.998   1.00 8.82  ? 50  GLN A CB    1 
ATOM   379  C  CG    . GLN A 1 54  ? 3.750   -13.959 8.613   1.00 10.23 ? 50  GLN A CG    1 
ATOM   380  C  CD    . GLN A 1 54  ? 3.165   -12.605 8.966   1.00 10.06 ? 50  GLN A CD    1 
ATOM   381  O  OE1   . GLN A 1 54  ? 1.993   -12.312 8.794   1.00 11.06 ? 50  GLN A OE1   1 
ATOM   382  N  NE2   . GLN A 1 54  ? 4.041   -11.744 9.481   1.00 11.84 ? 50  GLN A NE2   1 
ATOM   383  N  N     . PRO A 1 55  ? 2.581   -16.938 6.443   1.00 8.16  ? 51  PRO A N     1 
ATOM   384  C  CA    . PRO A 1 55  ? 2.762   -17.121 4.998   1.00 8.29  ? 51  PRO A CA    1 
ATOM   385  C  C     . PRO A 1 55  ? 3.387   -15.956 4.314   1.00 8.99  ? 51  PRO A C     1 
ATOM   386  O  O     . PRO A 1 55  ? 3.310   -14.769 4.794   1.00 7.95  ? 51  PRO A O     1 
ATOM   387  C  CB    . PRO A 1 55  ? 1.360   -17.338 4.508   1.00 8.37  ? 51  PRO A CB    1 
ATOM   388  C  CG    . PRO A 1 55  ? 0.613   -17.827 5.733   1.00 8.51  ? 51  PRO A CG    1 
ATOM   389  C  CD    . PRO A 1 55  ? 1.158   -17.039 6.825   1.00 8.09  ? 51  PRO A CD    1 
ATOM   390  N  N     . ASP A 1 56  ? 3.950   -16.203 3.145   1.00 9.21  ? 52  ASP A N     1 
ATOM   391  C  CA    . ASP A 1 56  ? 4.413   -15.107 2.301   1.00 9.91  ? 52  ASP A CA    1 
ATOM   392  C  C     . ASP A 1 56  ? 3.283   -14.146 1.888   1.00 9.14  ? 52  ASP A C     1 
ATOM   393  O  O     . ASP A 1 56  ? 2.151   -14.562 1.725   1.00 8.07  ? 52  ASP A O     1 
ATOM   394  C  CB    . ASP A 1 56  ? 5.040   -15.643 1.012   1.00 10.71 ? 52  ASP A CB    1 
ATOM   395  C  CG    . ASP A 1 56  ? 6.348   -16.329 1.234   1.00 11.42 ? 52  ASP A CG    1 
ATOM   396  O  OD1   . ASP A 1 56  ? 6.978   -16.176 2.264   1.00 12.07 ? 52  ASP A OD1   1 
ATOM   397  O  OD2   . ASP A 1 56  ? 6.720   -17.053 0.317   1.00 16.32 ? 52  ASP A OD2   1 
ATOM   398  N  N     . TYR A 1 57  ? 3.641   -12.880 1.661   1.00 8.58  ? 53  TYR A N     1 
ATOM   399  C  CA    . TYR A 1 57  ? 2.667   -11.864 1.271   1.00 8.24  ? 53  TYR A CA    1 
ATOM   400  C  C     . TYR A 1 57  ? 2.561   -11.713 -0.237  1.00 7.87  ? 53  TYR A C     1 
ATOM   401  O  O     . TYR A 1 57  ? 3.506   -11.933 -0.947  1.00 9.30  ? 53  TYR A O     1 
ATOM   402  C  CB    . TYR A 1 57  ? 3.060   -10.505 1.862   1.00 8.29  ? 53  TYR A CB    1 
ATOM   403  C  CG    . TYR A 1 57  ? 2.649   -10.325 3.294   1.00 9.67  ? 53  TYR A CG    1 
ATOM   404  C  CD1   . TYR A 1 57  ? 3.393   -10.845 4.312   1.00 10.00 ? 53  TYR A CD1   1 
ATOM   405  C  CD2   . TYR A 1 57  ? 1.471   -9.712  3.606   1.00 10.67 ? 53  TYR A CD2   1 
ATOM   406  C  CE1   . TYR A 1 57  ? 2.993   -10.681 5.633   1.00 11.87 ? 53  TYR A CE1   1 
ATOM   407  C  CE2   . TYR A 1 57  ? 1.080   -9.562  4.908   1.00 12.01 ? 53  TYR A CE2   1 
ATOM   408  C  CZ    . TYR A 1 57  ? 1.845   -10.072 5.904   1.00 12.16 ? 53  TYR A CZ    1 
ATOM   409  O  OH    . TYR A 1 57  ? 1.411   -9.923  7.193   1.00 14.60 ? 53  TYR A OH    1 
ATOM   410  N  N     . LEU A 1 58  ? 1.381   -11.328 -0.694  1.00 6.60  ? 54  LEU A N     1 
ATOM   411  C  CA    . LEU A 1 58  ? 1.205   -10.752 -2.028  1.00 6.52  ? 54  LEU A CA    1 
ATOM   412  C  C     . LEU A 1 58  ? 1.212   -9.274  -1.720  1.00 6.17  ? 54  LEU A C     1 
ATOM   413  O  O     . LEU A 1 58  ? 0.354   -8.781  -0.905  1.00 6.76  ? 54  LEU A O     1 
ATOM   414  C  CB    . LEU A 1 58  ? -0.105  -11.155 -2.699  1.00 6.93  ? 54  LEU A CB    1 
ATOM   415  C  CG    . LEU A 1 58  ? -0.258  -10.803 -4.201  1.00 7.88  ? 54  LEU A CG    1 
ATOM   416  C  CD1   . LEU A 1 58  ? -1.496  -11.506 -4.759  1.00 8.25  ? 54  LEU A CD1   1 
ATOM   417  C  CD2   . LEU A 1 58  ? -0.322  -9.328  -4.568  1.00 8.98  ? 54  LEU A CD2   1 
ATOM   418  N  N     . ASN A 1 59  ? 2.195   -8.580  -2.305  1.00 6.14  ? 55  ASN A N     1 
ATOM   419  C  CA    . ASN A 1 59  ? 2.260   -7.144  -2.249  1.00 6.80  ? 55  ASN A CA    1 
ATOM   420  C  C     . ASN A 1 59  ? 2.106   -6.458  -3.619  1.00 6.94  ? 55  ASN A C     1 
ATOM   421  O  O     . ASN A 1 59  ? 2.617   -6.951  -4.618  1.00 7.55  ? 55  ASN A O     1 
ATOM   422  C  CB    . ASN A 1 59  ? 3.544   -6.611  -1.621  1.00 6.83  ? 55  ASN A CB    1 
ATOM   423  C  CG    . ASN A 1 59  ? 3.621   -6.817  -0.112  1.00 7.16  ? 55  ASN A CG    1 
ATOM   424  O  OD1   . ASN A 1 59  ? 4.471   -7.568  0.416   1.00 8.11  ? 55  ASN A OD1   1 
ATOM   425  N  ND2   . ASN A 1 59  ? 2.748   -6.162  0.614   1.00 7.37  ? 55  ASN A ND2   1 
ATOM   426  N  N     . ALA A 1 60  ? 1.415   -5.288  -3.587  1.00 6.61  ? 56  ALA A N     1 
ATOM   427  C  CA    . ALA A 1 60  ? 1.222   -4.492  -4.759  1.00 6.58  ? 56  ALA A CA    1 
ATOM   428  C  C     . ALA A 1 60  ? 1.098   -3.056  -4.357  1.00 7.01  ? 56  ALA A C     1 
ATOM   429  O  O     . ALA A 1 60  ? 1.057   -2.695  -3.121  1.00 6.84  ? 56  ALA A O     1 
ATOM   430  C  CB    . ALA A 1 60  ? -0.056  -4.932  -5.459  1.00 7.18  ? 56  ALA A CB    1 
ATOM   431  N  N     . ALA A 1 61  ? 0.995   -2.220  -5.372  1.00 6.49  ? 57  ALA A N     1 
ATOM   432  C  CA    . ALA A 1 61  ? 0.692   -0.819  -5.125  1.00 7.14  ? 57  ALA A CA    1 
ATOM   433  C  C     . ALA A 1 61  ? -0.282  -0.330  -6.202  1.00 7.17  ? 57  ALA A C     1 
ATOM   434  O  O     . ALA A 1 61  ? -0.293  -0.777  -7.348  1.00 7.69  ? 57  ALA A O     1 
ATOM   435  C  CB    . ALA A 1 61  ? 1.978   -0.046  -5.138  1.00 7.54  ? 57  ALA A CB    1 
ATOM   436  N  N     . VAL A 1 62  ? -1.029  0.687   -5.838  1.00 7.77  ? 58  VAL A N     1 
ATOM   437  C  CA    A VAL A 1 62  ? -2.034  1.328   -6.680  0.50 7.59  ? 58  VAL A CA    1 
ATOM   438  C  CA    B VAL A 1 62  ? -1.973  1.349   -6.719  0.50 7.74  ? 58  VAL A CA    1 
ATOM   439  C  C     . VAL A 1 62  ? -1.914  2.858   -6.591  1.00 7.81  ? 58  VAL A C     1 
ATOM   440  O  O     . VAL A 1 62  ? -1.704  3.440   -5.502  1.00 8.32  ? 58  VAL A O     1 
ATOM   441  C  CB    A VAL A 1 62  ? -3.480  0.848   -6.304  0.50 8.16  ? 58  VAL A CB    1 
ATOM   442  C  CB    B VAL A 1 62  ? -3.464  0.962   -6.512  0.50 8.57  ? 58  VAL A CB    1 
ATOM   443  C  CG1   A VAL A 1 62  ? -4.584  1.447   -7.193  0.50 7.58  ? 58  VAL A CG1   1 
ATOM   444  C  CG1   B VAL A 1 62  ? -3.762  -0.431  -6.934  0.50 8.70  ? 58  VAL A CG1   1 
ATOM   445  C  CG2   A VAL A 1 62  ? -3.555  -0.627  -6.421  0.50 8.60  ? 58  VAL A CG2   1 
ATOM   446  C  CG2   B VAL A 1 62  ? -3.908  1.172   -5.094  0.50 8.54  ? 58  VAL A CG2   1 
ATOM   447  N  N     . ALA A 1 63  ? -2.059  3.518   -7.746  1.00 7.16  ? 59  ALA A N     1 
ATOM   448  C  CA    . ALA A 1 63  ? -2.190  4.945   -7.837  1.00 7.45  ? 59  ALA A CA    1 
ATOM   449  C  C     . ALA A 1 63  ? -3.647  5.254   -7.920  1.00 7.41  ? 59  ALA A C     1 
ATOM   450  O  O     . ALA A 1 63  ? -4.337  4.770   -8.839  1.00 7.68  ? 59  ALA A O     1 
ATOM   451  C  CB    . ALA A 1 63  ? -1.488  5.444   -9.081  1.00 8.23  ? 59  ALA A CB    1 
ATOM   452  N  N     . LEU A 1 64  ? -4.130  6.115   -7.017  1.00 8.50  ? 60  LEU A N     1 
ATOM   453  C  CA    . LEU A 1 64  ? -5.556  6.397   -6.935  1.00 8.36  ? 60  LEU A CA    1 
ATOM   454  C  C     . LEU A 1 64  ? -5.732  7.919   -7.018  1.00 10.07 ? 60  LEU A C     1 
ATOM   455  O  O     . LEU A 1 64  ? -5.305  8.644   -6.107  1.00 9.04  ? 60  LEU A O     1 
ATOM   456  C  CB    . LEU A 1 64  ? -6.157  5.893   -5.602  1.00 8.51  ? 60  LEU A CB    1 
ATOM   457  C  CG    . LEU A 1 64  ? -7.681  6.041   -5.498  1.00 8.54  ? 60  LEU A CG    1 
ATOM   458  C  CD1   . LEU A 1 64  ? -8.350  4.959   -6.230  1.00 9.23  ? 60  LEU A CD1   1 
ATOM   459  C  CD2   . LEU A 1 64  ? -8.209  6.005   -4.066  1.00 9.92  ? 60  LEU A CD2   1 
ATOM   460  N  N     . GLU A 1 65  ? -6.366  8.419   -8.084  1.00 10.80 ? 61  GLU A N     1 
ATOM   461  C  CA    . GLU A 1 65  ? -6.635  9.864   -8.220  1.00 11.03 ? 61  GLU A CA    1 
ATOM   462  C  C     . GLU A 1 65  ? -7.879  10.154  -7.407  1.00 9.86  ? 61  GLU A C     1 
ATOM   463  O  O     . GLU A 1 65  ? -8.858  9.452   -7.528  1.00 10.72 ? 61  GLU A O     1 
ATOM   464  C  CB    . GLU A 1 65  ? -6.780  10.236  -9.654  1.00 11.44 ? 61  GLU A CB    1 
ATOM   465  C  CG    . GLU A 1 65  ? -6.987  11.746  -9.903  1.00 13.60 ? 61  GLU A CG    1 
ATOM   466  C  CD    . GLU A 1 65  ? -7.001  12.054  -11.411 1.00 16.91 ? 61  GLU A CD    1 
ATOM   467  O  OE1   . GLU A 1 65  ? -7.891  11.588  -12.093 1.00 19.33 ? 61  GLU A OE1   1 
ATOM   468  O  OE2   . GLU A 1 65  ? -6.134  12.770  -11.882 1.00 21.69 ? 61  GLU A OE2   1 
ATOM   469  N  N     . THR A 1 66  ? -7.829  11.130  -6.500  1.00 9.86  ? 62  THR A N     1 
ATOM   470  C  CA    . THR A 1 66  ? -8.971  11.336  -5.607  1.00 10.31 ? 62  THR A CA    1 
ATOM   471  C  C     . THR A 1 66  ? -9.211  12.830  -5.253  1.00 11.18 ? 62  THR A C     1 
ATOM   472  O  O     . THR A 1 66  ? -8.256  13.636  -5.205  1.00 11.91 ? 62  THR A O     1 
ATOM   473  C  CB    . THR A 1 66  ? -8.803  10.500  -4.325  1.00 11.01 ? 62  THR A CB    1 
ATOM   474  O  OG1   . THR A 1 66  ? -10.021 10.545  -3.532  1.00 10.97 ? 62  THR A OG1   1 
ATOM   475  C  CG2   . THR A 1 66  ? -7.601  10.947  -3.486  1.00 12.24 ? 62  THR A CG2   1 
ATOM   476  N  N     . SER A 1 67  ? -10.447 13.224  -5.018  1.00 12.35 ? 63  SER A N     1 
ATOM   477  C  CA    . SER A 1 67  ? -10.697 14.538  -4.434  1.00 13.23 ? 63  SER A CA    1 
ATOM   478  C  C     . SER A 1 67  ? -11.202 14.393  -3.015  1.00 12.63 ? 63  SER A C     1 
ATOM   479  O  O     . SER A 1 67  ? -11.600 15.374  -2.379  1.00 14.63 ? 63  SER A O     1 
ATOM   480  C  CB    . SER A 1 67  ? -11.621 15.356  -5.333  1.00 14.62 ? 63  SER A CB    1 
ATOM   481  O  OG    . SER A 1 67  ? -12.909 14.813  -5.378  1.00 16.67 ? 63  SER A OG    1 
ATOM   482  N  N     . LEU A 1 68  ? -11.117 13.186  -2.461  1.00 11.66 ? 64  LEU A N     1 
ATOM   483  C  CA    . LEU A 1 68  ? -11.395 12.977  -1.091  1.00 10.90 ? 64  LEU A CA    1 
ATOM   484  C  C     . LEU A 1 68  ? -10.383 13.623  -0.192  1.00 10.04 ? 64  LEU A C     1 
ATOM   485  O  O     . LEU A 1 68  ? -9.238  13.833  -0.526  1.00 9.61  ? 64  LEU A O     1 
ATOM   486  C  CB    . LEU A 1 68  ? -11.477 11.491  -0.772  1.00 11.25 ? 64  LEU A CB    1 
ATOM   487  C  CG    . LEU A 1 68  ? -12.525 10.581  -1.451  1.00 11.32 ? 64  LEU A CG    1 
ATOM   488  C  CD1   . LEU A 1 68  ? -12.399 9.173   -0.923  1.00 11.30 ? 64  LEU A CD1   1 
ATOM   489  C  CD2   . LEU A 1 68  ? -13.944 11.143  -1.192  1.00 11.97 ? 64  LEU A CD2   1 
ATOM   490  N  N     . ALA A 1 69  ? -10.829 13.885  1.013   1.00 10.61 ? 65  ALA A N     1 
ATOM   491  C  CA    . ALA A 1 69  ? -9.890  14.299  2.033   1.00 11.39 ? 65  ALA A CA    1 
ATOM   492  C  C     . ALA A 1 69  ? -9.040  13.053  2.426   1.00 12.55 ? 65  ALA A C     1 
ATOM   493  O  O     . ALA A 1 69  ? -9.536  11.945  2.306   1.00 12.94 ? 65  ALA A O     1 
ATOM   494  C  CB    . ALA A 1 69  ? -10.660 14.797  3.262   1.00 12.76 ? 65  ALA A CB    1 
ATOM   495  N  N     . PRO A 1 70  ? -7.797  13.230  2.931   1.00 10.85 ? 66  PRO A N     1 
ATOM   496  C  CA    . PRO A 1 70  ? -6.970  12.067  3.352   1.00 11.52 ? 66  PRO A CA    1 
ATOM   497  C  C     . PRO A 1 70  ? -7.614  11.163  4.331   1.00 10.08 ? 66  PRO A C     1 
ATOM   498  O  O     . PRO A 1 70  ? -7.590  9.946   4.184   1.00 9.22  ? 66  PRO A O     1 
ATOM   499  C  CB    . PRO A 1 70  ? -5.741  12.680  3.929   1.00 11.70 ? 66  PRO A CB    1 
ATOM   500  C  CG    . PRO A 1 70  ? -5.752  14.127  3.586   1.00 12.55 ? 66  PRO A CG    1 
ATOM   501  C  CD    . PRO A 1 70  ? -7.063  14.502  3.059   1.00 11.64 ? 66  PRO A CD    1 
ATOM   502  N  N     . GLU A 1 71  ? -8.279  11.720  5.324   1.00 10.41 ? 67  GLU A N     1 
ATOM   503  C  CA    . GLU A 1 71  ? -8.958  10.852  6.270   1.00 11.61 ? 67  GLU A CA    1 
ATOM   504  C  C     . GLU A 1 71  ? -10.201 10.186  5.717   1.00 10.67 ? 67  GLU A C     1 
ATOM   505  O  O     . GLU A 1 71  ? -10.605 9.177   6.203   1.00 10.44 ? 67  GLU A O     1 
ATOM   506  C  CB    . GLU A 1 71  ? -9.279  11.638  7.544   1.00 14.27 ? 67  GLU A CB    1 
ATOM   507  C  CG    . GLU A 1 71  ? -8.040  12.322  8.093   1.00 18.09 ? 67  GLU A CG    1 
ATOM   508  C  CD    . GLU A 1 71  ? -7.828  13.776  7.625   1.00 21.77 ? 67  GLU A CD    1 
ATOM   509  O  OE1   . GLU A 1 71  ? -8.392  14.286  6.595   1.00 21.03 ? 67  GLU A OE1   1 
ATOM   510  O  OE2   . GLU A 1 71  ? -7.059  14.422  8.339   1.00 27.57 ? 67  GLU A OE2   1 
ATOM   511  N  N     . GLU A 1 72  ? -10.836 10.803  4.730   1.00 10.22 ? 68  GLU A N     1 
ATOM   512  C  CA    A GLU A 1 72  ? -11.975 10.193  4.067   0.70 10.61 ? 68  GLU A CA    1 
ATOM   513  C  CA    B GLU A 1 72  ? -11.983 10.212  4.061   0.30 10.27 ? 68  GLU A CA    1 
ATOM   514  C  C     . GLU A 1 72  ? -11.530 9.018   3.242   1.00 10.21 ? 68  GLU A C     1 
ATOM   515  O  O     . GLU A 1 72  ? -12.196 7.988   3.204   1.00 9.04  ? 68  GLU A O     1 
ATOM   516  C  CB    A GLU A 1 72  ? -12.687 11.151  3.141   0.70 12.57 ? 68  GLU A CB    1 
ATOM   517  C  CB    B GLU A 1 72  ? -12.699 11.242  3.184   0.30 10.87 ? 68  GLU A CB    1 
ATOM   518  C  CG    A GLU A 1 72  ? -13.515 12.147  3.862   0.70 14.81 ? 68  GLU A CG    1 
ATOM   519  C  CG    B GLU A 1 72  ? -13.402 12.276  4.024   0.30 11.45 ? 68  GLU A CG    1 
ATOM   520  C  CD    A GLU A 1 72  ? -14.255 12.981  2.857   0.70 16.38 ? 68  GLU A CD    1 
ATOM   521  C  CD    B GLU A 1 72  ? -14.439 11.638  4.894   0.30 11.86 ? 68  GLU A CD    1 
ATOM   522  O  OE1   A GLU A 1 72  ? -15.514 13.022  3.006   0.70 18.66 ? 68  GLU A OE1   1 
ATOM   523  O  OE1   B GLU A 1 72  ? -15.106 10.685  4.416   0.30 11.60 ? 68  GLU A OE1   1 
ATOM   524  O  OE2   A GLU A 1 72  ? -13.605 13.570  1.973   0.70 14.43 ? 68  GLU A OE2   1 
ATOM   525  O  OE2   B GLU A 1 72  ? -14.547 12.074  6.067   0.30 11.64 ? 68  GLU A OE2   1 
ATOM   526  N  N     . LEU A 1 73  ? -10.350 9.151   2.596   1.00 10.25 ? 69  LEU A N     1 
ATOM   527  C  CA    . LEU A 1 73  ? -9.820  8.016   1.873   1.00 8.86  ? 69  LEU A CA    1 
ATOM   528  C  C     . LEU A 1 73  ? -9.503  6.844   2.866   1.00 8.87  ? 69  LEU A C     1 
ATOM   529  O  O     . LEU A 1 73  ? -9.762  5.672   2.550   1.00 8.73  ? 69  LEU A O     1 
ATOM   530  C  CB    . LEU A 1 73  ? -8.537  8.339   1.066   1.00 9.85  ? 69  LEU A CB    1 
ATOM   531  C  CG    . LEU A 1 73  ? -7.784  7.182   0.425   1.00 9.92  ? 69  LEU A CG    1 
ATOM   532  C  CD1   . LEU A 1 73  ? -8.737  6.546   -0.537  1.00 10.63 ? 69  LEU A CD1   1 
ATOM   533  C  CD2   . LEU A 1 73  ? -6.521  7.717   -0.208  1.00 10.69 ? 69  LEU A CD2   1 
ATOM   534  N  N     . LEU A 1 74  ? -8.945  7.191   4.023   1.00 8.17  ? 70  LEU A N     1 
ATOM   535  C  CA    . LEU A 1 74  ? -8.667  6.244   5.078   1.00 8.43  ? 70  LEU A CA    1 
ATOM   536  C  C     . LEU A 1 74  ? -9.957  5.569   5.565   1.00 8.11  ? 70  LEU A C     1 
ATOM   537  O  O     . LEU A 1 74  ? -9.987  4.331   5.801   1.00 7.80  ? 70  LEU A O     1 
ATOM   538  C  CB    . LEU A 1 74  ? -7.931  6.877   6.241   1.00 8.85  ? 70  LEU A CB    1 
ATOM   539  C  CG    . LEU A 1 74  ? -7.590  5.918   7.378   1.00 9.50  ? 70  LEU A CG    1 
ATOM   540  C  CD1   . LEU A 1 74  ? -6.530  4.925   6.975   1.00 9.76  ? 70  LEU A CD1   1 
ATOM   541  C  CD2   . LEU A 1 74  ? -7.138  6.669   8.637   1.00 10.14 ? 70  LEU A CD2   1 
ATOM   542  N  N     . ASN A 1 75  ? -11.061 6.309   5.667   1.00 8.44  ? 71  ASN A N     1 
ATOM   543  C  CA    . ASN A 1 75  ? -12.308 5.621   6.033   1.00 8.15  ? 71  ASN A CA    1 
ATOM   544  C  C     . ASN A 1 75  ? -12.613 4.516   5.069   1.00 8.21  ? 71  ASN A C     1 
ATOM   545  O  O     . ASN A 1 75  ? -13.101 3.452   5.457   1.00 9.00  ? 71  ASN A O     1 
ATOM   546  C  CB    . ASN A 1 75  ? -13.491 6.608   6.039   1.00 9.00  ? 71  ASN A CB    1 
ATOM   547  C  CG    . ASN A 1 75  ? -13.363 7.683   7.048   1.00 10.16 ? 71  ASN A CG    1 
ATOM   548  O  OD1   . ASN A 1 75  ? -12.618 7.566   7.998   1.00 10.83 ? 71  ASN A OD1   1 
ATOM   549  N  ND2   . ASN A 1 75  ? -14.106 8.777   6.847   1.00 11.53 ? 71  ASN A ND2   1 
ATOM   550  N  N     . HIS A 1 76  ? -12.376 4.758   3.777   1.00 7.51  ? 72  HIS A N     1 
ATOM   551  C  CA    . HIS A 1 76  ? -12.763 3.802   2.781   1.00 7.87  ? 72  HIS A CA    1 
ATOM   552  C  C     . HIS A 1 76  ? -11.843 2.648   2.704   1.00 7.83  ? 72  HIS A C     1 
ATOM   553  O  O     . HIS A 1 76  ? -12.303 1.530   2.588   1.00 7.94  ? 72  HIS A O     1 
ATOM   554  C  CB    . HIS A 1 76  ? -12.911 4.434   1.350   1.00 8.49  ? 72  HIS A CB    1 
ATOM   555  C  CG    . HIS A 1 76  ? -14.171 5.258   1.177   1.00 9.93  ? 72  HIS A CG    1 
ATOM   556  N  ND1   . HIS A 1 76  ? -15.399 4.697   0.885   1.00 10.96 ? 72  HIS A ND1   1 
ATOM   557  C  CD2   . HIS A 1 76  ? -14.415 6.566   1.383   1.00 10.23 ? 72  HIS A CD2   1 
ATOM   558  C  CE1   . HIS A 1 76  ? -16.333 5.616   0.918   1.00 12.23 ? 72  HIS A CE1   1 
ATOM   559  N  NE2   . HIS A 1 76  ? -15.769 6.775   1.187   1.00 11.87 ? 72  HIS A NE2   1 
ATOM   560  N  N     . THR A 1 77  ? -10.528 2.864   2.822   1.00 6.95  ? 73  THR A N     1 
ATOM   561  C  CA    . THR A 1 77  ? -9.684  1.722   2.826   1.00 6.96  ? 73  THR A CA    1 
ATOM   562  C  C     . THR A 1 77  ? -9.929  0.866   4.091   1.00 6.67  ? 73  THR A C     1 
ATOM   563  O  O     . THR A 1 77  ? -9.811  -0.334  4.003   1.00 7.07  ? 73  THR A O     1 
ATOM   564  C  CB    . THR A 1 77  ? -8.230  2.140   2.720   1.00 6.89  ? 73  THR A CB    1 
ATOM   565  O  OG1   . THR A 1 77  ? -7.766  2.944   3.813   1.00 7.44  ? 73  THR A OG1   1 
ATOM   566  C  CG2   . THR A 1 77  ? -8.048  2.923   1.445   1.00 6.93  ? 73  THR A CG2   1 
ATOM   567  N  N     . GLN A 1 78  ? -10.178 1.470   5.245   1.00 7.63  ? 74  GLN A N     1 
ATOM   568  C  CA    . GLN A 1 78  ? -10.472 0.677   6.450   1.00 7.20  ? 74  GLN A CA    1 
ATOM   569  C  C     . GLN A 1 78  ? -11.721 -0.150  6.232   1.00 7.64  ? 74  GLN A C     1 
ATOM   570  O  O     . GLN A 1 78  ? -11.741 -1.309  6.596   1.00 7.79  ? 74  GLN A O     1 
ATOM   571  C  CB    . GLN A 1 78  ? -10.596 1.554   7.713   1.00 8.31  ? 74  GLN A CB    1 
ATOM   572  C  CG    . GLN A 1 78  ? -9.271  2.114   8.211   1.00 8.70  ? 74  GLN A CG    1 
ATOM   573  C  CD    . GLN A 1 78  ? -9.400  2.934   9.433   1.00 8.94  ? 74  GLN A CD    1 
ATOM   574  O  OE1   . GLN A 1 78  ? -10.390 3.576   9.650   1.00 10.77 ? 74  GLN A OE1   1 
ATOM   575  N  NE2   . GLN A 1 78  ? -8.277  3.081   10.156  1.00 9.21  ? 74  GLN A NE2   1 
ATOM   576  N  N     . ARG A 1 79  ? -12.727 0.463   5.641   1.00 6.99  ? 75  ARG A N     1 
ATOM   577  C  CA    . ARG A 1 79  ? -13.960 -0.235  5.341   1.00 7.68  ? 75  ARG A CA    1 
ATOM   578  C  C     . ARG A 1 79  ? -13.716 -1.474  4.499   1.00 7.93  ? 75  ARG A C     1 
ATOM   579  O  O     . ARG A 1 79  ? -14.291 -2.483  4.756   1.00 7.53  ? 75  ARG A O     1 
ATOM   580  C  CB    . ARG A 1 79  ? -14.934 0.695   4.620   1.00 8.01  ? 75  ARG A CB    1 
ATOM   581  C  CG    . ARG A 1 79  ? -16.262 0.032   4.289   1.00 8.15  ? 75  ARG A CG    1 
ATOM   582  C  CD    . ARG A 1 79  ? -17.169 0.972   3.521   1.00 8.91  ? 75  ARG A CD    1 
ATOM   583  N  NE    . ARG A 1 79  ? -16.494 1.641   2.411   1.00 9.82  ? 75  ARG A NE    1 
ATOM   584  C  CZ    . ARG A 1 79  ? -16.221 1.077   1.236   1.00 10.59 ? 75  ARG A CZ    1 
ATOM   585  N  NH1   . ARG A 1 79  ? -16.555 -0.186  0.994   1.00 12.36 ? 75  ARG A NH1   1 
ATOM   586  N  NH2   . ARG A 1 79  ? -15.630 1.773   0.280   1.00 10.89 ? 75  ARG A NH2   1 
ATOM   587  N  N     . ILE A 1 80  ? -12.903 -1.336  3.455   1.00 7.90  ? 76  ILE A N     1 
ATOM   588  C  CA    . ILE A 1 80  ? -12.659 -2.397  2.510   1.00 8.53  ? 76  ILE A CA    1 
ATOM   589  C  C     . ILE A 1 80  ? -11.965 -3.528  3.250   1.00 8.48  ? 76  ILE A C     1 
ATOM   590  O  O     . ILE A 1 80  ? -12.349 -4.669  3.138   1.00 8.46  ? 76  ILE A O     1 
ATOM   591  C  CB    . ILE A 1 80  ? -11.926 -1.870  1.254   1.00 8.84  ? 76  ILE A CB    1 
ATOM   592  C  CG1   . ILE A 1 80  ? -12.788 -0.902  0.475   1.00 8.94  ? 76  ILE A CG1   1 
ATOM   593  C  CG2   . ILE A 1 80  ? -11.434 -3.053  0.420   1.00 9.03  ? 76  ILE A CG2   1 
ATOM   594  C  CD1   . ILE A 1 80  ? -12.026 -0.108  -0.582  1.00 9.14  ? 76  ILE A CD1   1 
ATOM   595  N  N     . GLU A 1 81  ? -10.972 -3.209  4.074   1.00 8.72  ? 77  GLU A N     1 
ATOM   596  C  CA    . GLU A 1 81  ? -10.304 -4.226  4.898   1.00 7.59  ? 77  GLU A CA    1 
ATOM   597  C  C     . GLU A 1 81  ? -11.287 -5.021  5.775   1.00 8.10  ? 77  GLU A C     1 
ATOM   598  O  O     . GLU A 1 81  ? -11.268 -6.233  5.808   1.00 8.69  ? 77  GLU A O     1 
ATOM   599  C  CB    . GLU A 1 81  ? -9.221  -3.571  5.777   1.00 8.58  ? 77  GLU A CB    1 
ATOM   600  C  CG    . GLU A 1 81  ? -8.004  -3.082  4.991   1.00 8.69  ? 77  GLU A CG    1 
ATOM   601  C  CD    . GLU A 1 81  ? -7.109  -2.163  5.792   1.00 9.19  ? 77  GLU A CD    1 
ATOM   602  O  OE1   . GLU A 1 81  ? -7.623  -1.302  6.475   1.00 9.15  ? 77  GLU A OE1   1 
ATOM   603  O  OE2   . GLU A 1 81  ? -5.910  -2.265  5.683   1.00 11.04 ? 77  GLU A OE2   1 
ATOM   604  N  N     . LEU A 1 82  ? -12.130 -4.298  6.481   1.00 8.80  ? 78  LEU A N     1 
ATOM   605  C  CA    . LEU A 1 82  ? -13.074 -4.860  7.415   1.00 8.61  ? 78  LEU A CA    1 
ATOM   606  C  C     . LEU A 1 82  ? -14.042 -5.704  6.645   1.00 10.15 ? 78  LEU A C     1 
ATOM   607  O  O     . LEU A 1 82  ? -14.366 -6.797  7.138   1.00 10.82 ? 78  LEU A O     1 
ATOM   608  C  CB    . LEU A 1 82  ? -13.722 -3.715  8.210   1.00 8.66  ? 78  LEU A CB    1 
ATOM   609  C  CG    . LEU A 1 82  ? -12.847 -2.963  9.262   1.00 8.75  ? 78  LEU A CG    1 
ATOM   610  C  CD1   . LEU A 1 82  ? -13.629 -1.849  9.915   1.00 9.47  ? 78  LEU A CD1   1 
ATOM   611  C  CD2   . LEU A 1 82  ? -12.351 -3.936  10.285  1.00 9.04  ? 78  LEU A CD2   1 
ATOM   612  N  N     . GLN A 1 83  ? -14.504 -5.235  5.464   1.00 8.89  ? 79  GLN A N     1 
ATOM   613  C  CA    . GLN A 1 83  ? -15.408 -6.001  4.618   1.00 10.10 ? 79  GLN A CA    1 
ATOM   614  C  C     . GLN A 1 83  ? -14.802 -7.251  3.977   1.00 11.68 ? 79  GLN A C     1 
ATOM   615  O  O     . GLN A 1 83  ? -15.556 -8.150  3.541   1.00 14.20 ? 79  GLN A O     1 
ATOM   616  C  CB    . GLN A 1 83  ? -16.119 -5.073  3.584   1.00 11.27 ? 79  GLN A CB    1 
ATOM   617  C  CG    . GLN A 1 83  ? -17.043 -4.050  4.269   1.00 11.63 ? 79  GLN A CG    1 
ATOM   618  C  CD    . GLN A 1 83  ? -17.631 -2.986  3.409   1.00 12.61 ? 79  GLN A CD    1 
ATOM   619  O  OE1   . GLN A 1 83  ? -17.062 -2.646  2.342   1.00 12.99 ? 79  GLN A OE1   1 
ATOM   620  N  NE2   . GLN A 1 83  ? -18.787 -2.405  3.860   1.00 11.53 ? 79  GLN A NE2   1 
ATOM   621  N  N     . GLN A 1 84  ? -13.488 -7.330  3.962   1.00 11.43 ? 80  GLN A N     1 
ATOM   622  C  CA    . GLN A 1 84  ? -12.732 -8.476  3.509   1.00 12.78 ? 80  GLN A CA    1 
ATOM   623  C  C     . GLN A 1 84  ? -12.135 -9.344  4.636   1.00 14.85 ? 80  GLN A C     1 
ATOM   624  O  O     . GLN A 1 84  ? -11.120 -10.085 4.489   1.00 17.97 ? 80  GLN A O     1 
ATOM   625  C  CB    . GLN A 1 84  ? -11.663 -8.001  2.546   1.00 12.38 ? 80  GLN A CB    1 
ATOM   626  C  CG    . GLN A 1 84  ? -12.313 -7.621  1.221   1.00 13.18 ? 80  GLN A CG    1 
ATOM   627  C  CD    . GLN A 1 84  ? -11.335 -7.465  0.045   1.00 11.43 ? 80  GLN A CD    1 
ATOM   628  O  OE1   . GLN A 1 84  ? -11.539 -6.612  -0.810  1.00 13.37 ? 80  GLN A OE1   1 
ATOM   629  N  NE2   . GLN A 1 84  ? -10.355 -8.339  -0.053  1.00 11.06 ? 80  GLN A NE2   1 
ATOM   630  N  N     . GLY A 1 85  ? -12.780 -9.253  5.780   1.00 16.81 ? 81  GLY A N     1 
ATOM   631  C  CA    . GLY A 1 85  ? -12.581 -10.202 6.821   1.00 18.02 ? 81  GLY A CA    1 
ATOM   632  C  C     . GLY A 1 85  ? -11.343 -9.958  7.610   1.00 19.05 ? 81  GLY A C     1 
ATOM   633  O  O     . GLY A 1 85  ? -10.846 -10.878 8.261   1.00 26.45 ? 81  GLY A O     1 
ATOM   634  N  N     . ARG A 1 86  ? -10.847 -8.721  7.601   1.00 16.88 ? 82  ARG A N     1 
ATOM   635  C  CA    . ARG A 1 86  ? -9.765  -8.360  8.406   1.00 17.95 ? 82  ARG A CA    1 
ATOM   636  C  C     . ARG A 1 86  ? -10.213 -8.295  9.876   1.00 18.25 ? 82  ARG A C     1 
ATOM   637  O  O     . ARG A 1 86  ? -11.050 -7.500  10.225  1.00 14.98 ? 82  ARG A O     1 
ATOM   638  C  CB    . ARG A 1 86  ? -9.170  -7.033  7.994   1.00 18.53 ? 82  ARG A CB    1 
ATOM   639  C  CG    . ARG A 1 86  ? -8.153  -6.623  8.994   1.00 19.54 ? 82  ARG A CG    1 
ATOM   640  C  CD    . ARG A 1 86  ? -7.127  -5.739  8.410   1.00 19.91 ? 82  ARG A CD    1 
ATOM   641  N  NE    . ARG A 1 86  ? -6.056  -5.501  9.353   1.00 21.63 ? 82  ARG A NE    1 
ATOM   642  C  CZ    . ARG A 1 86  ? -4.923  -4.887  9.032   1.00 21.83 ? 82  ARG A CZ    1 
ATOM   643  N  NH1   . ARG A 1 86  ? -4.759  -4.441  7.820   1.00 20.39 ? 82  ARG A NH1   1 
ATOM   644  N  NH2   . ARG A 1 86  ? -3.973  -4.700  9.939   1.00 24.13 ? 82  ARG A NH2   1 
ATOM   645  N  N     . VAL A 1 87  ? -9.601  -9.143  10.703  1.00 20.20 ? 83  VAL A N     1 
ATOM   646  C  CA    . VAL A 1 87  ? -9.902  -9.295  12.132  1.00 22.11 ? 83  VAL A CA    1 
ATOM   647  C  C     . VAL A 1 87  ? -8.612  -8.907  12.867  1.00 21.37 ? 83  VAL A C     1 
ATOM   648  O  O     . VAL A 1 87  ? -7.509  -9.365  12.503  1.00 27.90 ? 83  VAL A O     1 
ATOM   649  C  CB    . VAL A 1 87  ? -10.293 -10.772 12.460  1.00 24.33 ? 83  VAL A CB    1 
ATOM   650  C  CG1   . VAL A 1 87  ? -10.229 -11.065 13.954  1.00 26.27 ? 83  VAL A CG1   1 
ATOM   651  C  CG2   . VAL A 1 87  ? -11.671 -11.091 11.920  1.00 25.79 ? 83  VAL A CG2   1 
ATOM   652  N  N     . ARG A 1 88  ? -8.742  -8.042  13.860  1.00 19.26 ? 84  ARG A N     1 
ATOM   653  C  CA    . ARG A 1 88  ? -7.635  -7.656  14.691  1.00 18.46 ? 84  ARG A CA    1 
ATOM   654  C  C     . ARG A 1 88  ? -7.384  -8.759  15.751  1.00 20.20 ? 84  ARG A C     1 
ATOM   655  O  O     . ARG A 1 88  ? -8.307  -9.228  16.458  1.00 19.24 ? 84  ARG A O     1 
ATOM   656  C  CB    . ARG A 1 88  ? -7.878  -6.294  15.333  1.00 19.71 ? 84  ARG A CB    1 
ATOM   657  C  CG    . ARG A 1 88  ? -6.897  -5.891  16.431  1.00 20.40 ? 84  ARG A CG    1 
ATOM   658  C  CD    . ARG A 1 88  ? -5.541  -5.411  15.929  1.00 19.47 ? 84  ARG A CD    1 
ATOM   659  N  NE    . ARG A 1 88  ? -5.731  -4.445  14.879  1.00 20.28 ? 84  ARG A NE    1 
ATOM   660  C  CZ    . ARG A 1 88  ? -4.821  -3.961  14.021  1.00 22.94 ? 84  ARG A CZ    1 
ATOM   661  N  NH1   . ARG A 1 88  ? -3.530  -4.307  14.116  1.00 24.30 ? 84  ARG A NH1   1 
ATOM   662  N  NH2   . ARG A 1 88  ? -5.208  -3.114  13.049  1.00 19.96 ? 84  ARG A NH2   1 
ATOM   663  N  N     . LYS A 1 89  ? -6.127  -9.202  15.792  1.00 18.99 ? 85  LYS A N     1 
ATOM   664  C  CA    . LYS A 1 89  ? -5.651  -10.005 16.931  1.00 23.19 ? 85  LYS A CA    1 
ATOM   665  C  C     . LYS A 1 89  ? -4.652  -9.234  17.798  1.00 23.77 ? 85  LYS A C     1 
ATOM   666  O  O     . LYS A 1 89  ? -4.233  -8.162  17.455  1.00 24.28 ? 85  LYS A O     1 
ATOM   667  C  CB    . LYS A 1 89  ? -5.095  -11.327 16.441  1.00 25.42 ? 85  LYS A CB    1 
ATOM   668  C  CG    . LYS A 1 89  ? -6.218  -12.313 16.142  1.00 28.39 ? 85  LYS A CG    1 
ATOM   669  C  CD    . LYS A 1 89  ? -5.918  -13.146 14.936  1.00 29.55 ? 85  LYS A CD    1 
ATOM   670  C  CE    . LYS A 1 89  ? -6.150  -12.375 13.655  1.00 31.03 ? 85  LYS A CE    1 
ATOM   671  N  NZ    . LYS A 1 89  ? -5.834  -13.241 12.489  1.00 33.79 ? 85  LYS A NZ    1 
ATOM   672  N  N     . ALA A 1 90  ? -4.305  -9.760  18.961  1.00 25.05 ? 86  ALA A N     1 
ATOM   673  C  CA    . ALA A 1 90  ? -3.492  -8.943  19.830  1.00 25.51 ? 86  ALA A CA    1 
ATOM   674  C  C     . ALA A 1 90  ? -2.044  -8.851  19.257  1.00 24.84 ? 86  ALA A C     1 
ATOM   675  O  O     . ALA A 1 90  ? -1.376  -7.879  19.506  1.00 29.53 ? 86  ALA A O     1 
ATOM   676  C  CB    . ALA A 1 90  ? -3.532  -9.442  21.260  1.00 26.75 ? 86  ALA A CB    1 
ATOM   677  N  N     . GLU A 1 91  ? -1.604  -9.835  18.489  1.00 24.27 ? 87  GLU A N     1 
ATOM   678  C  CA    . GLU A 1 91  ? -0.233  -9.861  17.981  1.00 27.08 ? 87  GLU A CA    1 
ATOM   679  C  C     . GLU A 1 91  ? 0.087   -8.655  17.171  1.00 21.20 ? 87  GLU A C     1 
ATOM   680  O  O     . GLU A 1 91  ? -0.686  -8.145  16.369  1.00 22.05 ? 87  GLU A O     1 
ATOM   681  C  CB    . GLU A 1 91  ? 0.124   -11.094 17.146  1.00 28.33 ? 87  GLU A CB    1 
ATOM   682  C  CG    . GLU A 1 91  ? 1.647   -11.304 17.114  1.00 30.92 ? 87  GLU A CG    1 
ATOM   683  C  CD    . GLU A 1 91  ? 2.170   -12.450 16.241  1.00 34.33 ? 87  GLU A CD    1 
ATOM   684  O  OE1   . GLU A 1 91  ? 1.449   -13.456 16.020  1.00 34.52 ? 87  GLU A OE1   1 
ATOM   685  O  OE2   . GLU A 1 91  ? 3.355   -12.393 15.807  1.00 29.11 ? 87  GLU A OE2   1 
ATOM   686  N  N     . ARG A 1 92  ? 1.243   -8.131  17.459  1.00 19.72 ? 88  ARG A N     1 
ATOM   687  C  CA    . ARG A 1 92  ? 1.770   -7.097  16.638  1.00 18.68 ? 88  ARG A CA    1 
ATOM   688  C  C     . ARG A 1 92  ? 2.105   -7.724  15.307  1.00 14.92 ? 88  ARG A C     1 
ATOM   689  O  O     . ARG A 1 92  ? 2.799   -8.760  15.293  1.00 17.43 ? 88  ARG A O     1 
ATOM   690  C  CB    . ARG A 1 92  ? 3.059   -6.571  17.240  1.00 19.81 ? 88  ARG A CB    1 
ATOM   691  C  CG    . ARG A 1 92  ? 3.450   -5.252  16.640  1.00 22.17 ? 88  ARG A CG    1 
ATOM   692  C  CD    . ARG A 1 92  ? 4.357   -4.430  17.527  1.00 21.86 ? 88  ARG A CD    1 
ATOM   693  N  NE    . ARG A 1 92  ? 4.527   -3.199  16.812  1.00 22.74 ? 88  ARG A NE    1 
ATOM   694  C  CZ    . ARG A 1 92  ? 5.469   -2.308  17.021  1.00 22.42 ? 88  ARG A CZ    1 
ATOM   695  N  NH1   . ARG A 1 92  ? 6.299   -2.402  18.036  1.00 21.99 ? 88  ARG A NH1   1 
ATOM   696  N  NH2   . ARG A 1 92  ? 5.514   -1.255  16.226  1.00 23.90 ? 88  ARG A NH2   1 
ATOM   697  N  N     . TRP A 1 93  ? 1.617   -7.133  14.217  1.00 12.90 ? 89  TRP A N     1 
ATOM   698  C  CA    . TRP A 1 93  ? 2.122   -7.431  12.833  1.00 12.14 ? 89  TRP A CA    1 
ATOM   699  C  C     . TRP A 1 93  ? 1.839   -8.893  12.364  1.00 12.16 ? 89  TRP A C     1 
ATOM   700  O  O     . TRP A 1 93  ? 2.676   -9.483  11.612  1.00 11.71 ? 89  TRP A O     1 
ATOM   701  C  CB    . TRP A 1 93  ? 3.602   -7.088  12.772  1.00 11.95 ? 89  TRP A CB    1 
ATOM   702  C  CG    . TRP A 1 93  ? 3.938   -5.673  12.697  1.00 12.10 ? 89  TRP A CG    1 
ATOM   703  C  CD1   . TRP A 1 93  ? 3.268   -4.702  12.041  1.00 12.89 ? 89  TRP A CD1   1 
ATOM   704  C  CD2   . TRP A 1 93  ? 5.099   -5.091  13.221  1.00 12.33 ? 89  TRP A CD2   1 
ATOM   705  N  NE1   . TRP A 1 93  ? 3.943   -3.502  12.128  1.00 13.21 ? 89  TRP A NE1   1 
ATOM   706  C  CE2   . TRP A 1 93  ? 5.088   -3.727  12.861  1.00 12.83 ? 89  TRP A CE2   1 
ATOM   707  C  CE3   . TRP A 1 93  ? 6.186   -5.594  13.930  1.00 13.36 ? 89  TRP A CE3   1 
ATOM   708  C  CZ2   . TRP A 1 93  ? 6.122   -2.870  13.172  1.00 14.91 ? 89  TRP A CZ2   1 
ATOM   709  C  CZ3   . TRP A 1 93  ? 7.162   -4.728  14.303  1.00 14.87 ? 89  TRP A CZ3   1 
ATOM   710  C  CH2   . TRP A 1 93  ? 7.129   -3.368  13.900  1.00 14.91 ? 89  TRP A CH2   1 
ATOM   711  N  N     . GLY A 1 94  ? 0.719   -9.422  12.861  1.00 12.83 ? 90  GLY A N     1 
ATOM   712  C  CA    . GLY A 1 94  ? 0.228   -10.704 12.462  1.00 13.08 ? 90  GLY A CA    1 
ATOM   713  C  C     . GLY A 1 94  ? -0.268  -10.784 11.022  1.00 11.65 ? 90  GLY A C     1 
ATOM   714  O  O     . GLY A 1 94  ? -0.297  -9.739  10.309  1.00 10.93 ? 90  GLY A O     1 
ATOM   715  N  N     . PRO A 1 95  ? -0.616  -11.991 10.559  1.00 10.19 ? 91  PRO A N     1 
ATOM   716  C  CA    . PRO A 1 95  ? -1.103  -12.142 9.189   1.00 9.57  ? 91  PRO A CA    1 
ATOM   717  C  C     . PRO A 1 95  ? -2.481  -11.490 9.003   1.00 9.92  ? 91  PRO A C     1 
ATOM   718  O  O     . PRO A 1 95  ? -3.205  -11.296 9.966   1.00 10.57 ? 91  PRO A O     1 
ATOM   719  C  CB    . PRO A 1 95  ? -1.120  -13.646 8.968   1.00 10.78 ? 91  PRO A CB    1 
ATOM   720  C  CG    . PRO A 1 95  ? -1.216  -14.189 10.340  1.00 10.73 ? 91  PRO A CG    1 
ATOM   721  C  CD    . PRO A 1 95  ? -0.349  -13.300 11.156  1.00 11.06 ? 91  PRO A CD    1 
ATOM   722  N  N     . ARG A 1 96  ? -2.829  -11.131 7.778   1.00 8.81  ? 92  ARG A N     1 
ATOM   723  C  CA    . ARG A 1 96  ? -4.140  -10.569 7.546   1.00 9.91  ? 92  ARG A CA    1 
ATOM   724  C  C     . ARG A 1 96  ? -4.620  -10.868 6.140   1.00 9.59  ? 92  ARG A C     1 
ATOM   725  O  O     . ARG A 1 96  ? -3.833  -11.065 5.214   1.00 8.82  ? 92  ARG A O     1 
ATOM   726  C  CB    . ARG A 1 96  ? -4.108  -9.071  7.809   1.00 11.57 ? 92  ARG A CB    1 
ATOM   727  C  CG    . ARG A 1 96  ? -3.296  -8.274  6.798   1.00 12.49 ? 92  ARG A CG    1 
ATOM   728  C  CD    . ARG A 1 96  ? -1.814  -8.637  6.796   1.00 13.67 ? 92  ARG A CD    1 
ATOM   729  N  NE    . ARG A 1 96  ? -1.292  -8.304  8.106   1.00 15.22 ? 92  ARG A NE    1 
ATOM   730  C  CZ    . ARG A 1 96  ? -0.521  -7.273  8.368   1.00 20.18 ? 92  ARG A CZ    1 
ATOM   731  N  NH1   . ARG A 1 96  ? -0.093  -6.482  7.381   1.00 23.09 ? 92  ARG A NH1   1 
ATOM   732  N  NH2   . ARG A 1 96  ? -0.186  -7.048  9.631   1.00 21.19 ? 92  ARG A NH2   1 
ATOM   733  N  N     . THR A 1 97  ? -5.932  -10.916 6.008   1.00 8.34  ? 93  THR A N     1 
ATOM   734  C  CA    . THR A 1 97  ? -6.541  -11.070 4.710   1.00 7.92  ? 93  THR A CA    1 
ATOM   735  C  C     . THR A 1 97  ? -6.273  -9.920  3.768   1.00 7.33  ? 93  THR A C     1 
ATOM   736  O  O     . THR A 1 97  ? -6.097  -10.157 2.602   1.00 7.56  ? 93  THR A O     1 
ATOM   737  C  CB    . THR A 1 97  ? -8.051  -11.215 4.833   1.00 9.71  ? 93  THR A CB    1 
ATOM   738  O  OG1   . THR A 1 97  ? -8.564  -10.097 5.556   1.00 11.09 ? 93  THR A OG1   1 
ATOM   739  C  CG2   . THR A 1 97  ? -8.283  -12.491 5.653   1.00 10.24 ? 93  THR A CG2   1 
ATOM   740  N  N     . LEU A 1 98  ? -6.220  -8.704  4.295   1.00 6.89  ? 94  LEU A N     1 
ATOM   741  C  CA    . LEU A 1 98  ? -6.001  -7.509  3.453   1.00 7.07  ? 94  LEU A CA    1 
ATOM   742  C  C     . LEU A 1 98  ? -5.486  -6.381  4.273   1.00 7.04  ? 94  LEU A C     1 
ATOM   743  O  O     . LEU A 1 98  ? -6.003  -6.112  5.335   1.00 8.22  ? 94  LEU A O     1 
ATOM   744  C  CB    . LEU A 1 98  ? -7.276  -7.069  2.724   1.00 7.44  ? 94  LEU A CB    1 
ATOM   745  C  CG    . LEU A 1 98  ? -7.105  -5.922  1.720   1.00 7.78  ? 94  LEU A CG    1 
ATOM   746  C  CD1   . LEU A 1 98  ? -6.276  -6.407  0.538   1.00 9.00  ? 94  LEU A CD1   1 
ATOM   747  C  CD2   . LEU A 1 98  ? -8.450  -5.447  1.296   1.00 8.40  ? 94  LEU A CD2   1 
ATOM   748  N  N     . ASP A 1 99  ? -4.443  -5.745  3.758   1.00 7.53  ? 95  ASP A N     1 
ATOM   749  C  CA    . ASP A 1 99  ? -3.872  -4.537  4.344   1.00 7.29  ? 95  ASP A CA    1 
ATOM   750  C  C     . ASP A 1 99  ? -3.731  -3.450  3.283   1.00 6.89  ? 95  ASP A C     1 
ATOM   751  O  O     . ASP A 1 99  ? -3.152  -3.692  2.198   1.00 8.43  ? 95  ASP A O     1 
ATOM   752  C  CB    . ASP A 1 99  ? -2.470  -4.866  4.869   1.00 7.21  ? 95  ASP A CB    1 
ATOM   753  C  CG    . ASP A 1 99  ? -1.869  -3.775  5.738   1.00 8.36  ? 95  ASP A CG    1 
ATOM   754  O  OD1   . ASP A 1 99  ? -2.602  -3.210  6.613   1.00 8.26  ? 95  ASP A OD1   1 
ATOM   755  O  OD2   . ASP A 1 99  ? -0.662  -3.401  5.535   1.00 9.00  ? 95  ASP A OD2   1 
ATOM   756  N  N     . LEU A 1 100 ? -4.277  -2.269  3.573   1.00 7.02  ? 96  LEU A N     1 
ATOM   757  C  CA    . LEU A 1 100 ? -4.290  -1.144  2.649   1.00 6.92  ? 96  LEU A CA    1 
ATOM   758  C  C     . LEU A 1 100 ? -3.675  0.046   3.416   1.00 7.14  ? 96  LEU A C     1 
ATOM   759  O  O     . LEU A 1 100 ? -4.290  0.682   4.340   1.00 7.40  ? 96  LEU A O     1 
ATOM   760  C  CB    . LEU A 1 100 ? -5.730  -0.775  2.260   1.00 7.00  ? 96  LEU A CB    1 
ATOM   761  C  CG    . LEU A 1 100 ? -6.487  -1.801  1.448   1.00 7.44  ? 96  LEU A CG    1 
ATOM   762  C  CD1   . LEU A 1 100 ? -7.971  -1.330  1.205   1.00 7.06  ? 96  LEU A CD1   1 
ATOM   763  C  CD2   . LEU A 1 100 ? -5.726  -2.068  0.166   1.00 8.05  ? 96  LEU A CD2   1 
ATOM   764  N  N     . ASP A 1 101 ? -2.458  0.390   3.027   1.00 7.18  ? 97  ASP A N     1 
ATOM   765  C  CA    . ASP A 1 101 ? -1.669  1.387   3.708   1.00 7.66  ? 97  ASP A CA    1 
ATOM   766  C  C     . ASP A 1 101 ? -1.596  2.548   2.729   1.00 7.62  ? 97  ASP A C     1 
ATOM   767  O  O     . ASP A 1 101 ? -1.231  2.361   1.620   1.00 8.35  ? 97  ASP A O     1 
ATOM   768  C  CB    . ASP A 1 101 ? -0.201  0.900   4.022   1.00 8.10  ? 97  ASP A CB    1 
ATOM   769  C  CG    . ASP A 1 101 ? -0.091  -0.077  5.176   1.00 9.10  ? 97  ASP A CG    1 
ATOM   770  O  OD1   . ASP A 1 101 ? -1.047  -0.235  5.952   1.00 9.86  ? 97  ASP A OD1   1 
ATOM   771  O  OD2   . ASP A 1 101 ? 0.930   -0.662  5.219   1.00 10.30 ? 97  ASP A OD2   1 
ATOM   772  N  N     . ILE A 1 102 ? -1.950  3.752   3.203   1.00 7.06  ? 98  ILE A N     1 
ATOM   773  C  CA    . ILE A 1 102 ? -1.784  4.962   2.453   1.00 6.93  ? 98  ILE A CA    1 
ATOM   774  C  C     . ILE A 1 102 ? -0.324  5.290   2.512   1.00 7.27  ? 98  ILE A C     1 
ATOM   775  O  O     . ILE A 1 102 ? 0.132   5.741   3.517   1.00 8.61  ? 98  ILE A O     1 
ATOM   776  C  CB    . ILE A 1 102 ? -2.754  6.079   2.952   1.00 7.50  ? 98  ILE A CB    1 
ATOM   777  C  CG1   . ILE A 1 102 ? -4.206  5.546   2.878   1.00 8.06  ? 98  ILE A CG1   1 
ATOM   778  C  CG2   . ILE A 1 102 ? -2.625  7.294   2.079   1.00 7.00  ? 98  ILE A CG2   1 
ATOM   779  C  CD1   . ILE A 1 102 ? -5.192  6.538   3.536   1.00 8.16  ? 98  ILE A CD1   1 
ATOM   780  N  N     . MET A 1 103 ? 0.441   5.056   1.425   1.00 6.26  ? 99  MET A N     1 
ATOM   781  C  CA    . MET A 1 103 ? 1.879   5.433   1.442   1.00 6.65  ? 99  MET A CA    1 
ATOM   782  C  C     . MET A 1 103 ? 2.088   6.919   1.340   1.00 7.05  ? 99  MET A C     1 
ATOM   783  O  O     . MET A 1 103 ? 2.897   7.564   2.022   1.00 7.59  ? 99  MET A O     1 
ATOM   784  C  CB    . MET A 1 103 ? 2.605   4.767   0.292   1.00 7.14  ? 99  MET A CB    1 
ATOM   785  C  CG    . MET A 1 103 ? 2.685   3.231   0.466   1.00 7.89  ? 99  MET A CG    1 
ATOM   786  S  SD    . MET A 1 103 ? 3.693   2.421   -0.719  1.00 9.23  ? 99  MET A SD    1 
ATOM   787  C  CE    . MET A 1 103 ? 2.671   2.547   -2.180  1.00 8.71  ? 99  MET A CE    1 
ATOM   788  N  N     . LEU A 1 104 ? 1.368   7.502   0.379   1.00 7.02  ? 100 LEU A N     1 
ATOM   789  C  CA    . LEU A 1 104 ? 1.492   8.937   0.066   1.00 7.64  ? 100 LEU A CA    1 
ATOM   790  C  C     . LEU A 1 104 ? 0.149   9.487   -0.347  1.00 8.17  ? 100 LEU A C     1 
ATOM   791  O  O     . LEU A 1 104 ? -0.671  8.759   -0.946  1.00 8.84  ? 100 LEU A O     1 
ATOM   792  C  CB    . LEU A 1 104 ? 2.437   9.104   -1.138  1.00 8.07  ? 100 LEU A CB    1 
ATOM   793  C  CG    . LEU A 1 104 ? 3.870   8.750   -0.961  1.00 8.84  ? 100 LEU A CG    1 
ATOM   794  C  CD1   . LEU A 1 104 ? 4.623   8.630   -2.290  1.00 9.01  ? 100 LEU A CD1   1 
ATOM   795  C  CD2   . LEU A 1 104 ? 4.589   9.692   -0.039  1.00 9.31  ? 100 LEU A CD2   1 
ATOM   796  N  N     . PHE A 1 105 ? -0.101  10.777  -0.016  1.00 10.36 ? 101 PHE A N     1 
ATOM   797  C  CA    . PHE A 1 105 ? -1.371  11.486  -0.364  1.00 10.41 ? 101 PHE A CA    1 
ATOM   798  C  C     . PHE A 1 105 ? -0.924  12.781  -1.005  1.00 10.55 ? 101 PHE A C     1 
ATOM   799  O  O     . PHE A 1 105 ? -0.695  13.771  -0.308  1.00 12.18 ? 101 PHE A O     1 
ATOM   800  C  CB    . PHE A 1 105 ? -2.255  11.724  0.886   1.00 11.31 ? 101 PHE A CB    1 
ATOM   801  C  CG    . PHE A 1 105 ? -3.589  12.149  0.531   1.00 10.97 ? 101 PHE A CG    1 
ATOM   802  C  CD1   . PHE A 1 105 ? -3.837  13.460  0.296   1.00 12.61 ? 101 PHE A CD1   1 
ATOM   803  C  CD2   . PHE A 1 105 ? -4.600  11.225  0.340   1.00 12.97 ? 101 PHE A CD2   1 
ATOM   804  C  CE1   . PHE A 1 105 ? -5.099  13.877  -0.106  1.00 12.51 ? 101 PHE A CE1   1 
ATOM   805  C  CE2   . PHE A 1 105 ? -5.828  11.610  -0.086  1.00 12.24 ? 101 PHE A CE2   1 
ATOM   806  C  CZ    . PHE A 1 105 ? -6.103  12.937  -0.274  1.00 12.82 ? 101 PHE A CZ    1 
ATOM   807  N  N     . GLY A 1 106 ? -0.810  12.822  -2.318  1.00 11.33 ? 102 GLY A N     1 
ATOM   808  C  CA    . GLY A 1 106 ? -0.117  13.946  -2.946  1.00 12.74 ? 102 GLY A CA    1 
ATOM   809  C  C     . GLY A 1 106 ? 1.235   14.183  -2.255  1.00 13.10 ? 102 GLY A C     1 
ATOM   810  O  O     . GLY A 1 106 ? 1.986   13.223  -1.940  1.00 14.39 ? 102 GLY A O     1 
ATOM   811  N  N     A ASN A 1 107 ? 1.537   15.456  -2.071  0.60 15.02 ? 103 ASN A N     1 
ATOM   812  N  N     B ASN A 1 107 ? 1.599   15.454  -2.082  0.40 13.68 ? 103 ASN A N     1 
ATOM   813  C  CA    A ASN A 1 107 ? 2.745   15.882  -1.399  0.60 16.13 ? 103 ASN A CA    1 
ATOM   814  C  CA    B ASN A 1 107 ? 2.790   15.816  -1.282  0.40 13.80 ? 103 ASN A CA    1 
ATOM   815  C  C     A ASN A 1 107 ? 2.422   16.185  0.064   0.60 16.31 ? 103 ASN A C     1 
ATOM   816  C  C     B ASN A 1 107 ? 2.464   16.099  0.145   0.40 14.90 ? 103 ASN A C     1 
ATOM   817  O  O     A ASN A 1 107 ? 3.200   16.850  0.705   0.60 19.18 ? 103 ASN A O     1 
ATOM   818  O  O     B ASN A 1 107 ? 3.271   16.684  0.839   0.40 16.95 ? 103 ASN A O     1 
ATOM   819  C  CB    A ASN A 1 107 ? 3.315   17.094  -2.177  0.60 18.42 ? 103 ASN A CB    1 
ATOM   820  C  CB    B ASN A 1 107 ? 3.463   17.054  -1.822  0.40 14.08 ? 103 ASN A CB    1 
ATOM   821  C  CG    A ASN A 1 107 ? 3.478   16.810  -3.669  0.60 18.25 ? 103 ASN A CG    1 
ATOM   822  C  CG    B ASN A 1 107 ? 4.428   16.734  -2.920  0.40 12.62 ? 103 ASN A CG    1 
ATOM   823  O  OD1   A ASN A 1 107 ? 3.118   17.619  -4.553  0.60 20.37 ? 103 ASN A OD1   1 
ATOM   824  O  OD1   B ASN A 1 107 ? 5.627   16.702  -2.715  0.40 12.35 ? 103 ASN A OD1   1 
ATOM   825  N  ND2   A ASN A 1 107 ? 3.976   15.637  -3.970  0.60 19.78 ? 103 ASN A ND2   1 
ATOM   826  N  ND2   B ASN A 1 107 ? 3.903   16.461  -4.088  0.40 12.52 ? 103 ASN A ND2   1 
ATOM   827  N  N     . GLU A 1 108 ? 1.296   15.682  0.590   1.00 15.55 ? 104 GLU A N     1 
ATOM   828  C  CA    . GLU A 1 108 ? 0.840   15.992  1.918   1.00 16.52 ? 104 GLU A CA    1 
ATOM   829  C  C     . GLU A 1 108 ? 1.688   15.307  3.030   1.00 16.96 ? 104 GLU A C     1 
ATOM   830  O  O     . GLU A 1 108 ? 2.151   14.187  2.902   1.00 15.40 ? 104 GLU A O     1 
ATOM   831  C  CB    . GLU A 1 108 ? -0.665  15.635  2.136   1.00 18.84 ? 104 GLU A CB    1 
ATOM   832  C  CG    . GLU A 1 108 ? -1.669  16.475  1.344   1.00 21.93 ? 104 GLU A CG    1 
ATOM   833  C  CD    . GLU A 1 108 ? -1.661  17.952  1.676   1.00 27.34 ? 104 GLU A CD    1 
ATOM   834  O  OE1   . GLU A 1 108 ? -1.925  18.351  2.852   1.00 29.88 ? 104 GLU A OE1   1 
ATOM   835  O  OE2   . GLU A 1 108 ? -1.421  18.717  0.726   1.00 29.79 ? 104 GLU A OE2   1 
ATOM   836  N  N     . VAL A 1 109 ? 1.879   16.018  4.141   1.00 15.65 ? 105 VAL A N     1 
ATOM   837  C  CA    . VAL A 1 109 ? 2.568   15.493  5.278   1.00 16.72 ? 105 VAL A CA    1 
ATOM   838  C  C     . VAL A 1 109 ? 1.600   15.595  6.420   1.00 17.83 ? 105 VAL A C     1 
ATOM   839  O  O     . VAL A 1 109 ? 1.258   16.720  6.886   1.00 20.00 ? 105 VAL A O     1 
ATOM   840  C  CB    . VAL A 1 109 ? 3.837   16.280  5.539   1.00 15.92 ? 105 VAL A CB    1 
ATOM   841  C  CG1   . VAL A 1 109 ? 4.478   15.839  6.844   1.00 16.76 ? 105 VAL A CG1   1 
ATOM   842  C  CG2   . VAL A 1 109 ? 4.819   16.056  4.416   1.00 16.72 ? 105 VAL A CG2   1 
ATOM   843  N  N     . ILE A 1 110 ? 1.168   14.444  6.907   1.00 18.20 ? 106 ILE A N     1 
ATOM   844  C  CA    . ILE A 1 110 ? 0.077   14.355  7.877   1.00 18.66 ? 106 ILE A CA    1 
ATOM   845  C  C     . ILE A 1 110 ? 0.543   13.500  9.065   1.00 20.52 ? 106 ILE A C     1 
ATOM   846  O  O     . ILE A 1 110 ? 1.164   12.476  8.870   1.00 18.39 ? 106 ILE A O     1 
ATOM   847  C  CB    . ILE A 1 110 ? -1.161  13.711  7.215   1.00 19.22 ? 106 ILE A CB    1 
ATOM   848  C  CG1   . ILE A 1 110 ? -1.787  14.575  6.090   1.00 18.87 ? 106 ILE A CG1   1 
ATOM   849  C  CG2   . ILE A 1 110 ? -2.166  13.340  8.296   1.00 19.56 ? 106 ILE A CG2   1 
ATOM   850  C  CD1   . ILE A 1 110 ? -2.520  13.826  4.991   1.00 22.20 ? 106 ILE A CD1   1 
ATOM   851  N  N     . ASN A 1 111 ? 0.253   13.907  10.307  1.00 25.72 ? 107 ASN A N     1 
ATOM   852  C  CA    . ASN A 1 111 ? 0.530   13.071  11.472  1.00 30.69 ? 107 ASN A CA    1 
ATOM   853  C  C     . ASN A 1 111 ? -0.623  13.078  12.446  1.00 32.52 ? 107 ASN A C     1 
ATOM   854  O  O     . ASN A 1 111 ? -0.403  13.257  13.643  1.00 42.91 ? 107 ASN A O     1 
ATOM   855  C  CB    . ASN A 1 111 ? 1.788   13.523  12.162  1.00 32.76 ? 107 ASN A CB    1 
ATOM   856  C  CG    . ASN A 1 111 ? 2.999   13.382  11.280  1.00 34.54 ? 107 ASN A CG    1 
ATOM   857  O  OD1   . ASN A 1 111 ? 3.516   12.297  11.137  1.00 44.76 ? 107 ASN A OD1   1 
ATOM   858  N  ND2   . ASN A 1 111 ? 3.433   14.464  10.654  1.00 37.40 ? 107 ASN A ND2   1 
ATOM   859  N  N     . THR A 1 112 ? -1.847  12.884  11.947  1.00 31.21 ? 108 THR A N     1 
ATOM   860  C  CA    . THR A 1 112 ? -3.040  13.021  12.789  1.00 27.56 ? 108 THR A CA    1 
ATOM   861  C  C     . THR A 1 112 ? -3.128  11.800  13.668  1.00 26.73 ? 108 THR A C     1 
ATOM   862  O  O     . THR A 1 112 ? -2.240  10.935  13.687  1.00 26.52 ? 108 THR A O     1 
ATOM   863  C  CB    . THR A 1 112 ? -4.400  13.181  12.015  1.00 29.41 ? 108 THR A CB    1 
ATOM   864  O  OG1   . THR A 1 112 ? -4.800  11.929  11.429  1.00 29.31 ? 108 THR A OG1   1 
ATOM   865  C  CG2   . THR A 1 112 ? -4.395  14.284  10.950  1.00 28.65 ? 108 THR A CG2   1 
ATOM   866  N  N     . GLU A 1 113 ? -4.234  11.704  14.401  1.00 30.41 ? 109 GLU A N     1 
ATOM   867  C  CA    . GLU A 1 113 ? -4.449  10.615  15.337  1.00 30.54 ? 109 GLU A CA    1 
ATOM   868  C  C     . GLU A 1 113 ? -4.506  9.269   14.552  1.00 26.81 ? 109 GLU A C     1 
ATOM   869  O  O     . GLU A 1 113 ? -3.734  8.296   14.789  1.00 29.97 ? 109 GLU A O     1 
ATOM   870  C  CB    . GLU A 1 113 ? -5.742  10.884  16.118  1.00 32.40 ? 109 GLU A CB    1 
ATOM   871  C  CG    . GLU A 1 113 ? -5.818  12.246  16.840  1.00 34.27 ? 109 GLU A CG    1 
ATOM   872  C  CD    . GLU A 1 113 ? -4.914  12.375  18.065  1.00 35.89 ? 109 GLU A CD    1 
ATOM   873  O  OE1   . GLU A 1 113 ? -4.303  11.364  18.463  1.00 37.04 ? 109 GLU A OE1   1 
ATOM   874  O  OE2   . GLU A 1 113 ? -4.816  13.492  18.644  1.00 29.53 ? 109 GLU A OE2   1 
ATOM   875  N  N     . ARG A 1 114 ? -5.353  9.259   13.538  1.00 23.53 ? 110 ARG A N     1 
ATOM   876  C  CA    . ARG A 1 114 ? -5.530  8.050   12.745  1.00 19.55 ? 110 ARG A CA    1 
ATOM   877  C  C     . ARG A 1 114 ? -4.588  7.868   11.556  1.00 17.19 ? 110 ARG A C     1 
ATOM   878  O  O     . ARG A 1 114 ? -4.546  6.810   10.955  1.00 13.36 ? 110 ARG A O     1 
ATOM   879  C  CB    . ARG A 1 114 ? -6.927  8.033   12.179  1.00 20.09 ? 110 ARG A CB    1 
ATOM   880  C  CG    . ARG A 1 114 ? -8.007  8.008   13.225  1.00 20.25 ? 110 ARG A CG    1 
ATOM   881  C  CD    . ARG A 1 114 ? -9.318  8.221   12.537  1.00 18.54 ? 110 ARG A CD    1 
ATOM   882  N  NE    . ARG A 1 114 ? -9.705  7.160   11.556  1.00 16.87 ? 110 ARG A NE    1 
ATOM   883  C  CZ    . ARG A 1 114 ? -10.416 7.353   10.435  1.00 16.22 ? 110 ARG A CZ    1 
ATOM   884  N  NH1   . ARG A 1 114 ? -10.856 8.574   10.058  1.00 15.87 ? 110 ARG A NH1   1 
ATOM   885  N  NH2   . ARG A 1 114 ? -10.754 6.313   9.669   1.00 16.34 ? 110 ARG A NH2   1 
ATOM   886  N  N     . LEU A 1 115 ? -3.896  8.904   11.172  1.00 13.79 ? 111 LEU A N     1 
ATOM   887  C  CA    . LEU A 1 115 ? -3.239  8.920   9.904   1.00 11.93 ? 111 LEU A CA    1 
ATOM   888  C  C     . LEU A 1 115 ? -1.920  9.593   9.908   1.00 12.30 ? 111 LEU A C     1 
ATOM   889  O  O     . LEU A 1 115 ? -1.806  10.756  10.380  1.00 13.39 ? 111 LEU A O     1 
ATOM   890  C  CB    . LEU A 1 115 ? -4.127  9.633   8.903   1.00 10.72 ? 111 LEU A CB    1 
ATOM   891  C  CG    . LEU A 1 115 ? -3.738  9.631   7.430   1.00 9.91  ? 111 LEU A CG    1 
ATOM   892  C  CD1   . LEU A 1 115 ? -3.513  8.237   6.810   1.00 10.04 ? 111 LEU A CD1   1 
ATOM   893  C  CD2   . LEU A 1 115 ? -4.761  10.389  6.633   1.00 10.83 ? 111 LEU A CD2   1 
ATOM   894  N  N     . THR A 1 116 ? -0.912  8.892   9.413   1.00 11.15 ? 112 THR A N     1 
ATOM   895  C  CA    . THR A 1 116 ? 0.471   9.387   9.331   1.00 12.25 ? 112 THR A CA    1 
ATOM   896  C  C     . THR A 1 116 ? 0.920   9.126   7.881   1.00 10.72 ? 112 THR A C     1 
ATOM   897  O  O     . THR A 1 116 ? 1.001   7.976   7.436   1.00 10.60 ? 112 THR A O     1 
ATOM   898  C  CB    . THR A 1 116 ? 1.446   8.673   10.318  1.00 13.23 ? 112 THR A CB    1 
ATOM   899  O  OG1   . THR A 1 116 ? 1.078   8.985   11.700  1.00 16.21 ? 112 THR A OG1   1 
ATOM   900  C  CG2   . THR A 1 116 ? 2.866   9.123   10.091  1.00 13.34 ? 112 THR A CG2   1 
ATOM   901  N  N     . VAL A 1 117 ? 1.234   10.165  7.163   1.00 9.80  ? 113 VAL A N     1 
ATOM   902  C  CA    . VAL A 1 117 ? 1.587   10.115  5.725   1.00 9.76  ? 113 VAL A CA    1 
ATOM   903  C  C     . VAL A 1 117 ? 2.756   11.077  5.564   1.00 9.25  ? 113 VAL A C     1 
ATOM   904  O  O     . VAL A 1 117 ? 2.685   12.194  6.070   1.00 10.11 ? 113 VAL A O     1 
ATOM   905  C  CB    . VAL A 1 117 ? 0.430   10.450  4.747   1.00 10.29 ? 113 VAL A CB    1 
ATOM   906  C  CG1   . VAL A 1 117 ? 0.917   10.558  3.300   1.00 11.75 ? 113 VAL A CG1   1 
ATOM   907  C  CG2   . VAL A 1 117 ? -0.681  9.391   4.880   1.00 10.93 ? 113 VAL A CG2   1 
ATOM   908  N  N     . PRO A 1 118 ? 3.799   10.744  4.792   1.00 8.25  ? 114 PRO A N     1 
ATOM   909  C  CA    . PRO A 1 118 ? 4.097   9.418   4.228   1.00 8.35  ? 114 PRO A CA    1 
ATOM   910  C  C     . PRO A 1 118 ? 4.109   8.322   5.285   1.00 8.81  ? 114 PRO A C     1 
ATOM   911  O  O     . PRO A 1 118 ? 4.462   8.567   6.435   1.00 9.54  ? 114 PRO A O     1 
ATOM   912  C  CB    . PRO A 1 118 ? 5.489   9.610   3.612   1.00 9.10  ? 114 PRO A CB    1 
ATOM   913  C  CG    . PRO A 1 118 ? 5.587   11.035  3.302   1.00 9.07  ? 114 PRO A CG    1 
ATOM   914  C  CD    . PRO A 1 118 ? 4.854   11.740  4.428   1.00 8.76  ? 114 PRO A CD    1 
ATOM   915  N  N     . HIS A 1 119 ? 3.748   7.102   4.847   1.00 9.11  ? 115 HIS A N     1 
ATOM   916  C  CA    . HIS A 1 119 ? 3.930   5.942   5.683   1.00 9.60  ? 115 HIS A CA    1 
ATOM   917  C  C     . HIS A 1 119 ? 5.338   6.009   6.310   1.00 8.89  ? 115 HIS A C     1 
ATOM   918  O  O     . HIS A 1 119 ? 6.370   6.143   5.608   1.00 9.10  ? 115 HIS A O     1 
ATOM   919  C  CB    . HIS A 1 119 ? 3.784   4.691   4.882   1.00 9.25  ? 115 HIS A CB    1 
ATOM   920  C  CG    . HIS A 1 119 ? 3.779   3.459   5.730   1.00 10.40 ? 115 HIS A CG    1 
ATOM   921  N  ND1   . HIS A 1 119 ? 4.928   2.847   6.209   1.00 10.47 ? 115 HIS A ND1   1 
ATOM   922  C  CD2   . HIS A 1 119 ? 2.744   2.716   6.186   1.00 11.58 ? 115 HIS A CD2   1 
ATOM   923  C  CE1   . HIS A 1 119 ? 4.584   1.803   6.930   1.00 11.67 ? 115 HIS A CE1   1 
ATOM   924  N  NE2   . HIS A 1 119 ? 3.275   1.690   6.913   1.00 13.09 ? 115 HIS A NE2   1 
ATOM   925  N  N     . TYR A 1 120 ? 5.344   5.905   7.644   1.00 9.46  ? 116 TYR A N     1 
ATOM   926  C  CA    . TYR A 1 120 ? 6.544   6.129   8.409   1.00 11.52 ? 116 TYR A CA    1 
ATOM   927  C  C     . TYR A 1 120 ? 7.764   5.276   8.077   1.00 11.46 ? 116 TYR A C     1 
ATOM   928  O  O     . TYR A 1 120 ? 8.862   5.675   8.423   1.00 15.46 ? 116 TYR A O     1 
ATOM   929  C  CB    . TYR A 1 120 ? 6.203   5.924   9.939   1.00 12.54 ? 116 TYR A CB    1 
ATOM   930  C  CG    . TYR A 1 120 ? 6.126   4.485   10.425  1.00 14.77 ? 116 TYR A CG    1 
ATOM   931  C  CD1   . TYR A 1 120 ? 5.138   3.649   9.973   1.00 16.87 ? 116 TYR A CD1   1 
ATOM   932  C  CD2   . TYR A 1 120 ? 7.128   3.949   11.276  1.00 17.71 ? 116 TYR A CD2   1 
ATOM   933  C  CE1   . TYR A 1 120 ? 5.051   2.329   10.369  1.00 18.54 ? 116 TYR A CE1   1 
ATOM   934  C  CE2   . TYR A 1 120 ? 7.070   2.611   11.675  1.00 17.01 ? 116 TYR A CE2   1 
ATOM   935  C  CZ    . TYR A 1 120 ? 6.015   1.792   11.193  1.00 16.66 ? 116 TYR A CZ    1 
ATOM   936  O  OH    . TYR A 1 120 ? 5.802   0.454   11.513  1.00 17.83 ? 116 TYR A OH    1 
ATOM   937  N  N     . ASP A 1 121 ? 7.583   4.060   7.556   1.00 9.21  ? 117 ASP A N     1 
ATOM   938  C  CA    . ASP A 1 121 ? 8.664   3.156   7.268   1.00 9.24  ? 117 ASP A CA    1 
ATOM   939  C  C     . ASP A 1 121 ? 8.772   2.760   5.796   1.00 8.48  ? 117 ASP A C     1 
ATOM   940  O  O     . ASP A 1 121 ? 9.575   1.859   5.440   1.00 7.18  ? 117 ASP A O     1 
ATOM   941  C  CB    . ASP A 1 121 ? 8.493   1.909   8.163   1.00 8.76  ? 117 ASP A CB    1 
ATOM   942  C  CG    . ASP A 1 121 ? 9.736   1.036   8.250   1.00 9.24  ? 117 ASP A CG    1 
ATOM   943  O  OD1   . ASP A 1 121 ? 10.816  1.611   8.528   1.00 9.89  ? 117 ASP A OD1   1 
ATOM   944  O  OD2   . ASP A 1 121 ? 9.703   -0.192  8.018   1.00 12.46 ? 117 ASP A OD2   1 
ATOM   945  N  N     . MET A 1 122 ? 7.993   3.394   4.884   1.00 7.51  ? 118 MET A N     1 
ATOM   946  C  CA    . MET A 1 122 ? 7.993   2.912   3.525   1.00 8.15  ? 118 MET A CA    1 
ATOM   947  C  C     . MET A 1 122 ? 9.361   3.008   2.838   1.00 7.93  ? 118 MET A C     1 
ATOM   948  O  O     . MET A 1 122 ? 9.631   2.202   1.959   1.00 8.59  ? 118 MET A O     1 
ATOM   949  C  CB    . MET A 1 122 ? 6.970   3.648   2.659   1.00 7.79  ? 118 MET A CB    1 
ATOM   950  C  CG    . MET A 1 122 ? 7.189   5.139   2.511   1.00 7.58  ? 118 MET A CG    1 
ATOM   951  S  SD    . MET A 1 122 ? 5.893   5.930   1.492   1.00 9.00  ? 118 MET A SD    1 
ATOM   952  C  CE    . MET A 1 122 ? 6.268   5.226   -0.133  1.00 7.99  ? 118 MET A CE    1 
ATOM   953  N  N     . LYS A 1 123 ? 10.188  3.978   3.185   1.00 7.60  ? 119 LYS A N     1 
ATOM   954  C  CA    . LYS A 1 123 ? 11.480  4.138   2.475   1.00 8.58  ? 119 LYS A CA    1 
ATOM   955  C  C     . LYS A 1 123 ? 12.448  3.050   2.885   1.00 8.98  ? 119 LYS A C     1 
ATOM   956  O  O     . LYS A 1 123 ? 13.601  2.940   2.294   1.00 8.25  ? 119 LYS A O     1 
ATOM   957  C  CB    . LYS A 1 123 ? 12.060  5.507   2.763   1.00 8.87  ? 119 LYS A CB    1 
ATOM   958  C  CG    . LYS A 1 123 ? 11.210  6.650   2.263   1.00 9.09  ? 119 LYS A CG    1 
ATOM   959  C  CD    . LYS A 1 123 ? 11.969  7.941   2.477   1.00 10.00 ? 119 LYS A CD    1 
ATOM   960  C  CE    . LYS A 1 123 ? 11.337  9.113   1.741   1.00 10.62 ? 119 LYS A CE    1 
ATOM   961  N  NZ    . LYS A 1 123 ? 12.006  10.379  2.118   1.00 13.10 ? 119 LYS A NZ    1 
ATOM   962  N  N     . ASN A 1 124 ? 12.000  2.195   3.813   1.00 7.66  ? 120 ASN A N     1 
ATOM   963  C  CA    . ASN A 1 124 ? 12.852  1.017   4.151   1.00 8.64  ? 120 ASN A CA    1 
ATOM   964  C  C     . ASN A 1 124 ? 12.314  -0.344  3.763   1.00 8.40  ? 120 ASN A C     1 
ATOM   965  O  O     . ASN A 1 124 ? 12.908  -1.357  4.121   1.00 9.65  ? 120 ASN A O     1 
ATOM   966  C  CB    . ASN A 1 124 ? 13.135  0.975   5.670   1.00 9.39  ? 120 ASN A CB    1 
ATOM   967  C  CG    . ASN A 1 124 ? 13.684  2.251   6.156   1.00 10.59 ? 120 ASN A CG    1 
ATOM   968  O  OD1   . ASN A 1 124 ? 14.697  2.763   5.627   1.00 11.79 ? 120 ASN A OD1   1 
ATOM   969  N  ND2   . ASN A 1 124 ? 12.990  2.852   7.065   1.00 10.54 ? 120 ASN A ND2   1 
ATOM   970  N  N     . ARG A 1 125 ? 11.295  -0.378  2.963   1.00 7.81  ? 121 ARG A N     1 
ATOM   971  C  CA    . ARG A 1 125 ? 10.551  -1.566  2.634   1.00 8.17  ? 121 ARG A CA    1 
ATOM   972  C  C     . ARG A 1 125 ? 10.558  -1.772  1.116   1.00 7.41  ? 121 ARG A C     1 
ATOM   973  O  O     . ARG A 1 125 ? 9.835   -1.133  0.443   1.00 8.43  ? 121 ARG A O     1 
ATOM   974  C  CB    . ARG A 1 125 ? 9.119   -1.428  3.112   1.00 8.14  ? 121 ARG A CB    1 
ATOM   975  C  CG    . ARG A 1 125 ? 9.033   -1.428  4.633   1.00 8.40  ? 121 ARG A CG    1 
ATOM   976  C  CD    . ARG A 1 125 ? 7.601   -1.288  5.098   1.00 8.29  ? 121 ARG A CD    1 
ATOM   977  N  NE    . ARG A 1 125 ? 7.504   -1.122  6.540   1.00 9.56  ? 121 ARG A NE    1 
ATOM   978  C  CZ    . ARG A 1 125 ? 6.389   -1.250  7.209   1.00 9.09  ? 121 ARG A CZ    1 
ATOM   979  N  NH1   . ARG A 1 125 ? 5.273   -1.547  6.598   1.00 8.54  ? 121 ARG A NH1   1 
ATOM   980  N  NH2   . ARG A 1 125 ? 6.416   -1.098  8.501   1.00 9.03  ? 121 ARG A NH2   1 
ATOM   981  N  N     . GLY A 1 126 ? 11.380  -2.703  0.634   1.00 8.54  ? 122 GLY A N     1 
ATOM   982  C  CA    . GLY A 1 126 ? 11.355  -3.033  -0.786  1.00 7.88  ? 122 GLY A CA    1 
ATOM   983  C  C     . GLY A 1 126 ? 9.977   -3.472  -1.263  1.00 8.03  ? 122 GLY A C     1 
ATOM   984  O  O     . GLY A 1 126 ? 9.607   -3.193  -2.426  1.00 8.09  ? 122 GLY A O     1 
ATOM   985  N  N     . PHE A 1 127 ? 9.205   -4.110  -0.392  1.00 7.40  ? 123 PHE A N     1 
ATOM   986  C  CA    . PHE A 1 127 ? 7.836   -4.544  -0.843  1.00 7.85  ? 123 PHE A CA    1 
ATOM   987  C  C     . PHE A 1 127 ? 6.847   -3.460  -1.080  1.00 7.70  ? 123 PHE A C     1 
ATOM   988  O  O     . PHE A 1 127 ? 5.813   -3.765  -1.697  1.00 7.79  ? 123 PHE A O     1 
ATOM   989  C  CB    . PHE A 1 127 ? 7.267   -5.651  0.044   1.00 7.77  ? 123 PHE A CB    1 
ATOM   990  C  CG    . PHE A 1 127 ? 6.910   -5.220  1.446   1.00 7.94  ? 123 PHE A CG    1 
ATOM   991  C  CD1   . PHE A 1 127 ? 5.732   -4.478  1.697   1.00 8.91  ? 123 PHE A CD1   1 
ATOM   992  C  CD2   . PHE A 1 127 ? 7.731   -5.553  2.519   1.00 9.58  ? 123 PHE A CD2   1 
ATOM   993  C  CE1   . PHE A 1 127 ? 5.391   -4.099  3.002   1.00 9.25  ? 123 PHE A CE1   1 
ATOM   994  C  CE2   . PHE A 1 127 ? 7.381   -5.148  3.834   1.00 10.25 ? 123 PHE A CE2   1 
ATOM   995  C  CZ    . PHE A 1 127 ? 6.253   -4.400  4.046   1.00 9.98  ? 123 PHE A CZ    1 
ATOM   996  N  N     . MET A 1 128 ? 7.137   -2.250  -0.605  1.00 8.26  ? 124 MET A N     1 
ATOM   997  C  CA    . MET A 1 128 ? 6.409   -1.024  -0.946  1.00 8.23  ? 124 MET A CA    1 
ATOM   998  C  C     . MET A 1 128 ? 7.114   -0.294  -2.088  1.00 8.01  ? 124 MET A C     1 
ATOM   999  O  O     . MET A 1 128 ? 6.520   0.057   -3.100  1.00 7.36  ? 124 MET A O     1 
ATOM   1000 C  CB    . MET A 1 128 ? 6.325   -0.172  0.277   1.00 8.96  ? 124 MET A CB    1 
ATOM   1001 C  CG    . MET A 1 128 ? 5.353   -0.657  1.315   1.00 9.78  ? 124 MET A CG    1 
ATOM   1002 S  SD    . MET A 1 128 ? 5.230   0.483   2.690   1.00 12.16 ? 124 MET A SD    1 
ATOM   1003 C  CE    . MET A 1 128 ? 3.641   -0.093  3.410   1.00 11.88 ? 124 MET A CE    1 
ATOM   1004 N  N     . LEU A 1 129 ? 8.415   -0.096  -1.994  1.00 6.97  ? 125 LEU A N     1 
ATOM   1005 C  CA    . LEU A 1 129 ? 9.023   0.785   -2.969  1.00 7.08  ? 125 LEU A CA    1 
ATOM   1006 C  C     . LEU A 1 129 ? 9.117   0.205   -4.367  1.00 6.73  ? 125 LEU A C     1 
ATOM   1007 O  O     . LEU A 1 129 ? 9.022   0.958   -5.296  1.00 6.57  ? 125 LEU A O     1 
ATOM   1008 C  CB    . LEU A 1 129 ? 10.436  1.134   -2.514  1.00 8.16  ? 125 LEU A CB    1 
ATOM   1009 C  CG    . LEU A 1 129 ? 10.573  1.927   -1.233  1.00 8.87  ? 125 LEU A CG    1 
ATOM   1010 C  CD1   . LEU A 1 129 ? 12.034  2.206   -1.016  1.00 10.73 ? 125 LEU A CD1   1 
ATOM   1011 C  CD2   . LEU A 1 129 ? 9.815   3.228   -1.216  1.00 9.64  ? 125 LEU A CD2   1 
ATOM   1012 N  N     . TRP A 1 130 ? 9.374   -1.103  -4.519  1.00 7.14  ? 126 TRP A N     1 
ATOM   1013 C  CA    . TRP A 1 130 ? 9.467   -1.705  -5.905  1.00 8.16  ? 126 TRP A CA    1 
ATOM   1014 C  C     . TRP A 1 130 ? 8.185   -1.647  -6.690  1.00 7.75  ? 126 TRP A C     1 
ATOM   1015 O  O     . TRP A 1 130 ? 8.171   -1.151  -7.835  1.00 7.26  ? 126 TRP A O     1 
ATOM   1016 C  CB    . TRP A 1 130 ? 10.066  -3.143  -5.853  1.00 8.64  ? 126 TRP A CB    1 
ATOM   1017 C  CG    . TRP A 1 130 ? 11.565  -3.225  -5.678  1.00 10.78 ? 126 TRP A CG    1 
ATOM   1018 C  CD1   . TRP A 1 130 ? 12.241  -3.721  -4.643  1.00 13.13 ? 126 TRP A CD1   1 
ATOM   1019 C  CD2   . TRP A 1 130 ? 12.535  -2.759  -6.618  1.00 11.64 ? 126 TRP A CD2   1 
ATOM   1020 N  NE1   . TRP A 1 130 ? 13.610  -3.613  -4.846  1.00 14.71 ? 126 TRP A NE1   1 
ATOM   1021 C  CE2   . TRP A 1 130 ? 13.822  -3.027  -6.062  1.00 13.53 ? 126 TRP A CE2   1 
ATOM   1022 C  CE3   . TRP A 1 130 ? 12.437  -2.089  -7.842  1.00 12.21 ? 126 TRP A CE3   1 
ATOM   1023 C  CZ2   . TRP A 1 130 ? 14.987  -2.675  -6.714  1.00 15.42 ? 126 TRP A CZ2   1 
ATOM   1024 C  CZ3   . TRP A 1 130 ? 13.608  -1.760  -8.530  1.00 15.00 ? 126 TRP A CZ3   1 
ATOM   1025 C  CH2   . TRP A 1 130 ? 14.857  -2.061  -7.953  1.00 15.42 ? 126 TRP A CH2   1 
ATOM   1026 N  N     . PRO A 1 131 ? 7.047   -2.030  -6.100  1.00 8.11  ? 127 PRO A N     1 
ATOM   1027 C  CA    . PRO A 1 131 ? 5.779   -1.793  -6.801  1.00 7.29  ? 127 PRO A CA    1 
ATOM   1028 C  C     . PRO A 1 131 ? 5.436   -0.314  -7.050  1.00 7.49  ? 127 PRO A C     1 
ATOM   1029 O  O     . PRO A 1 131 ? 4.798   0.026   -8.088  1.00 7.52  ? 127 PRO A O     1 
ATOM   1030 C  CB    . PRO A 1 131 ? 4.765   -2.536  -5.953  1.00 7.76  ? 127 PRO A CB    1 
ATOM   1031 C  CG    . PRO A 1 131 ? 5.441   -3.137  -4.827  1.00 8.71  ? 127 PRO A CG    1 
ATOM   1032 C  CD    . PRO A 1 131 ? 6.814   -2.712  -4.794  1.00 8.06  ? 127 PRO A CD    1 
ATOM   1033 N  N     . LEU A 1 132 ? 5.754   0.552   -6.085  1.00 7.22  ? 128 LEU A N     1 
ATOM   1034 C  CA    . LEU A 1 132 ? 5.640   1.970   -6.262  1.00 6.94  ? 128 LEU A CA    1 
ATOM   1035 C  C     . LEU A 1 132 ? 6.468   2.474   -7.486  1.00 7.31  ? 128 LEU A C     1 
ATOM   1036 O  O     . LEU A 1 132 ? 5.972   3.259   -8.304  1.00 7.66  ? 128 LEU A O     1 
ATOM   1037 C  CB    . LEU A 1 132 ? 6.080   2.702   -5.007  1.00 7.01  ? 128 LEU A CB    1 
ATOM   1038 C  CG    . LEU A 1 132 ? 5.782   4.215   -5.029  1.00 7.84  ? 128 LEU A CG    1 
ATOM   1039 C  CD1   . LEU A 1 132 ? 4.320   4.457   -5.326  1.00 8.39  ? 128 LEU A CD1   1 
ATOM   1040 C  CD2   . LEU A 1 132 ? 6.215   4.854   -3.716  1.00 8.00  ? 128 LEU A CD2   1 
ATOM   1041 N  N     . PHE A 1 133 ? 7.707   2.072   -7.580  1.00 8.03  ? 129 PHE A N     1 
ATOM   1042 C  CA    . PHE A 1 133 ? 8.535   2.436   -8.767  1.00 8.18  ? 129 PHE A CA    1 
ATOM   1043 C  C     . PHE A 1 133 ? 7.959   1.930   -10.050 1.00 8.26  ? 129 PHE A C     1 
ATOM   1044 O  O     . PHE A 1 133 ? 8.112   2.608   -11.112 1.00 8.08  ? 129 PHE A O     1 
ATOM   1045 C  CB    . PHE A 1 133 ? 9.959   2.019   -8.538  1.00 9.44  ? 129 PHE A CB    1 
ATOM   1046 C  CG    . PHE A 1 133 ? 10.828  2.238   -9.708  1.00 9.94  ? 129 PHE A CG    1 
ATOM   1047 C  CD1   . PHE A 1 133 ? 11.396  3.470   -9.898  1.00 11.48 ? 129 PHE A CD1   1 
ATOM   1048 C  CD2   . PHE A 1 133 ? 11.191  1.175   -10.519 1.00 11.13 ? 129 PHE A CD2   1 
ATOM   1049 C  CE1   . PHE A 1 133 ? 12.230  3.735   -10.953 1.00 11.07 ? 129 PHE A CE1   1 
ATOM   1050 C  CE2   . PHE A 1 133 ? 12.024  1.431   -11.632 1.00 11.71 ? 129 PHE A CE2   1 
ATOM   1051 C  CZ    . PHE A 1 133 ? 12.535  2.736   -11.786 1.00 10.23 ? 129 PHE A CZ    1 
ATOM   1052 N  N     . GLU A 1 134 ? 7.336   0.764   -10.040 1.00 7.73  ? 130 GLU A N     1 
ATOM   1053 C  CA    . GLU A 1 134 ? 6.820   0.217   -11.248 1.00 8.53  ? 130 GLU A CA    1 
ATOM   1054 C  C     . GLU A 1 134 ? 5.733   1.115   -11.807 1.00 9.52  ? 130 GLU A C     1 
ATOM   1055 O  O     . GLU A 1 134 ? 5.677   1.290   -13.002 1.00 9.99  ? 130 GLU A O     1 
ATOM   1056 C  CB    . GLU A 1 134 ? 6.297   -1.228  -11.009 1.00 10.16 ? 130 GLU A CB    1 
ATOM   1057 C  CG    . GLU A 1 134 ? 5.645   -1.866  -12.242 1.00 10.41 ? 130 GLU A CG    1 
ATOM   1058 C  CD    . GLU A 1 134 ? 5.160   -3.236  -11.994 1.00 11.20 ? 130 GLU A CD    1 
ATOM   1059 O  OE1   . GLU A 1 134 ? 5.011   -3.647  -10.818 1.00 11.07 ? 130 GLU A OE1   1 
ATOM   1060 O  OE2   . GLU A 1 134 ? 4.978   -3.946  -13.004 1.00 12.50 ? 130 GLU A OE2   1 
ATOM   1061 N  N     . ILE A 1 135 ? 4.903   1.675   -10.922 1.00 8.80  ? 131 ILE A N     1 
ATOM   1062 C  CA    . ILE A 1 135 ? 3.781   2.576   -11.309 1.00 10.39 ? 131 ILE A CA    1 
ATOM   1063 C  C     . ILE A 1 135 ? 4.123   4.068   -11.334 1.00 9.86  ? 131 ILE A C     1 
ATOM   1064 O  O     . ILE A 1 135 ? 3.474   4.856   -11.979 1.00 12.03 ? 131 ILE A O     1 
ATOM   1065 C  CB    . ILE A 1 135 ? 2.498   2.311   -10.478 1.00 11.18 ? 131 ILE A CB    1 
ATOM   1066 C  CG1   . ILE A 1 135 ? 2.636   2.756   -9.015  1.00 11.42 ? 131 ILE A CG1   1 
ATOM   1067 C  CG2   . ILE A 1 135 ? 2.058   0.834   -10.563 1.00 12.73 ? 131 ILE A CG2   1 
ATOM   1068 C  CD1   . ILE A 1 135 ? 1.334   2.488   -8.213  1.00 12.81 ? 131 ILE A CD1   1 
ATOM   1069 N  N     . ALA A 1 136 ? 5.212   4.442   -10.700 1.00 9.01  ? 132 ALA A N     1 
ATOM   1070 C  CA    . ALA A 1 136 ? 5.569   5.830   -10.560 1.00 8.94  ? 132 ALA A CA    1 
ATOM   1071 C  C     . ALA A 1 136 ? 7.082   5.977   -10.536 1.00 8.61  ? 132 ALA A C     1 
ATOM   1072 O  O     . ALA A 1 136 ? 7.629   6.479   -9.571  1.00 8.94  ? 132 ALA A O     1 
ATOM   1073 C  CB    . ALA A 1 136 ? 4.924   6.467   -9.378  1.00 10.69 ? 132 ALA A CB    1 
ATOM   1074 N  N     . PRO A 1 137 ? 7.746   5.711   -11.658 1.00 8.46  ? 133 PRO A N     1 
ATOM   1075 C  CA    . PRO A 1 137 ? 9.196   5.800   -11.642 1.00 8.75  ? 133 PRO A CA    1 
ATOM   1076 C  C     . PRO A 1 137 ? 9.822   7.160   -11.384 1.00 9.17  ? 133 PRO A C     1 
ATOM   1077 O  O     . PRO A 1 137 ? 10.971  7.265   -10.928 1.00 8.60  ? 133 PRO A O     1 
ATOM   1078 C  CB    . PRO A 1 137 ? 9.605   5.311   -13.052 1.00 8.80  ? 133 PRO A CB    1 
ATOM   1079 C  CG    . PRO A 1 137 ? 8.360   5.358   -13.854 1.00 8.60  ? 133 PRO A CG    1 
ATOM   1080 C  CD    . PRO A 1 137 ? 7.235   5.120   -12.894 1.00 9.12  ? 133 PRO A CD    1 
ATOM   1081 N  N     . GLU A 1 138 ? 9.032   8.217   -11.646 1.00 10.45 ? 134 GLU A N     1 
ATOM   1082 C  CA    . GLU A 1 138 ? 9.466   9.562   -11.574 1.00 11.73 ? 134 GLU A CA    1 
ATOM   1083 C  C     . GLU A 1 138 ? 9.113   10.168  -10.224 1.00 10.92 ? 134 GLU A C     1 
ATOM   1084 O  O     . GLU A 1 138 ? 9.387   11.339  -10.006 1.00 12.18 ? 134 GLU A O     1 
ATOM   1085 C  CB    . GLU A 1 138 ? 8.890   10.378  -12.735 1.00 14.17 ? 134 GLU A CB    1 
ATOM   1086 C  CG    . GLU A 1 138 ? 8.979   9.723   -14.123 1.00 17.31 ? 134 GLU A CG    1 
ATOM   1087 C  CD    . GLU A 1 138 ? 10.352  9.748   -14.760 1.00 25.65 ? 134 GLU A CD    1 
ATOM   1088 O  OE1   . GLU A 1 138 ? 11.317  10.382  -14.220 1.00 29.91 ? 134 GLU A OE1   1 
ATOM   1089 O  OE2   . GLU A 1 138 ? 10.498  9.085   -15.823 1.00 28.42 ? 134 GLU A OE2   1 
ATOM   1090 N  N     . LEU A 1 139 ? 8.667   9.348   -9.247  1.00 10.07 ? 135 LEU A N     1 
ATOM   1091 C  CA    . LEU A 1 139 ? 8.200   9.902   -8.011  1.00 10.31 ? 135 LEU A CA    1 
ATOM   1092 C  C     . LEU A 1 139 ? 9.265   10.614  -7.187  1.00 9.69  ? 135 LEU A C     1 
ATOM   1093 O  O     . LEU A 1 139 ? 10.359  10.097  -6.978  1.00 9.31  ? 135 LEU A O     1 
ATOM   1094 C  CB    . LEU A 1 139 ? 7.573   8.801   -7.147  1.00 11.01 ? 135 LEU A CB    1 
ATOM   1095 C  CG    . LEU A 1 139 ? 6.726   9.247   -5.941  1.00 11.10 ? 135 LEU A CG    1 
ATOM   1096 C  CD1   . LEU A 1 139 ? 5.453   8.411   -5.854  1.00 11.74 ? 135 LEU A CD1   1 
ATOM   1097 C  CD2   . LEU A 1 139 ? 7.516   9.165   -4.634  1.00 12.26 ? 135 LEU A CD2   1 
ATOM   1098 N  N     . VAL A 1 140 ? 8.846   11.740  -6.636  1.00 10.33 ? 136 VAL A N     1 
ATOM   1099 C  CA    . VAL A 1 140 ? 9.611   12.528  -5.708  1.00 10.65 ? 136 VAL A CA    1 
ATOM   1100 C  C     . VAL A 1 140 ? 8.784   12.624  -4.445  1.00 9.90  ? 136 VAL A C     1 
ATOM   1101 O  O     . VAL A 1 140 ? 7.596   13.046  -4.460  1.00 10.73 ? 136 VAL A O     1 
ATOM   1102 C  CB    . VAL A 1 140 ? 9.917   13.918  -6.261  1.00 10.62 ? 136 VAL A CB    1 
ATOM   1103 C  CG1   . VAL A 1 140 ? 10.655  14.787  -5.256  1.00 11.19 ? 136 VAL A CG1   1 
ATOM   1104 C  CG2   . VAL A 1 140 ? 10.798  13.793  -7.519  1.00 11.22 ? 136 VAL A CG2   1 
ATOM   1105 N  N     . PHE A 1 141 ? 9.386   12.233  -3.349  1.00 8.74  ? 137 PHE A N     1 
ATOM   1106 C  CA    . PHE A 1 141 ? 8.741   12.328  -1.987  1.00 9.36  ? 137 PHE A CA    1 
ATOM   1107 C  C     . PHE A 1 141 ? 8.568   13.751  -1.516  1.00 9.54  ? 137 PHE A C     1 
ATOM   1108 O  O     . PHE A 1 141 ? 9.209   14.658  -2.052  1.00 8.49  ? 137 PHE A O     1 
ATOM   1109 C  CB    . PHE A 1 141 ? 9.670   11.556  -1.020  1.00 9.57  ? 137 PHE A CB    1 
ATOM   1110 C  CG    . PHE A 1 141 ? 9.515   10.089  -1.138  1.00 8.66  ? 137 PHE A CG    1 
ATOM   1111 C  CD1   . PHE A 1 141 ? 8.534   9.440   -0.464  1.00 9.00  ? 137 PHE A CD1   1 
ATOM   1112 C  CD2   . PHE A 1 141 ? 10.346  9.346   -1.958  1.00 9.44  ? 137 PHE A CD2   1 
ATOM   1113 C  CE1   . PHE A 1 141 ? 8.374   8.038   -0.593  1.00 9.97  ? 137 PHE A CE1   1 
ATOM   1114 C  CE2   . PHE A 1 141 ? 10.170  8.010   -2.100  1.00 9.38  ? 137 PHE A CE2   1 
ATOM   1115 C  CZ    . PHE A 1 141 ? 9.230   7.341   -1.403  1.00 9.82  ? 137 PHE A CZ    1 
ATOM   1116 N  N     . PRO A 1 142 ? 7.661   14.033  -0.498  1.00 8.78  ? 138 PRO A N     1 
ATOM   1117 C  CA    . PRO A 1 142 ? 7.504   15.391  0.014   1.00 9.18  ? 138 PRO A CA    1 
ATOM   1118 C  C     . PRO A 1 142 ? 8.793   16.077  0.406   1.00 9.42  ? 138 PRO A C     1 
ATOM   1119 O  O     . PRO A 1 142 ? 8.851   17.319  0.346   1.00 10.08 ? 138 PRO A O     1 
ATOM   1120 C  CB    . PRO A 1 142 ? 6.624   15.158  1.268   1.00 9.65  ? 138 PRO A CB    1 
ATOM   1121 C  CG    . PRO A 1 142 ? 5.712   14.026  0.818   1.00 9.97  ? 138 PRO A CG    1 
ATOM   1122 C  CD    . PRO A 1 142 ? 6.709   13.126  0.136   1.00 9.51  ? 138 PRO A CD    1 
ATOM   1123 N  N     . ASP A 1 143 ? 9.735   15.325  0.908   1.00 9.82  ? 139 ASP A N     1 
ATOM   1124 C  CA    . ASP A 1 143 ? 11.042  15.885  1.348   1.00 10.03 ? 139 ASP A CA    1 
ATOM   1125 C  C     . ASP A 1 143 ? 12.017  16.031  0.153   1.00 9.33  ? 139 ASP A C     1 
ATOM   1126 O  O     . ASP A 1 143 ? 13.218  16.258  0.425   1.00 11.05 ? 139 ASP A O     1 
ATOM   1127 C  CB    . ASP A 1 143 ? 11.635  15.050  2.477   1.00 11.42 ? 139 ASP A CB    1 
ATOM   1128 C  CG    . ASP A 1 143 ? 12.116  13.674  2.044   1.00 12.36 ? 139 ASP A CG    1 
ATOM   1129 O  OD1   . ASP A 1 143 ? 11.782  13.238  0.926   1.00 10.81 ? 139 ASP A OD1   1 
ATOM   1130 O  OD2   . ASP A 1 143 ? 12.800  13.007  2.914   1.00 14.25 ? 139 ASP A OD2   1 
ATOM   1131 N  N     . GLY A 1 144 ? 11.576  15.896  -1.098  1.00 8.52  ? 140 GLY A N     1 
ATOM   1132 C  CA    . GLY A 1 144 ? 12.486  16.026  -2.255  1.00 8.75  ? 140 GLY A CA    1 
ATOM   1133 C  C     . GLY A 1 144 ? 13.282  14.755  -2.569  1.00 9.13  ? 140 GLY A C     1 
ATOM   1134 O  O     . GLY A 1 144 ? 13.874  14.694  -3.620  1.00 10.45 ? 140 GLY A O     1 
ATOM   1135 N  N     . GLU A 1 145 ? 13.251  13.708  -1.746  1.00 9.54  ? 141 GLU A N     1 
ATOM   1136 C  CA    . GLU A 1 145 ? 14.019  12.501  -2.090  1.00 10.66 ? 141 GLU A CA    1 
ATOM   1137 C  C     . GLU A 1 145 ? 13.398  11.833  -3.281  1.00 10.69 ? 141 GLU A C     1 
ATOM   1138 O  O     . GLU A 1 145 ? 12.195  11.758  -3.391  1.00 8.88  ? 141 GLU A O     1 
ATOM   1139 C  CB    . GLU A 1 145 ? 14.134  11.532  -0.917  1.00 12.21 ? 141 GLU A CB    1 
ATOM   1140 C  CG    . GLU A 1 145 ? 15.313  10.611  -1.045  1.00 14.69 ? 141 GLU A CG    1 
ATOM   1141 C  CD    . GLU A 1 145 ? 15.529  9.822   0.221   1.00 16.65 ? 141 GLU A CD    1 
ATOM   1142 O  OE1   . GLU A 1 145 ? 14.690  9.843   1.184   1.00 16.88 ? 141 GLU A OE1   1 
ATOM   1143 O  OE2   . GLU A 1 145 ? 16.579  9.189   0.283   1.00 19.29 ? 141 GLU A OE2   1 
ATOM   1144 N  N     . MET A 1 146 ? 14.231  11.438  -4.217  1.00 10.24 ? 142 MET A N     1 
ATOM   1145 C  CA    . MET A 1 146 ? 13.762  10.686  -5.389  1.00 11.01 ? 142 MET A CA    1 
ATOM   1146 C  C     . MET A 1 146 ? 13.660  9.173   -5.161  1.00 9.40  ? 142 MET A C     1 
ATOM   1147 O  O     . MET A 1 146 ? 14.580  8.565   -4.685  1.00 9.43  ? 142 MET A O     1 
ATOM   1148 C  CB    . MET A 1 146 ? 14.688  10.934  -6.571  1.00 12.66 ? 142 MET A CB    1 
ATOM   1149 C  CG    . MET A 1 146 ? 14.556  12.364  -7.070  1.00 14.50 ? 142 MET A CG    1 
ATOM   1150 S  SD    . MET A 1 146 ? 15.911  12.609  -8.199  1.00 18.42 ? 142 MET A SD    1 
ATOM   1151 C  CE    . MET A 1 146 ? 15.451  14.093  -9.061  1.00 21.30 ? 142 MET A CE    1 
ATOM   1152 N  N     . LEU A 1 147 ? 12.507  8.585   -5.524  1.00 8.86  ? 143 LEU A N     1 
ATOM   1153 C  CA    . LEU A 1 147 ? 12.341  7.165   -5.384  1.00 8.46  ? 143 LEU A CA    1 
ATOM   1154 C  C     . LEU A 1 147 ? 13.408  6.380   -6.178  1.00 8.54  ? 143 LEU A C     1 
ATOM   1155 O  O     . LEU A 1 147 ? 13.905  5.359   -5.685  1.00 8.89  ? 143 LEU A O     1 
ATOM   1156 C  CB    . LEU A 1 147 ? 10.982  6.742   -5.886  1.00 8.25  ? 143 LEU A CB    1 
ATOM   1157 C  CG    . LEU A 1 147 ? 10.552  5.316   -5.886  1.00 9.34  ? 143 LEU A CG    1 
ATOM   1158 C  CD1   . LEU A 1 147 ? 10.802  4.631   -4.543  1.00 10.72 ? 143 LEU A CD1   1 
ATOM   1159 C  CD2   . LEU A 1 147 ? 9.120   5.157   -6.349  1.00 9.73  ? 143 LEU A CD2   1 
ATOM   1160 N  N     . ARG A 1 148 ? 13.695  6.831   -7.397  1.00 8.54  ? 144 ARG A N     1 
ATOM   1161 C  CA    . ARG A 1 148 ? 14.796  6.153   -8.159  1.00 10.13 ? 144 ARG A CA    1 
ATOM   1162 C  C     . ARG A 1 148 ? 16.106  6.135   -7.384  1.00 9.07  ? 144 ARG A C     1 
ATOM   1163 O  O     . ARG A 1 148 ? 16.900  5.226   -7.457  1.00 11.05 ? 144 ARG A O     1 
ATOM   1164 C  CB    . ARG A 1 148 ? 15.054  6.862   -9.442  1.00 11.17 ? 144 ARG A CB    1 
ATOM   1165 C  CG    . ARG A 1 148 ? 15.578  8.266   -9.382  1.00 12.31 ? 144 ARG A CG    1 
ATOM   1166 C  CD    . ARG A 1 148 ? 15.733  8.859   -10.769 1.00 14.30 ? 144 ARG A CD    1 
ATOM   1167 N  NE    . ARG A 1 148 ? 14.552  9.223   -11.529 1.00 13.42 ? 144 ARG A NE    1 
ATOM   1168 C  CZ    . ARG A 1 148 ? 13.823  10.339  -11.370 1.00 14.39 ? 144 ARG A CZ    1 
ATOM   1169 N  NH1   . ARG A 1 148 ? 14.103  11.250  -10.445 1.00 14.98 ? 144 ARG A NH1   1 
ATOM   1170 N  NH2   . ARG A 1 148 ? 12.839  10.531  -12.156 1.00 14.94 ? 144 ARG A NH2   1 
ATOM   1171 N  N     . GLN A 1 149 ? 16.418  7.234   -6.680  1.00 8.65  ? 145 GLN A N     1 
ATOM   1172 C  CA    . GLN A 1 149 ? 17.699  7.323   -5.977  1.00 8.82  ? 145 GLN A CA    1 
ATOM   1173 C  C     . GLN A 1 149 ? 17.799  6.396   -4.733  1.00 9.17  ? 145 GLN A C     1 
ATOM   1174 O  O     . GLN A 1 149 ? 18.863  5.785   -4.487  1.00 9.81  ? 145 GLN A O     1 
ATOM   1175 C  CB    . GLN A 1 149 ? 17.974  8.784   -5.642  1.00 8.57  ? 145 GLN A CB    1 
ATOM   1176 C  CG    . GLN A 1 149 ? 19.397  8.984   -5.078  1.00 9.17  ? 145 GLN A CG    1 
ATOM   1177 C  CD    . GLN A 1 149 ? 20.458  8.829   -6.160  1.00 10.50 ? 145 GLN A CD    1 
ATOM   1178 O  OE1   . GLN A 1 149 ? 20.256  9.251   -7.276  1.00 10.95 ? 145 GLN A OE1   1 
ATOM   1179 N  NE2   . GLN A 1 149 ? 21.532  8.192   -5.836  1.00 12.75 ? 145 GLN A NE2   1 
ATOM   1180 N  N     . ILE A 1 150 ? 16.674  6.208   -4.081  1.00 9.74  ? 146 ILE A N     1 
ATOM   1181 C  CA    . ILE A 1 150 ? 16.619  5.324   -2.930  1.00 9.19  ? 146 ILE A CA    1 
ATOM   1182 C  C     . ILE A 1 150 ? 16.868  3.927   -3.427  1.00 8.55  ? 146 ILE A C     1 
ATOM   1183 O  O     . ILE A 1 150 ? 17.655  3.196   -2.894  1.00 9.57  ? 146 ILE A O     1 
ATOM   1184 C  CB    . ILE A 1 150 ? 15.246  5.420   -2.256  1.00 10.10 ? 146 ILE A CB    1 
ATOM   1185 C  CG1   . ILE A 1 150 ? 15.059  6.814   -1.603  1.00 11.87 ? 146 ILE A CG1   1 
ATOM   1186 C  CG2   . ILE A 1 150 ? 15.087  4.288   -1.238  1.00 9.90  ? 146 ILE A CG2   1 
ATOM   1187 C  CD1   . ILE A 1 150 ? 13.674  7.075   -1.086  1.00 11.98 ? 146 ILE A CD1   1 
ATOM   1188 N  N     . LEU A 1 151 ? 16.171  3.517   -4.468  1.00 8.19  ? 147 LEU A N     1 
ATOM   1189 C  CA    . LEU A 1 151 ? 16.341  2.206   -4.950  1.00 9.31  ? 147 LEU A CA    1 
ATOM   1190 C  C     . LEU A 1 151 ? 17.678  1.994   -5.618  1.00 8.67  ? 147 LEU A C     1 
ATOM   1191 O  O     . LEU A 1 151 ? 18.072  0.823   -5.770  1.00 10.18 ? 147 LEU A O     1 
ATOM   1192 C  CB    . LEU A 1 151 ? 15.241  1.857   -5.960  1.00 9.34  ? 147 LEU A CB    1 
ATOM   1193 C  CG    . LEU A 1 151 ? 13.857  1.682   -5.303  1.00 9.22  ? 147 LEU A CG    1 
ATOM   1194 C  CD1   . LEU A 1 151 ? 12.857  1.627   -6.374  1.00 9.31  ? 147 LEU A CD1   1 
ATOM   1195 C  CD2   . LEU A 1 151 ? 13.739  0.405   -4.480  1.00 9.88  ? 147 LEU A CD2   1 
ATOM   1196 N  N     . HIS A 1 152 ? 18.348  3.042   -6.071  1.00 8.74  ? 148 HIS A N     1 
ATOM   1197 C  CA    . HIS A 1 152 ? 19.656  2.805   -6.730  1.00 9.17  ? 148 HIS A CA    1 
ATOM   1198 C  C     . HIS A 1 152 ? 20.694  2.566   -5.651  1.00 10.80 ? 148 HIS A C     1 
ATOM   1199 O  O     . HIS A 1 152 ? 21.620  1.774   -5.857  1.00 12.72 ? 148 HIS A O     1 
ATOM   1200 C  CB    . HIS A 1 152 ? 20.054  4.008   -7.530  1.00 9.00  ? 148 HIS A CB    1 
ATOM   1201 C  CG    . HIS A 1 152 ? 21.052  3.721   -8.589  1.00 8.86  ? 148 HIS A CG    1 
ATOM   1202 N  ND1   . HIS A 1 152 ? 22.404  3.914   -8.393  1.00 9.56  ? 148 HIS A ND1   1 
ATOM   1203 C  CD2   . HIS A 1 152 ? 20.905  3.343   -9.884  1.00 9.48  ? 148 HIS A CD2   1 
ATOM   1204 C  CE1   . HIS A 1 152 ? 23.059  3.579   -9.490  1.00 8.99  ? 148 HIS A CE1   1 
ATOM   1205 N  NE2   . HIS A 1 152 ? 22.179  3.300   -10.435 1.00 10.13 ? 148 HIS A NE2   1 
ATOM   1206 N  N     . THR A 1 153 ? 20.553  3.290   -4.564  1.00 12.92 ? 149 THR A N     1 
ATOM   1207 C  CA    . THR A 1 153 ? 21.564  3.431   -3.511  1.00 14.26 ? 149 THR A CA    1 
ATOM   1208 C  C     . THR A 1 153 ? 21.457  2.375   -2.412  1.00 15.57 ? 149 THR A C     1 
ATOM   1209 O  O     . THR A 1 153 ? 22.507  1.895   -1.884  1.00 16.34 ? 149 THR A O     1 
ATOM   1210 C  CB    . THR A 1 153 ? 21.469  4.836   -2.851  1.00 15.57 ? 149 THR A CB    1 
ATOM   1211 O  OG1   . THR A 1 153 ? 21.927  5.812   -3.797  1.00 22.05 ? 149 THR A OG1   1 
ATOM   1212 C  CG2   . THR A 1 153 ? 22.364  5.016   -1.533  1.00 18.10 ? 149 THR A CG2   1 
ATOM   1213 N  N     . ARG A 1 154 ? 20.261  1.994   -2.051  1.00 16.18 ? 150 ARG A N     1 
ATOM   1214 C  CA    . ARG A 1 154 ? 20.073  1.172   -0.848  1.00 15.11 ? 150 ARG A CA    1 
ATOM   1215 C  C     . ARG A 1 154 ? 19.775  -0.281  -1.183  1.00 15.70 ? 150 ARG A C     1 
ATOM   1216 O  O     . ARG A 1 154 ? 19.139  -0.614  -2.164  1.00 15.31 ? 150 ARG A O     1 
ATOM   1217 C  CB    . ARG A 1 154 ? 19.026  1.833   -0.009  1.00 16.98 ? 150 ARG A CB    1 
ATOM   1218 C  CG    . ARG A 1 154 ? 19.554  3.143   0.600   1.00 19.16 ? 150 ARG A CG    1 
ATOM   1219 C  CD    . ARG A 1 154 ? 18.513  3.878   1.418   1.00 20.57 ? 150 ARG A CD    1 
ATOM   1220 N  NE    . ARG A 1 154 ? 17.907  2.976   2.370   1.00 22.44 ? 150 ARG A NE    1 
ATOM   1221 C  CZ    . ARG A 1 154 ? 16.719  3.143   2.927   1.00 22.62 ? 150 ARG A CZ    1 
ATOM   1222 N  NH1   . ARG A 1 154 ? 15.990  4.192   2.624   1.00 22.64 ? 150 ARG A NH1   1 
ATOM   1223 N  NH2   . ARG A 1 154 ? 16.268  2.235   3.801   1.00 27.13 ? 150 ARG A NH2   1 
ATOM   1224 N  N     . ALA A 1 155 ? 20.336  -1.154  -0.382  1.00 16.52 ? 151 ALA A N     1 
ATOM   1225 C  CA    . ALA A 1 155 ? 20.250  -2.598  -0.587  1.00 17.39 ? 151 ALA A CA    1 
ATOM   1226 C  C     . ALA A 1 155 ? 18.830  -3.030  -0.207  1.00 19.99 ? 151 ALA A C     1 
ATOM   1227 O  O     . ALA A 1 155 ? 18.367  -2.766  0.898   1.00 21.67 ? 151 ALA A O     1 
ATOM   1228 C  CB    . ALA A 1 155 ? 21.281  -3.307  0.287   1.00 17.27 ? 151 ALA A CB    1 
ATOM   1229 N  N     . PHE A 1 156 ? 18.114  -3.552  -1.161  1.00 19.84 ? 152 PHE A N     1 
ATOM   1230 C  CA    . PHE A 1 156 ? 16.841  -4.206  -0.919  1.00 21.95 ? 152 PHE A CA    1 
ATOM   1231 C  C     . PHE A 1 156 ? 16.967  -5.525  -1.655  1.00 23.85 ? 152 PHE A C     1 
ATOM   1232 O  O     . PHE A 1 156 ? 17.482  -5.582  -2.781  1.00 31.93 ? 152 PHE A O     1 
ATOM   1233 C  CB    . PHE A 1 156 ? 15.661  -3.382  -1.470  1.00 21.82 ? 152 PHE A CB    1 
ATOM   1234 C  CG    . PHE A 1 156 ? 15.441  -2.021  -0.780  1.00 20.50 ? 152 PHE A CG    1 
ATOM   1235 C  CD1   . PHE A 1 156 ? 14.784  -1.939  0.427   1.00 17.56 ? 152 PHE A CD1   1 
ATOM   1236 C  CD2   . PHE A 1 156 ? 15.924  -0.831  -1.341  1.00 19.81 ? 152 PHE A CD2   1 
ATOM   1237 C  CE1   . PHE A 1 156 ? 14.597  -0.741  1.049   1.00 18.08 ? 152 PHE A CE1   1 
ATOM   1238 C  CE2   . PHE A 1 156 ? 15.753  0.399   -0.686  1.00 17.20 ? 152 PHE A CE2   1 
ATOM   1239 C  CZ    . PHE A 1 156 ? 15.064  0.429   0.517   1.00 18.82 ? 152 PHE A CZ    1 
ATOM   1240 N  N     . ASP A 1 157 ? 16.505  -6.567  -1.020  1.00 27.39 ? 153 ASP A N     1 
ATOM   1241 C  CA    . ASP A 1 157 ? 16.442  -7.862  -1.702  1.00 30.69 ? 153 ASP A CA    1 
ATOM   1242 C  C     . ASP A 1 157 ? 15.626  -7.715  -3.013  1.00 29.98 ? 153 ASP A C     1 
ATOM   1243 O  O     . ASP A 1 157 ? 14.738  -6.825  -3.175  1.00 26.33 ? 153 ASP A O     1 
ATOM   1244 C  CB    . ASP A 1 157 ? 15.871  -8.973  -0.788  1.00 34.59 ? 153 ASP A CB    1 
ATOM   1245 C  CG    . ASP A 1 157 ? 16.661  -9.140  0.556   1.00 39.03 ? 153 ASP A CG    1 
ATOM   1246 O  OD1   . ASP A 1 157 ? 17.932  -9.106  0.558   1.00 40.89 ? 153 ASP A OD1   1 
ATOM   1247 O  OD2   . ASP A 1 157 ? 15.985  -9.302  1.614   1.00 43.00 ? 153 ASP A OD2   1 
ATOM   1248 N  N     . LYS A 1 158 ? 15.955  -8.594  -3.949  1.00 28.63 ? 154 LYS A N     1 
ATOM   1249 C  CA    . LYS A 1 158 ? 15.264  -8.681  -5.234  1.00 26.31 ? 154 LYS A CA    1 
ATOM   1250 C  C     . LYS A 1 158 ? 13.830  -9.190  -4.950  1.00 23.64 ? 154 LYS A C     1 
ATOM   1251 O  O     . LYS A 1 158 ? 13.668  -10.153 -4.188  1.00 22.58 ? 154 LYS A O     1 
ATOM   1252 C  CB    . LYS A 1 158 ? 16.023  -9.661  -6.145  1.00 27.11 ? 154 LYS A CB    1 
ATOM   1253 C  CG    . LYS A 1 158 ? 15.391  -9.985  -7.496  1.00 29.30 ? 154 LYS A CG    1 
ATOM   1254 C  CD    . LYS A 1 158 ? 16.242  -10.972 -8.305  1.00 30.65 ? 154 LYS A CD    1 
ATOM   1255 C  CE    . LYS A 1 158 ? 15.464  -11.591 -9.495  1.00 31.25 ? 154 LYS A CE    1 
ATOM   1256 N  NZ    . LYS A 1 158 ? 15.947  -12.880 -10.124 1.00 32.56 ? 154 LYS A NZ    1 
ATOM   1257 N  N     . LEU A 1 159 ? 12.841  -8.558  -5.572  1.00 22.45 ? 155 LEU A N     1 
ATOM   1258 C  CA    . LEU A 1 159 ? 11.437  -8.948  -5.440  1.00 24.06 ? 155 LEU A CA    1 
ATOM   1259 C  C     . LEU A 1 159 ? 11.040  -9.844  -6.606  1.00 22.60 ? 155 LEU A C     1 
ATOM   1260 O  O     . LEU A 1 159 ? 11.380  -9.578  -7.751  1.00 22.91 ? 155 LEU A O     1 
ATOM   1261 C  CB    . LEU A 1 159 ? 10.522  -7.716  -5.442  1.00 25.36 ? 155 LEU A CB    1 
ATOM   1262 C  CG    . LEU A 1 159 ? 10.284  -6.803  -4.232  1.00 27.73 ? 155 LEU A CG    1 
ATOM   1263 C  CD1   . LEU A 1 159 ? 8.896   -6.184  -4.265  1.00 28.37 ? 155 LEU A CD1   1 
ATOM   1264 C  CD2   . LEU A 1 159 ? 10.533  -7.522  -2.922  1.00 26.95 ? 155 LEU A CD2   1 
ATOM   1265 N  N     . ASN A 1 160 ? 10.306  -10.901 -6.319  1.00 18.17 ? 156 ASN A N     1 
ATOM   1266 C  CA    . ASN A 1 160 ? 9.829   -11.766 -7.368  1.00 17.60 ? 156 ASN A CA    1 
ATOM   1267 C  C     . ASN A 1 160 ? 8.379   -11.582 -7.516  1.00 15.94 ? 156 ASN A C     1 
ATOM   1268 O  O     . ASN A 1 160 ? 7.669   -11.455 -6.530  1.00 14.61 ? 156 ASN A O     1 
ATOM   1269 C  CB    . ASN A 1 160 ? 10.118  -13.241 -7.046  1.00 19.92 ? 156 ASN A CB    1 
ATOM   1270 C  CG    . ASN A 1 160 ? 11.623  -13.584 -7.090  1.00 21.77 ? 156 ASN A CG    1 
ATOM   1271 O  OD1   . ASN A 1 160 ? 12.233  -13.822 -6.033  1.00 29.32 ? 156 ASN A OD1   1 
ATOM   1272 N  ND2   . ASN A 1 160 ? 12.215  -13.527 -8.273  1.00 25.04 ? 156 ASN A ND2   1 
ATOM   1273 N  N     . LYS A 1 161 ? 7.889   -11.703 -8.744  1.00 17.10 ? 157 LYS A N     1 
ATOM   1274 C  CA    . LYS A 1 161 ? 6.464   -11.550 -8.980  1.00 17.23 ? 157 LYS A CA    1 
ATOM   1275 C  C     . LYS A 1 161 ? 5.699   -12.802 -8.529  1.00 16.25 ? 157 LYS A C     1 
ATOM   1276 O  O     . LYS A 1 161 ? 6.258   -13.906 -8.421  1.00 18.27 ? 157 LYS A O     1 
ATOM   1277 C  CB    . LYS A 1 161 ? 6.187   -11.181 -10.437 1.00 20.35 ? 157 LYS A CB    1 
ATOM   1278 C  CG    . LYS A 1 161 ? 6.707   -9.787  -10.812 1.00 22.91 ? 157 LYS A CG    1 
ATOM   1279 C  CD    . LYS A 1 161 ? 6.565   -9.482  -12.313 1.00 28.05 ? 157 LYS A CD    1 
ATOM   1280 C  CE    . LYS A 1 161 ? 7.500   -8.352  -12.762 1.00 32.63 ? 157 LYS A CE    1 
ATOM   1281 N  NZ    . LYS A 1 161 ? 6.955   -6.971  -12.548 1.00 38.54 ? 157 LYS A NZ    1 
ATOM   1282 N  N     . TRP A 1 162 ? 4.405   -12.651 -8.265  1.00 16.96 ? 158 TRP A N     1 
ATOM   1283 C  CA    . TRP A 1 162 ? 3.571   -13.735 -7.694  1.00 18.29 ? 158 TRP A CA    1 
ATOM   1284 C  C     . TRP A 1 162 ? 3.515   -14.846 -8.744  1.00 19.62 ? 158 TRP A C     1 
ATOM   1285 O  O     . TRP A 1 162 ? 3.791   -16.028 -8.460  1.00 19.45 ? 158 TRP A O     1 
ATOM   1286 C  CB    . TRP A 1 162 ? 2.200   -13.139 -7.342  1.00 18.34 ? 158 TRP A CB    1 
ATOM   1287 C  CG    . TRP A 1 162 ? 1.255   -14.042 -6.677  1.00 17.86 ? 158 TRP A CG    1 
ATOM   1288 C  CD1   . TRP A 1 162 ? 0.299   -14.782 -7.279  1.00 17.70 ? 158 TRP A CD1   1 
ATOM   1289 C  CD2   . TRP A 1 162 ? 1.136   -14.298 -5.294  1.00 16.50 ? 158 TRP A CD2   1 
ATOM   1290 N  NE1   . TRP A 1 162 ? -0.436  -15.446 -6.372  1.00 17.27 ? 158 TRP A NE1   1 
ATOM   1291 C  CE2   . TRP A 1 162 ? 0.037   -15.173 -5.127  1.00 17.55 ? 158 TRP A CE2   1 
ATOM   1292 C  CE3   . TRP A 1 162 ? 1.792   -13.834 -4.155  1.00 17.87 ? 158 TRP A CE3   1 
ATOM   1293 C  CZ2   . TRP A 1 162 ? -0.364  -15.628 -3.875  1.00 17.83 ? 158 TRP A CZ2   1 
ATOM   1294 C  CZ3   . TRP A 1 162 ? 1.390   -14.298 -2.943  1.00 16.36 ? 158 TRP A CZ3   1 
ATOM   1295 C  CH2   . TRP A 1 162 ? 0.342   -15.184 -2.805  1.00 16.51 ? 158 TRP A CH2   1 
ATOM   1296 O  OXT   . TRP A 1 162 ? 3.347   -14.535 -9.926  1.00 21.54 ? 158 TRP A OXT   1 
HETATM 1297 C  C1    . 5RW B 2 .   ? 7.250   -4.916  10.376  1.00 19.41 ? 201 5RW A C1    1 
HETATM 1298 C  C2    . 5RW B 2 .   ? 7.208   -4.513  8.056   1.00 18.68 ? 201 5RW A C2    1 
HETATM 1299 C  C3    . 5RW B 2 .   ? 8.627   -4.835  10.403  1.00 22.68 ? 201 5RW A C3    1 
HETATM 1300 C  C4    . 5RW B 2 .   ? 8.591   -4.416  8.083   1.00 20.48 ? 201 5RW A C4    1 
HETATM 1301 C  C5    . 5RW B 2 .   ? 6.512   -4.769  9.229   1.00 19.86 ? 201 5RW A C5    1 
HETATM 1302 C  C6    . 5RW B 2 .   ? 9.299   -4.582  9.240   1.00 22.31 ? 201 5RW A C6    1 
HETATM 1303 C  C7    . 5RW B 2 .   ? 4.181   -6.991  5.427   1.00 9.53  ? 201 5RW A C7    1 
HETATM 1304 C  C8    . 5RW B 2 .   ? 5.257   -7.754  5.841   1.00 11.40 ? 201 5RW A C8    1 
HETATM 1305 C  C9    . 5RW B 2 .   ? 4.240   -6.787  7.556   1.00 13.90 ? 201 5RW A C9    1 
HETATM 1306 C  C10   . 5RW B 2 .   ? 3.851   -6.898  4.050   1.00 9.07  ? 201 5RW A C10   1 
HETATM 1307 C  C11   . 5RW B 2 .   ? 5.881   -8.421  3.865   1.00 8.97  ? 201 5RW A C11   1 
HETATM 1308 C  C12   . 5RW B 2 .   ? 4.971   -4.814  9.214   1.00 20.30 ? 201 5RW A C12   1 
HETATM 1309 N  N13   . 5RW B 2 .   ? 3.541   -6.412  6.512   1.00 13.23 ? 201 5RW A N13   1 
HETATM 1310 N  N14   . 5RW B 2 .   ? 6.167   -8.503  5.118   1.00 8.78  ? 201 5RW A N14   1 
HETATM 1311 N  N15   . 5RW B 2 .   ? 5.283   -7.608  7.198   1.00 13.71 ? 201 5RW A N15   1 
HETATM 1312 N  N16   . 5RW B 2 .   ? 4.832   -7.670  3.339   1.00 8.66  ? 201 5RW A N16   1 
HETATM 1313 N  N17   . 5RW B 2 .   ? 6.661   -9.087  2.944   1.00 8.65  ? 201 5RW A N17   1 
HETATM 1314 O  O18   . 5RW B 2 .   ? 2.900   -6.248  3.543   1.00 9.16  ? 201 5RW A O18   1 
HETATM 1315 F  F19   . 5RW B 2 .   ? 10.644  -4.510  9.272   1.00 32.12 ? 201 5RW A F19   1 
HETATM 1316 S  S20   . 5RW B 2 .   ? 3.910   -6.306  9.219   1.00 19.90 ? 201 5RW A S20   1 
HETATM 1317 P  PG    . APC C 3 .   ? 2.736   -0.986  9.355   1.00 10.46 ? 202 APC A PG    1 
HETATM 1318 O  O1G   . APC C 3 .   ? 2.067   0.322   9.536   1.00 13.86 ? 202 APC A O1G   1 
HETATM 1319 O  O2G   . APC C 3 .   ? 2.843   -1.569  7.996   1.00 12.81 ? 202 APC A O2G   1 
HETATM 1320 O  O3G   . APC C 3 .   ? 4.051   -1.047  10.116  1.00 10.36 ? 202 APC A O3G   1 
HETATM 1321 P  PB    . APC C 3 .   ? 0.293   -2.474  9.891   1.00 11.12 ? 202 APC A PB    1 
HETATM 1322 O  O1B   . APC C 3 .   ? -0.125  -2.059  8.527   1.00 9.95  ? 202 APC A O1B   1 
HETATM 1323 O  O2B   . APC C 3 .   ? 0.140   -3.899  10.265  1.00 11.87 ? 202 APC A O2B   1 
HETATM 1324 O  O3B   . APC C 3 .   ? 1.845   -2.055  10.094  1.00 10.83 ? 202 APC A O3B   1 
HETATM 1325 P  PA    . APC C 3 .   ? -2.377  -1.638  11.131  1.00 10.17 ? 202 APC A PA    1 
HETATM 1326 O  O1A   . APC C 3 .   ? -2.788  -2.066  9.756   1.00 8.81  ? 202 APC A O1A   1 
HETATM 1327 O  O2A   . APC C 3 .   ? -2.678  -2.630  12.218  1.00 11.73 ? 202 APC A O2A   1 
HETATM 1328 C  C3A   . APC C 3 .   ? -0.546  -1.428  11.048  1.00 9.96  ? 202 APC A C3A   1 
HETATM 1329 O  "O5'" . APC C 3 .   ? -3.056  -0.202  11.295  1.00 10.58 ? 202 APC A "O5'" 1 
HETATM 1330 C  "C5'" . APC C 3 .   ? -3.091  0.461   12.542  1.00 11.27 ? 202 APC A "C5'" 1 
HETATM 1331 C  "C4'" . APC C 3 .   ? -3.600  1.881   12.333  1.00 10.86 ? 202 APC A "C4'" 1 
HETATM 1332 O  "O4'" . APC C 3 .   ? -2.773  2.659   11.413  1.00 10.11 ? 202 APC A "O4'" 1 
HETATM 1333 C  "C3'" . APC C 3 .   ? -4.883  2.103   11.603  1.00 11.07 ? 202 APC A "C3'" 1 
HETATM 1334 O  "O3'" . APC C 3 .   ? -6.037  1.832   12.417  1.00 12.19 ? 202 APC A "O3'" 1 
HETATM 1335 C  "C2'" . APC C 3 .   ? -4.826  3.515   11.056  1.00 10.11 ? 202 APC A "C2'" 1 
HETATM 1336 O  "O2'" . APC C 3 .   ? -5.519  4.367   11.939  1.00 10.19 ? 202 APC A "O2'" 1 
HETATM 1337 C  "C1'" . APC C 3 .   ? -3.379  3.917   11.239  1.00 9.85  ? 202 APC A "C1'" 1 
HETATM 1338 N  N9    . APC C 3 .   ? -2.685  4.560   10.160  1.00 9.10  ? 202 APC A N9    1 
HETATM 1339 C  C8    . APC C 3 .   ? -1.787  5.560   10.323  1.00 8.43  ? 202 APC A C8    1 
HETATM 1340 N  N7    . APC C 3 .   ? -1.184  5.923   9.185   1.00 8.77  ? 202 APC A N7    1 
HETATM 1341 C  C5    . APC C 3 .   ? -1.770  5.109   8.220   1.00 7.56  ? 202 APC A C5    1 
HETATM 1342 C  C6    . APC C 3 .   ? -1.551  5.027   6.846   1.00 7.34  ? 202 APC A C6    1 
HETATM 1343 N  N6    . APC C 3 .   ? -0.636  5.805   6.228   1.00 7.41  ? 202 APC A N6    1 
HETATM 1344 N  N1    . APC C 3 .   ? -2.245  4.101   6.150   1.00 6.67  ? 202 APC A N1    1 
HETATM 1345 C  C2    . APC C 3 .   ? -3.125  3.368   6.823   1.00 7.49  ? 202 APC A C2    1 
HETATM 1346 N  N3    . APC C 3 .   ? -3.380  3.328   8.149   1.00 7.56  ? 202 APC A N3    1 
HETATM 1347 C  C4    . APC C 3 .   ? -2.658  4.225   8.818   1.00 8.27  ? 202 APC A C4    1 
HETATM 1348 CA CA    . CA  D 4 .   ? -2.153  -1.197  7.713   1.00 7.91  ? 203 CA  A CA    1 
HETATM 1349 CA CA    . CA  E 4 .   ? 1.216   -2.529  6.603   1.00 9.38  ? 204 CA  A CA    1 
HETATM 1350 NA NA    . NA  F 5 .   ? 3.983   -15.055 15.329  1.00 9.59  ? 205 NA  A NA    1 
HETATM 1351 NA NA    . NA  G 5 .   ? -14.453 5.702   -7.803  1.00 17.35 ? 206 NA  A NA    1 
HETATM 1352 CL CL    . CL  H 6 .   ? -7.311  -10.987 9.049   1.00 21.24 ? 207 CL  A CL    1 
HETATM 1353 CL CL    . CL  I 6 .   ? -3.742  -8.772  13.552  1.00 36.01 ? 208 CL  A CL    1 
HETATM 1354 O  O     . HOH J 7 .   ? -17.310 15.127  -0.681  1.00 16.00 ? 301 HOH A O     1 
HETATM 1355 O  O     . HOH J 7 .   ? 0.604   2.116   8.640   1.00 18.64 ? 302 HOH A O     1 
HETATM 1356 O  O     . HOH J 7 .   ? -10.169 11.040  -10.348 1.00 18.60 ? 303 HOH A O     1 
HETATM 1357 O  O     . HOH J 7 .   ? 13.406  12.712  5.330   1.00 17.48 ? 304 HOH A O     1 
HETATM 1358 O  O     . HOH J 7 .   ? 12.977  8.831   -15.367 1.00 18.23 ? 305 HOH A O     1 
HETATM 1359 O  O     . HOH J 7 .   ? 15.190  13.285  3.728   1.00 17.46 ? 306 HOH A O     1 
HETATM 1360 O  O     . HOH J 7 .   ? 0.767   5.802   -11.568 1.00 18.63 ? 307 HOH A O     1 
HETATM 1361 O  O     . HOH J 7 .   ? -1.716  4.302   -15.677 1.00 9.92  ? 308 HOH A O     1 
HETATM 1362 O  O     . HOH J 7 .   ? 1.634   -4.593  7.712   1.00 16.91 ? 309 HOH A O     1 
HETATM 1363 O  O     . HOH J 7 .   ? 4.547   -10.164 16.606  1.00 18.39 ? 310 HOH A O     1 
HETATM 1364 O  O     . HOH J 7 .   ? 4.578   18.907  1.499   1.00 18.02 ? 311 HOH A O     1 
HETATM 1365 O  O     . HOH J 7 .   ? 18.930  -1.667  3.196   1.00 25.32 ? 312 HOH A O     1 
HETATM 1366 O  O     . HOH J 7 .   ? -14.424 -6.710  -4.618  1.00 22.59 ? 313 HOH A O     1 
HETATM 1367 O  O     . HOH J 7 .   ? 10.102  -11.605 -3.695  1.00 29.57 ? 314 HOH A O     1 
HETATM 1368 O  O     . HOH J 7 .   ? -6.499  1.101   5.709   1.00 6.85  ? 315 HOH A O     1 
HETATM 1369 O  O     . HOH J 7 .   ? 17.761  -1.513  -4.263  1.00 20.60 ? 316 HOH A O     1 
HETATM 1370 O  O     . HOH J 7 .   ? -11.977 4.544   -7.302  1.00 23.12 ? 317 HOH A O     1 
HETATM 1371 O  O     . HOH J 7 .   ? 7.194   -15.866 -6.843  1.00 16.81 ? 318 HOH A O     1 
HETATM 1372 O  O     . HOH J 7 .   ? -13.680 -8.194  9.336   1.00 23.10 ? 319 HOH A O     1 
HETATM 1373 O  O     . HOH J 7 .   ? 18.467  8.561   -1.536  1.00 24.32 ? 320 HOH A O     1 
HETATM 1374 O  O     . HOH J 7 .   ? 6.652   18.733  -0.377  1.00 17.06 ? 321 HOH A O     1 
HETATM 1375 O  O     . HOH J 7 .   ? -3.398  -12.002 12.581  1.00 25.56 ? 322 HOH A O     1 
HETATM 1376 O  O     . HOH J 7 .   ? -1.746  -17.496 2.417   1.00 22.07 ? 323 HOH A O     1 
HETATM 1377 O  O     . HOH J 7 .   ? 14.242  16.377  -5.721  1.00 19.70 ? 324 HOH A O     1 
HETATM 1378 O  O     . HOH J 7 .   ? -14.124 -5.766  -0.872  1.00 20.39 ? 325 HOH A O     1 
HETATM 1379 O  O     . HOH J 7 .   ? 13.854  -6.400  -6.897  1.00 26.03 ? 326 HOH A O     1 
HETATM 1380 O  O     . HOH J 7 .   ? -15.600 -3.609  0.239   1.00 17.88 ? 327 HOH A O     1 
HETATM 1381 O  O     . HOH J 7 .   ? -17.141 9.122   1.555   1.00 26.42 ? 328 HOH A O     1 
HETATM 1382 O  O     . HOH J 7 .   ? 9.571   -17.006 2.624   1.00 19.46 ? 329 HOH A O     1 
HETATM 1383 O  O     . HOH J 7 .   ? 0.618   -16.714 0.973   1.00 17.30 ? 330 HOH A O     1 
HETATM 1384 O  O     . HOH J 7 .   ? 2.141   12.350  0.854   1.00 10.29 ? 331 HOH A O     1 
HETATM 1385 O  O     . HOH J 7 .   ? -4.414  -0.699  7.379   1.00 7.80  ? 332 HOH A O     1 
HETATM 1386 O  O     . HOH J 7 .   ? 13.082  7.198   -12.694 1.00 17.46 ? 333 HOH A O     1 
HETATM 1387 O  O     . HOH J 7 .   ? -11.257 -12.294 -5.968  1.00 11.84 ? 334 HOH A O     1 
HETATM 1388 O  O     . HOH J 7 .   ? 3.924   -18.796 2.182   1.00 18.56 ? 335 HOH A O     1 
HETATM 1389 O  O     . HOH J 7 .   ? -15.557 0.066   -2.084  1.00 14.04 ? 336 HOH A O     1 
HETATM 1390 O  O     . HOH J 7 .   ? -1.045  8.104   13.248  1.00 31.41 ? 337 HOH A O     1 
HETATM 1391 O  O     . HOH J 7 .   ? 12.063  8.708   -8.827  1.00 9.65  ? 338 HOH A O     1 
HETATM 1392 O  O     . HOH J 7 .   ? 12.022  3.230   10.437  1.00 17.99 ? 339 HOH A O     1 
HETATM 1393 O  O     . HOH J 7 .   ? 0.338   -6.169  4.617   1.00 13.61 ? 340 HOH A O     1 
HETATM 1394 O  O     . HOH J 7 .   ? -4.144  -16.912 -3.753  1.00 13.20 ? 341 HOH A O     1 
HETATM 1395 O  O     . HOH J 7 .   ? -14.396 -1.163  -9.528  1.00 20.19 ? 342 HOH A O     1 
HETATM 1396 O  O     . HOH J 7 .   ? -5.084  12.401  -14.446 1.00 31.91 ? 343 HOH A O     1 
HETATM 1397 O  O     . HOH J 7 .   ? 12.024  -8.707  9.781   1.00 24.03 ? 344 HOH A O     1 
HETATM 1398 O  O     . HOH J 7 .   ? 6.644   -17.468 4.780   1.00 14.23 ? 345 HOH A O     1 
HETATM 1399 O  O     . HOH J 7 .   ? -10.173 -5.718  12.245  1.00 20.84 ? 346 HOH A O     1 
HETATM 1400 O  O     . HOH J 7 .   ? -0.258  -2.498  2.860   1.00 12.40 ? 347 HOH A O     1 
HETATM 1401 O  O     . HOH J 7 .   ? 2.765   -14.915 13.375  1.00 25.82 ? 348 HOH A O     1 
HETATM 1402 O  O     . HOH J 7 .   ? -20.695 -2.919  5.949   1.00 16.70 ? 349 HOH A O     1 
HETATM 1403 O  O     . HOH J 7 .   ? 1.532   -9.593  -11.611 1.00 17.09 ? 350 HOH A O     1 
HETATM 1404 O  O     . HOH J 7 .   ? 3.672   -3.002  -15.404 1.00 24.80 ? 351 HOH A O     1 
HETATM 1405 O  O     . HOH J 7 .   ? 5.115   13.180  -2.944  1.00 19.47 ? 352 HOH A O     1 
HETATM 1406 O  O     . HOH J 7 .   ? -7.051  15.310  18.263  1.00 28.72 ? 353 HOH A O     1 
HETATM 1407 O  O     . HOH J 7 .   ? -14.983 15.145  -0.063  1.00 22.44 ? 354 HOH A O     1 
HETATM 1408 O  O     . HOH J 7 .   ? -12.574 -10.248 -7.180  1.00 13.53 ? 355 HOH A O     1 
HETATM 1409 O  O     . HOH J 7 .   ? 3.037   -3.147  -1.016  1.00 11.85 ? 356 HOH A O     1 
HETATM 1410 O  O     . HOH J 7 .   ? -5.698  1.545   8.255   1.00 9.41  ? 357 HOH A O     1 
HETATM 1411 O  O     . HOH J 7 .   ? 17.139  11.735  -3.913  1.00 18.35 ? 358 HOH A O     1 
HETATM 1412 O  O     . HOH J 7 .   ? 6.295   12.850  -7.587  1.00 18.27 ? 359 HOH A O     1 
HETATM 1413 O  O     . HOH J 7 .   ? 2.749   5.822   9.030   1.00 17.05 ? 360 HOH A O     1 
HETATM 1414 O  O     . HOH J 7 .   ? 4.559   12.408  8.342   1.00 23.38 ? 361 HOH A O     1 
HETATM 1415 O  O     . HOH J 7 .   ? 0.207   -18.910 -6.189  1.00 26.35 ? 362 HOH A O     1 
HETATM 1416 O  O     . HOH J 7 .   ? -1.728  0.759   8.812   1.00 9.32  ? 363 HOH A O     1 
HETATM 1417 O  O     . HOH J 7 .   ? -11.029 14.809  7.901   1.00 25.71 ? 364 HOH A O     1 
HETATM 1418 O  O     . HOH J 7 .   ? 10.049  5.951   5.477   1.00 17.18 ? 365 HOH A O     1 
HETATM 1419 O  O     . HOH J 7 .   ? 21.834  -0.561  -7.777  1.00 21.82 ? 366 HOH A O     1 
HETATM 1420 O  O     . HOH J 7 .   ? 6.252   8.564   -12.809 1.00 17.33 ? 367 HOH A O     1 
HETATM 1421 O  O     . HOH J 7 .   ? 10.951  -6.134  1.103   1.00 15.48 ? 368 HOH A O     1 
HETATM 1422 O  O     . HOH J 7 .   ? 21.985  -0.120  1.999   1.00 22.46 ? 369 HOH A O     1 
HETATM 1423 O  O     . HOH J 7 .   ? 2.621   -3.547  4.995   1.00 17.18 ? 370 HOH A O     1 
HETATM 1424 O  O     . HOH J 7 .   ? -20.515 -0.530  2.065   1.00 20.27 ? 371 HOH A O     1 
HETATM 1425 O  O     . HOH J 7 .   ? 10.079  -12.097 -10.980 1.00 19.13 ? 372 HOH A O     1 
HETATM 1426 O  O     . HOH J 7 .   ? 15.993  -1.864  4.574   1.00 26.00 ? 373 HOH A O     1 
HETATM 1427 O  O     . HOH J 7 .   ? 13.202  -4.775  2.181   1.00 14.71 ? 374 HOH A O     1 
HETATM 1428 O  O     . HOH J 7 .   ? 1.835   19.134  3.537   1.00 24.99 ? 375 HOH A O     1 
HETATM 1429 O  O     . HOH J 7 .   ? 1.388   12.092  -5.938  1.00 21.61 ? 376 HOH A O     1 
HETATM 1430 O  O     . HOH J 7 .   ? 2.295   -3.325  2.013   1.00 17.79 ? 377 HOH A O     1 
HETATM 1431 O  O     . HOH J 7 .   ? 3.077   0.778   -14.790 1.00 23.82 ? 378 HOH A O     1 
HETATM 1432 O  O     . HOH J 7 .   ? -0.594  17.817  -2.503  1.00 28.39 ? 379 HOH A O     1 
HETATM 1433 O  O     . HOH J 7 .   ? 11.780  -6.641  -9.003  1.00 32.26 ? 380 HOH A O     1 
HETATM 1434 O  O     . HOH J 7 .   ? 1.682   -17.206 -10.632 1.00 28.87 ? 381 HOH A O     1 
HETATM 1435 O  O     . HOH J 7 .   ? 10.021  -8.685  1.501   1.00 19.77 ? 382 HOH A O     1 
HETATM 1436 O  O     . HOH J 7 .   ? 9.141   12.294  2.627   1.00 5.69  ? 383 HOH A O     1 
HETATM 1437 O  O     . HOH J 7 .   ? 14.839  6.231   5.201   1.00 27.62 ? 384 HOH A O     1 
HETATM 1438 O  O     . HOH J 7 .   ? 24.184  0.245   0.712   1.00 27.33 ? 385 HOH A O     1 
HETATM 1439 O  O     . HOH J 7 .   ? 12.562  6.333   6.814   1.00 29.07 ? 386 HOH A O     1 
HETATM 1440 O  O     . HOH J 7 .   ? 8.566   14.345  4.382   1.00 27.19 ? 387 HOH A O     1 
HETATM 1441 O  O     . HOH J 7 .   ? 16.560  -1.066  7.286   1.00 17.53 ? 388 HOH A O     1 
# 
loop_
_pdbx_poly_seq_scheme.asym_id 
_pdbx_poly_seq_scheme.entity_id 
_pdbx_poly_seq_scheme.seq_id 
_pdbx_poly_seq_scheme.mon_id 
_pdbx_poly_seq_scheme.ndb_seq_num 
_pdbx_poly_seq_scheme.pdb_seq_num 
_pdbx_poly_seq_scheme.auth_seq_num 
_pdbx_poly_seq_scheme.pdb_mon_id 
_pdbx_poly_seq_scheme.auth_mon_id 
_pdbx_poly_seq_scheme.pdb_strand_id 
_pdbx_poly_seq_scheme.pdb_ins_code 
_pdbx_poly_seq_scheme.hetero 
A 1 1   GLY 1   -3  ?   ?   ?   A . n 
A 1 2   SER 2   -2  ?   ?   ?   A . n 
A 1 3   ALA 3   -1  ?   ?   ?   A . n 
A 1 4   MET 4   0   0   MET MET A . n 
A 1 5   THR 5   1   1   THR THR A . n 
A 1 6   VAL 6   2   2   VAL VAL A . n 
A 1 7   ALA 7   3   3   ALA ALA A . n 
A 1 8   TYR 8   4   4   TYR TYR A . n 
A 1 9   ILE 9   5   5   ILE ILE A . n 
A 1 10  ALA 10  6   6   ALA ALA A . n 
A 1 11  ILE 11  7   7   ILE ILE A . n 
A 1 12  GLY 12  8   8   GLY GLY A . n 
A 1 13  SER 13  9   9   SER SER A . n 
A 1 14  ASN 14  10  10  ASN ASN A . n 
A 1 15  LEU 15  11  11  LEU LEU A . n 
A 1 16  ALA 16  12  12  ALA ALA A . n 
A 1 17  SER 17  13  13  SER SER A . n 
A 1 18  PRO 18  14  14  PRO PRO A . n 
A 1 19  LEU 19  15  15  LEU LEU A . n 
A 1 20  GLU 20  16  16  GLU GLU A . n 
A 1 21  GLN 21  17  17  GLN GLN A . n 
A 1 22  VAL 22  18  18  VAL VAL A . n 
A 1 23  ASN 23  19  19  ASN ASN A . n 
A 1 24  ALA 24  20  20  ALA ALA A . n 
A 1 25  ALA 25  21  21  ALA ALA A . n 
A 1 26  LEU 26  22  22  LEU LEU A . n 
A 1 27  LYS 27  23  23  LYS LYS A . n 
A 1 28  ALA 28  24  24  ALA ALA A . n 
A 1 29  LEU 29  25  25  LEU LEU A . n 
A 1 30  GLY 30  26  26  GLY GLY A . n 
A 1 31  ASP 31  27  27  ASP ASP A . n 
A 1 32  ILE 32  28  28  ILE ILE A . n 
A 1 33  PRO 33  29  29  PRO PRO A . n 
A 1 34  GLU 34  30  30  GLU GLU A . n 
A 1 35  SER 35  31  31  SER SER A . n 
A 1 36  HIS 36  32  32  HIS HIS A . n 
A 1 37  ILE 37  33  33  ILE ILE A . n 
A 1 38  LEU 38  34  34  LEU LEU A . n 
A 1 39  THR 39  35  35  THR THR A . n 
A 1 40  VAL 40  36  36  VAL VAL A . n 
A 1 41  SER 41  37  37  SER SER A . n 
A 1 42  SER 42  38  38  SER SER A . n 
A 1 43  PHE 43  39  39  PHE PHE A . n 
A 1 44  TYR 44  40  40  TYR TYR A . n 
A 1 45  ARG 45  41  41  ARG ARG A . n 
A 1 46  THR 46  42  42  THR THR A . n 
A 1 47  PRO 47  43  43  PRO PRO A . n 
A 1 48  PRO 48  44  44  PRO PRO A . n 
A 1 49  LEU 49  45  45  LEU LEU A . n 
A 1 50  GLY 50  46  46  GLY GLY A . n 
A 1 51  PRO 51  47  47  PRO PRO A . n 
A 1 52  GLN 52  48  48  GLN GLN A . n 
A 1 53  ASP 53  49  49  ASP ASP A . n 
A 1 54  GLN 54  50  50  GLN GLN A . n 
A 1 55  PRO 55  51  51  PRO PRO A . n 
A 1 56  ASP 56  52  52  ASP ASP A . n 
A 1 57  TYR 57  53  53  TYR TYR A . n 
A 1 58  LEU 58  54  54  LEU LEU A . n 
A 1 59  ASN 59  55  55  ASN ASN A . n 
A 1 60  ALA 60  56  56  ALA ALA A . n 
A 1 61  ALA 61  57  57  ALA ALA A . n 
A 1 62  VAL 62  58  58  VAL VAL A . n 
A 1 63  ALA 63  59  59  ALA ALA A . n 
A 1 64  LEU 64  60  60  LEU LEU A . n 
A 1 65  GLU 65  61  61  GLU GLU A . n 
A 1 66  THR 66  62  62  THR THR A . n 
A 1 67  SER 67  63  63  SER SER A . n 
A 1 68  LEU 68  64  64  LEU LEU A . n 
A 1 69  ALA 69  65  65  ALA ALA A . n 
A 1 70  PRO 70  66  66  PRO PRO A . n 
A 1 71  GLU 71  67  67  GLU GLU A . n 
A 1 72  GLU 72  68  68  GLU GLU A . n 
A 1 73  LEU 73  69  69  LEU LEU A . n 
A 1 74  LEU 74  70  70  LEU LEU A . n 
A 1 75  ASN 75  71  71  ASN ASN A . n 
A 1 76  HIS 76  72  72  HIS HIS A . n 
A 1 77  THR 77  73  73  THR THR A . n 
A 1 78  GLN 78  74  74  GLN GLN A . n 
A 1 79  ARG 79  75  75  ARG ARG A . n 
A 1 80  ILE 80  76  76  ILE ILE A . n 
A 1 81  GLU 81  77  77  GLU GLU A . n 
A 1 82  LEU 82  78  78  LEU LEU A . n 
A 1 83  GLN 83  79  79  GLN GLN A . n 
A 1 84  GLN 84  80  80  GLN GLN A . n 
A 1 85  GLY 85  81  81  GLY GLY A . n 
A 1 86  ARG 86  82  82  ARG ARG A . n 
A 1 87  VAL 87  83  83  VAL VAL A . n 
A 1 88  ARG 88  84  84  ARG ARG A . n 
A 1 89  LYS 89  85  85  LYS LYS A . n 
A 1 90  ALA 90  86  86  ALA ALA A . n 
A 1 91  GLU 91  87  87  GLU GLU A . n 
A 1 92  ARG 92  88  88  ARG ARG A . n 
A 1 93  TRP 93  89  89  TRP TRP A . n 
A 1 94  GLY 94  90  90  GLY GLY A . n 
A 1 95  PRO 95  91  91  PRO PRO A . n 
A 1 96  ARG 96  92  92  ARG ARG A . n 
A 1 97  THR 97  93  93  THR THR A . n 
A 1 98  LEU 98  94  94  LEU LEU A . n 
A 1 99  ASP 99  95  95  ASP ASP A . n 
A 1 100 LEU 100 96  96  LEU LEU A . n 
A 1 101 ASP 101 97  97  ASP ASP A . n 
A 1 102 ILE 102 98  98  ILE ILE A . n 
A 1 103 MET 103 99  99  MET MET A . n 
A 1 104 LEU 104 100 100 LEU LEU A . n 
A 1 105 PHE 105 101 101 PHE PHE A . n 
A 1 106 GLY 106 102 102 GLY GLY A . n 
A 1 107 ASN 107 103 103 ASN ASN A . n 
A 1 108 GLU 108 104 104 GLU GLU A . n 
A 1 109 VAL 109 105 105 VAL VAL A . n 
A 1 110 ILE 110 106 106 ILE ILE A . n 
A 1 111 ASN 111 107 107 ASN ASN A . n 
A 1 112 THR 112 108 108 THR THR A . n 
A 1 113 GLU 113 109 109 GLU GLU A . n 
A 1 114 ARG 114 110 110 ARG ARG A . n 
A 1 115 LEU 115 111 111 LEU LEU A . n 
A 1 116 THR 116 112 112 THR THR A . n 
A 1 117 VAL 117 113 113 VAL VAL A . n 
A 1 118 PRO 118 114 114 PRO PRO A . n 
A 1 119 HIS 119 115 115 HIS HIS A . n 
A 1 120 TYR 120 116 116 TYR TYR A . n 
A 1 121 ASP 121 117 117 ASP ASP A . n 
A 1 122 MET 122 118 118 MET MET A . n 
A 1 123 LYS 123 119 119 LYS LYS A . n 
A 1 124 ASN 124 120 120 ASN ASN A . n 
A 1 125 ARG 125 121 121 ARG ARG A . n 
A 1 126 GLY 126 122 122 GLY GLY A . n 
A 1 127 PHE 127 123 123 PHE PHE A . n 
A 1 128 MET 128 124 124 MET MET A . n 
A 1 129 LEU 129 125 125 LEU LEU A . n 
A 1 130 TRP 130 126 126 TRP TRP A . n 
A 1 131 PRO 131 127 127 PRO PRO A . n 
A 1 132 LEU 132 128 128 LEU LEU A . n 
A 1 133 PHE 133 129 129 PHE PHE A . n 
A 1 134 GLU 134 130 130 GLU GLU A . n 
A 1 135 ILE 135 131 131 ILE ILE A . n 
A 1 136 ALA 136 132 132 ALA ALA A . n 
A 1 137 PRO 137 133 133 PRO PRO A . n 
A 1 138 GLU 138 134 134 GLU GLU A . n 
A 1 139 LEU 139 135 135 LEU LEU A . n 
A 1 140 VAL 140 136 136 VAL VAL A . n 
A 1 141 PHE 141 137 137 PHE PHE A . n 
A 1 142 PRO 142 138 138 PRO PRO A . n 
A 1 143 ASP 143 139 139 ASP ASP A . n 
A 1 144 GLY 144 140 140 GLY GLY A . n 
A 1 145 GLU 145 141 141 GLU GLU A . n 
A 1 146 MET 146 142 142 MET MET A . n 
A 1 147 LEU 147 143 143 LEU LEU A . n 
A 1 148 ARG 148 144 144 ARG ARG A . n 
A 1 149 GLN 149 145 145 GLN GLN A . n 
A 1 150 ILE 150 146 146 ILE ILE A . n 
A 1 151 LEU 151 147 147 LEU LEU A . n 
A 1 152 HIS 152 148 148 HIS HIS A . n 
A 1 153 THR 153 149 149 THR THR A . n 
A 1 154 ARG 154 150 150 ARG ARG A . n 
A 1 155 ALA 155 151 151 ALA ALA A . n 
A 1 156 PHE 156 152 152 PHE PHE A . n 
A 1 157 ASP 157 153 153 ASP ASP A . n 
A 1 158 LYS 158 154 154 LYS LYS A . n 
A 1 159 LEU 159 155 155 LEU LEU A . n 
A 1 160 ASN 160 156 156 ASN ASN A . n 
A 1 161 LYS 161 157 157 LYS LYS A . n 
A 1 162 TRP 162 158 158 TRP TRP A . n 
# 
loop_
_pdbx_nonpoly_scheme.asym_id 
_pdbx_nonpoly_scheme.entity_id 
_pdbx_nonpoly_scheme.mon_id 
_pdbx_nonpoly_scheme.ndb_seq_num 
_pdbx_nonpoly_scheme.pdb_seq_num 
_pdbx_nonpoly_scheme.auth_seq_num 
_pdbx_nonpoly_scheme.pdb_mon_id 
_pdbx_nonpoly_scheme.auth_mon_id 
_pdbx_nonpoly_scheme.pdb_strand_id 
_pdbx_nonpoly_scheme.pdb_ins_code 
B 2 5RW 1  201 1  5RW UNL A . 
C 3 APC 1  202 1  APC APC A . 
D 4 CA  1  203 1  CA  CA  A . 
E 4 CA  1  204 2  CA  CA  A . 
F 5 NA  1  205 1  NA  NA  A . 
G 5 NA  1  206 2  NA  NA  A . 
H 6 CL  1  207 1  CL  CL  A . 
I 6 CL  1  208 2  CL  CL  A . 
J 7 HOH 1  301 30 HOH HOH A . 
J 7 HOH 2  302 55 HOH HOH A . 
J 7 HOH 3  303 32 HOH HOH A . 
J 7 HOH 4  304 23 HOH HOH A . 
J 7 HOH 5  305 10 HOH HOH A . 
J 7 HOH 6  306 38 HOH HOH A . 
J 7 HOH 7  307 44 HOH HOH A . 
J 7 HOH 8  308 4  HOH HOH A . 
J 7 HOH 9  309 26 HOH HOH A . 
J 7 HOH 10 310 53 HOH HOH A . 
J 7 HOH 11 311 54 HOH HOH A . 
J 7 HOH 12 312 63 HOH HOH A . 
J 7 HOH 13 313 69 HOH HOH A . 
J 7 HOH 14 314 66 HOH HOH A . 
J 7 HOH 15 315 6  HOH HOH A . 
J 7 HOH 16 316 31 HOH HOH A . 
J 7 HOH 17 317 36 HOH HOH A . 
J 7 HOH 18 318 48 HOH HOH A . 
J 7 HOH 19 319 67 HOH HOH A . 
J 7 HOH 20 320 76 HOH HOH A . 
J 7 HOH 21 321 58 HOH HOH A . 
J 7 HOH 22 322 50 HOH HOH A . 
J 7 HOH 23 323 72 HOH HOH A . 
J 7 HOH 24 324 81 HOH HOH A . 
J 7 HOH 25 325 46 HOH HOH A . 
J 7 HOH 26 326 82 HOH HOH A . 
J 7 HOH 27 327 45 HOH HOH A . 
J 7 HOH 28 328 33 HOH HOH A . 
J 7 HOH 29 329 41 HOH HOH A . 
J 7 HOH 30 330 65 HOH HOH A . 
J 7 HOH 31 331 8  HOH HOH A . 
J 7 HOH 32 332 3  HOH HOH A . 
J 7 HOH 33 333 34 HOH HOH A . 
J 7 HOH 34 334 20 HOH HOH A . 
J 7 HOH 35 335 77 HOH HOH A . 
J 7 HOH 36 336 18 HOH HOH A . 
J 7 HOH 37 337 28 HOH HOH A . 
J 7 HOH 38 338 2  HOH HOH A . 
J 7 HOH 39 339 24 HOH HOH A . 
J 7 HOH 40 340 11 HOH HOH A . 
J 7 HOH 41 341 13 HOH HOH A . 
J 7 HOH 42 342 60 HOH HOH A . 
J 7 HOH 43 343 80 HOH HOH A . 
J 7 HOH 44 344 59 HOH HOH A . 
J 7 HOH 45 345 16 HOH HOH A . 
J 7 HOH 46 346 70 HOH HOH A . 
J 7 HOH 47 347 7  HOH HOH A . 
J 7 HOH 48 348 56 HOH HOH A . 
J 7 HOH 49 349 39 HOH HOH A . 
J 7 HOH 50 350 27 HOH HOH A . 
J 7 HOH 51 351 87 HOH HOH A . 
J 7 HOH 52 352 40 HOH HOH A . 
J 7 HOH 53 353 75 HOH HOH A . 
J 7 HOH 54 354 61 HOH HOH A . 
J 7 HOH 55 355 12 HOH HOH A . 
J 7 HOH 56 356 9  HOH HOH A . 
J 7 HOH 57 357 5  HOH HOH A . 
J 7 HOH 58 358 43 HOH HOH A . 
J 7 HOH 59 359 47 HOH HOH A . 
J 7 HOH 60 360 15 HOH HOH A . 
J 7 HOH 61 361 68 HOH HOH A . 
J 7 HOH 62 362 78 HOH HOH A . 
J 7 HOH 63 363 19 HOH HOH A . 
J 7 HOH 64 364 88 HOH HOH A . 
J 7 HOH 65 365 52 HOH HOH A . 
J 7 HOH 66 366 71 HOH HOH A . 
J 7 HOH 67 367 21 HOH HOH A . 
J 7 HOH 68 368 17 HOH HOH A . 
J 7 HOH 69 369 29 HOH HOH A . 
J 7 HOH 70 370 25 HOH HOH A . 
J 7 HOH 71 371 51 HOH HOH A . 
J 7 HOH 72 372 57 HOH HOH A . 
J 7 HOH 73 373 83 HOH HOH A . 
J 7 HOH 74 374 14 HOH HOH A . 
J 7 HOH 75 375 84 HOH HOH A . 
J 7 HOH 76 376 64 HOH HOH A . 
J 7 HOH 77 377 22 HOH HOH A . 
J 7 HOH 78 378 86 HOH HOH A . 
J 7 HOH 79 379 89 HOH HOH A . 
J 7 HOH 80 380 90 HOH HOH A . 
J 7 HOH 81 381 62 HOH HOH A . 
J 7 HOH 82 382 37 HOH HOH A . 
J 7 HOH 83 383 1  HOH HOH A . 
J 7 HOH 84 384 85 HOH HOH A . 
J 7 HOH 85 385 73 HOH HOH A . 
J 7 HOH 86 386 79 HOH HOH A . 
J 7 HOH 87 387 74 HOH HOH A . 
J 7 HOH 88 388 42 HOH HOH A . 
# 
_pdbx_struct_assembly.id                   1 
_pdbx_struct_assembly.details              author_and_software_defined_assembly 
_pdbx_struct_assembly.method_details       PISA 
_pdbx_struct_assembly.oligomeric_details   monomeric 
_pdbx_struct_assembly.oligomeric_count     1 
# 
_pdbx_struct_assembly_gen.assembly_id       1 
_pdbx_struct_assembly_gen.oper_expression   1 
_pdbx_struct_assembly_gen.asym_id_list      A,B,C,D,E,F,G,H,I,J 
# 
_pdbx_struct_oper_list.id                   1 
_pdbx_struct_oper_list.type                 'identity operation' 
_pdbx_struct_oper_list.name                 1_555 
_pdbx_struct_oper_list.symmetry_operation   x,y,z 
_pdbx_struct_oper_list.matrix[1][1]         1.0000000000 
_pdbx_struct_oper_list.matrix[1][2]         0.0000000000 
_pdbx_struct_oper_list.matrix[1][3]         0.0000000000 
_pdbx_struct_oper_list.vector[1]            0.0000000000 
_pdbx_struct_oper_list.matrix[2][1]         0.0000000000 
_pdbx_struct_oper_list.matrix[2][2]         1.0000000000 
_pdbx_struct_oper_list.matrix[2][3]         0.0000000000 
_pdbx_struct_oper_list.vector[2]            0.0000000000 
_pdbx_struct_oper_list.matrix[3][1]         0.0000000000 
_pdbx_struct_oper_list.matrix[3][2]         0.0000000000 
_pdbx_struct_oper_list.matrix[3][3]         1.0000000000 
_pdbx_struct_oper_list.vector[3]            0.0000000000 
# 
loop_
_pdbx_struct_conn_angle.id 
_pdbx_struct_conn_angle.ptnr1_label_atom_id 
_pdbx_struct_conn_angle.ptnr1_label_alt_id 
_pdbx_struct_conn_angle.ptnr1_label_asym_id 
_pdbx_struct_conn_angle.ptnr1_label_comp_id 
_pdbx_struct_conn_angle.ptnr1_label_seq_id 
_pdbx_struct_conn_angle.ptnr1_auth_atom_id 
_pdbx_struct_conn_angle.ptnr1_auth_asym_id 
_pdbx_struct_conn_angle.ptnr1_auth_comp_id 
_pdbx_struct_conn_angle.ptnr1_auth_seq_id 
_pdbx_struct_conn_angle.ptnr1_PDB_ins_code 
_pdbx_struct_conn_angle.ptnr1_symmetry 
_pdbx_struct_conn_angle.ptnr2_label_atom_id 
_pdbx_struct_conn_angle.ptnr2_label_alt_id 
_pdbx_struct_conn_angle.ptnr2_label_asym_id 
_pdbx_struct_conn_angle.ptnr2_label_comp_id 
_pdbx_struct_conn_angle.ptnr2_label_seq_id 
_pdbx_struct_conn_angle.ptnr2_auth_atom_id 
_pdbx_struct_conn_angle.ptnr2_auth_asym_id 
_pdbx_struct_conn_angle.ptnr2_auth_comp_id 
_pdbx_struct_conn_angle.ptnr2_auth_seq_id 
_pdbx_struct_conn_angle.ptnr2_PDB_ins_code 
_pdbx_struct_conn_angle.ptnr2_symmetry 
_pdbx_struct_conn_angle.ptnr3_label_atom_id 
_pdbx_struct_conn_angle.ptnr3_label_alt_id 
_pdbx_struct_conn_angle.ptnr3_label_asym_id 
_pdbx_struct_conn_angle.ptnr3_label_comp_id 
_pdbx_struct_conn_angle.ptnr3_label_seq_id 
_pdbx_struct_conn_angle.ptnr3_auth_atom_id 
_pdbx_struct_conn_angle.ptnr3_auth_asym_id 
_pdbx_struct_conn_angle.ptnr3_auth_comp_id 
_pdbx_struct_conn_angle.ptnr3_auth_seq_id 
_pdbx_struct_conn_angle.ptnr3_PDB_ins_code 
_pdbx_struct_conn_angle.ptnr3_symmetry 
_pdbx_struct_conn_angle.value 
_pdbx_struct_conn_angle.value_esd 
1  O   ? A GLY 30  ? A GLY 26  ? 1_555 NA ? G NA . ? A NA 206 ? 1_555 O   ? A ILE 32  ? A ILE 28  ? 1_555 106.0 ? 
2  O   ? A GLY 30  ? A GLY 26  ? 1_555 NA ? G NA . ? A NA 206 ? 1_555 O   ? A SER 35  ? A SER 31  ? 1_555 122.1 ? 
3  O   ? A ILE 32  ? A ILE 28  ? 1_555 NA ? G NA . ? A NA 206 ? 1_555 O   ? A SER 35  ? A SER 31  ? 1_555 101.1 ? 
4  O   ? A GLY 30  ? A GLY 26  ? 1_555 NA ? G NA . ? A NA 206 ? 1_555 OE2 ? A GLU 113 ? A GLU 109 ? 1_555 110.8 ? 
5  O   ? A ILE 32  ? A ILE 28  ? 1_555 NA ? G NA . ? A NA 206 ? 1_555 OE2 ? A GLU 113 ? A GLU 109 ? 1_555 21.6  ? 
6  O   ? A SER 35  ? A SER 31  ? 1_555 NA ? G NA . ? A NA 206 ? 1_555 OE2 ? A GLU 113 ? A GLU 109 ? 1_555 81.0  ? 
7  O   ? A GLY 30  ? A GLY 26  ? 1_555 NA ? G NA . ? A NA 206 ? 1_555 O   ? J HOH .   ? A HOH 317 ? 1_555 65.1  ? 
8  O   ? A ILE 32  ? A ILE 28  ? 1_555 NA ? G NA . ? A NA 206 ? 1_555 O   ? J HOH .   ? A HOH 317 ? 1_555 84.9  ? 
9  O   ? A SER 35  ? A SER 31  ? 1_555 NA ? G NA . ? A NA 206 ? 1_555 O   ? J HOH .   ? A HOH 317 ? 1_555 67.7  ? 
10 OE2 ? A GLU 113 ? A GLU 109 ? 1_555 NA ? G NA . ? A NA 206 ? 1_555 O   ? J HOH .   ? A HOH 317 ? 1_555 69.7  ? 
11 O   ? A GLY 30  ? A GLY 26  ? 1_555 NA ? G NA . ? A NA 206 ? 1_555 O   ? J HOH .   ? A HOH 353 ? 2_444 82.7  ? 
12 O   ? A ILE 32  ? A ILE 28  ? 1_555 NA ? G NA . ? A NA 206 ? 1_555 O   ? J HOH .   ? A HOH 353 ? 2_444 166.7 ? 
13 O   ? A SER 35  ? A SER 31  ? 1_555 NA ? G NA . ? A NA 206 ? 1_555 O   ? J HOH .   ? A HOH 353 ? 2_444 82.0  ? 
14 OE2 ? A GLU 113 ? A GLU 109 ? 1_555 NA ? G NA . ? A NA 206 ? 1_555 O   ? J HOH .   ? A HOH 353 ? 2_444 162.2 ? 
15 O   ? J HOH .   ? A HOH 317 ? 1_555 NA ? G NA . ? A NA 206 ? 1_555 O   ? J HOH .   ? A HOH 353 ? 2_444 108.1 ? 
16 O   ? A LEU 38  ? A LEU 34  ? 1_555 NA ? F NA . ? A NA 205 ? 2_545 OD1 ? A ASP 53  ? A ASP 49  ? 1_555 27.1  ? 
17 O   ? A LEU 38  ? A LEU 34  ? 1_555 NA ? F NA . ? A NA 205 ? 2_545 OD2 ? A ASP 53  ? A ASP 49  ? 1_555 27.2  ? 
18 OD1 ? A ASP 53  ? A ASP 49  ? 1_555 NA ? F NA . ? A NA 205 ? 2_545 OD2 ? A ASP 53  ? A ASP 49  ? 1_555 1.9   ? 
19 O   ? A LEU 38  ? A LEU 34  ? 1_555 NA ? F NA . ? A NA 205 ? 2_545 OE1 ? A GLU 91  ? A GLU 87  ? 1_555 19.7  ? 
20 OD1 ? A ASP 53  ? A ASP 49  ? 1_555 NA ? F NA . ? A NA 205 ? 2_545 OE1 ? A GLU 91  ? A GLU 87  ? 1_555 8.2   ? 
21 OD2 ? A ASP 53  ? A ASP 49  ? 1_555 NA ? F NA . ? A NA 205 ? 2_545 OE1 ? A GLU 91  ? A GLU 87  ? 1_555 7.7   ? 
22 O   ? A LEU 38  ? A LEU 34  ? 1_555 NA ? F NA . ? A NA 205 ? 2_545 OE2 ? A GLU 91  ? A GLU 87  ? 1_555 20.0  ? 
23 OD1 ? A ASP 53  ? A ASP 49  ? 1_555 NA ? F NA . ? A NA 205 ? 2_545 OE2 ? A GLU 91  ? A GLU 87  ? 1_555 7.1   ? 
24 OD2 ? A ASP 53  ? A ASP 49  ? 1_555 NA ? F NA . ? A NA 205 ? 2_545 OE2 ? A GLU 91  ? A GLU 87  ? 1_555 7.5   ? 
25 OE1 ? A GLU 91  ? A GLU 87  ? 1_555 NA ? F NA . ? A NA 205 ? 2_545 OE2 ? A GLU 91  ? A GLU 87  ? 1_555 3.3   ? 
26 O   ? A LEU 38  ? A LEU 34  ? 1_555 NA ? F NA . ? A NA 205 ? 2_545 O   ? J HOH .   ? A HOH 308 ? 2_555 21.5  ? 
27 OD1 ? A ASP 53  ? A ASP 49  ? 1_555 NA ? F NA . ? A NA 205 ? 2_545 O   ? J HOH .   ? A HOH 308 ? 2_555 5.7   ? 
28 OD2 ? A ASP 53  ? A ASP 49  ? 1_555 NA ? F NA . ? A NA 205 ? 2_545 O   ? J HOH .   ? A HOH 308 ? 2_555 5.8   ? 
29 OE1 ? A GLU 91  ? A GLU 87  ? 1_555 NA ? F NA . ? A NA 205 ? 2_545 O   ? J HOH .   ? A HOH 308 ? 2_555 3.1   ? 
30 OE2 ? A GLU 91  ? A GLU 87  ? 1_555 NA ? F NA . ? A NA 205 ? 2_545 O   ? J HOH .   ? A HOH 308 ? 2_555 1.8   ? 
31 O   ? A LEU 38  ? A LEU 34  ? 1_555 NA ? F NA . ? A NA 205 ? 2_545 O   ? J HOH .   ? A HOH 348 ? 1_555 24.4  ? 
32 OD1 ? A ASP 53  ? A ASP 49  ? 1_555 NA ? F NA . ? A NA 205 ? 2_545 O   ? J HOH .   ? A HOH 348 ? 1_555 4.2   ? 
33 OD2 ? A ASP 53  ? A ASP 49  ? 1_555 NA ? F NA . ? A NA 205 ? 2_545 O   ? J HOH .   ? A HOH 348 ? 1_555 3.1   ? 
34 OE1 ? A GLU 91  ? A GLU 87  ? 1_555 NA ? F NA . ? A NA 205 ? 2_545 O   ? J HOH .   ? A HOH 348 ? 1_555 4.7   ? 
35 OE2 ? A GLU 91  ? A GLU 87  ? 1_555 NA ? F NA . ? A NA 205 ? 2_545 O   ? J HOH .   ? A HOH 348 ? 1_555 5.4   ? 
36 O   ? J HOH .   ? A HOH 308 ? 2_555 NA ? F NA . ? A NA 205 ? 2_545 O   ? J HOH .   ? A HOH 348 ? 1_555 3.6   ? 
37 OD1 ? A ASP 99  ? A ASP 95  ? 1_555 CA ? D CA . ? A CA 203 ? 1_555 OD1 ? A ASP 101 ? A ASP 97  ? 1_555 95.3  ? 
38 OD1 ? A ASP 99  ? A ASP 95  ? 1_555 CA ? D CA . ? A CA 203 ? 1_555 O1B ? C APC .   ? A APC 202 ? 1_555 90.8  ? 
39 OD1 ? A ASP 101 ? A ASP 97  ? 1_555 CA ? D CA . ? A CA 203 ? 1_555 O1B ? C APC .   ? A APC 202 ? 1_555 90.2  ? 
40 OD1 ? A ASP 99  ? A ASP 95  ? 1_555 CA ? D CA . ? A CA 203 ? 1_555 O1A ? C APC .   ? A APC 202 ? 1_555 92.3  ? 
41 OD1 ? A ASP 101 ? A ASP 97  ? 1_555 CA ? D CA . ? A CA 203 ? 1_555 O1A ? C APC .   ? A APC 202 ? 1_555 166.1 ? 
42 O1B ? C APC .   ? A APC 202 ? 1_555 CA ? D CA . ? A CA 203 ? 1_555 O1A ? C APC .   ? A APC 202 ? 1_555 78.0  ? 
43 OD1 ? A ASP 99  ? A ASP 95  ? 1_555 CA ? D CA . ? A CA 203 ? 1_555 O   ? J HOH .   ? A HOH 332 ? 1_555 86.0  ? 
44 OD1 ? A ASP 101 ? A ASP 97  ? 1_555 CA ? D CA . ? A CA 203 ? 1_555 O   ? J HOH .   ? A HOH 332 ? 1_555 105.5 ? 
45 O1B ? C APC .   ? A APC 202 ? 1_555 CA ? D CA . ? A CA 203 ? 1_555 O   ? J HOH .   ? A HOH 332 ? 1_555 164.2 ? 
46 O1A ? C APC .   ? A APC 202 ? 1_555 CA ? D CA . ? A CA 203 ? 1_555 O   ? J HOH .   ? A HOH 332 ? 1_555 86.6  ? 
47 OD1 ? A ASP 99  ? A ASP 95  ? 1_555 CA ? D CA . ? A CA 203 ? 1_555 O   ? J HOH .   ? A HOH 363 ? 1_555 179.3 ? 
48 OD1 ? A ASP 101 ? A ASP 97  ? 1_555 CA ? D CA . ? A CA 203 ? 1_555 O   ? J HOH .   ? A HOH 363 ? 1_555 85.4  ? 
49 O1B ? C APC .   ? A APC 202 ? 1_555 CA ? D CA . ? A CA 203 ? 1_555 O   ? J HOH .   ? A HOH 363 ? 1_555 89.2  ? 
50 O1A ? C APC .   ? A APC 202 ? 1_555 CA ? D CA . ? A CA 203 ? 1_555 O   ? J HOH .   ? A HOH 363 ? 1_555 87.0  ? 
51 O   ? J HOH .   ? A HOH 332 ? 1_555 CA ? D CA . ? A CA 203 ? 1_555 O   ? J HOH .   ? A HOH 363 ? 1_555 93.8  ? 
52 OD2 ? A ASP 99  ? A ASP 95  ? 1_555 CA ? E CA . ? A CA 204 ? 1_555 OD2 ? A ASP 101 ? A ASP 97  ? 1_555 85.9  ? 
53 OD2 ? A ASP 99  ? A ASP 95  ? 1_555 CA ? E CA . ? A CA 204 ? 1_555 O2G ? C APC .   ? A APC 202 ? 1_555 169.7 ? 
54 OD2 ? A ASP 101 ? A ASP 97  ? 1_555 CA ? E CA . ? A CA 204 ? 1_555 O2G ? C APC .   ? A APC 202 ? 1_555 96.3  ? 
55 OD2 ? A ASP 99  ? A ASP 95  ? 1_555 CA ? E CA . ? A CA 204 ? 1_555 O1B ? C APC .   ? A APC 202 ? 1_555 89.5  ? 
56 OD2 ? A ASP 101 ? A ASP 97  ? 1_555 CA ? E CA . ? A CA 204 ? 1_555 O1B ? C APC .   ? A APC 202 ? 1_555 104.5 ? 
57 O2G ? C APC .   ? A APC 202 ? 1_555 CA ? E CA . ? A CA 204 ? 1_555 O1B ? C APC .   ? A APC 202 ? 1_555 80.2  ? 
58 OD2 ? A ASP 99  ? A ASP 95  ? 1_555 CA ? E CA . ? A CA 204 ? 1_555 O   ? J HOH .   ? A HOH 309 ? 1_555 91.8  ? 
59 OD2 ? A ASP 101 ? A ASP 97  ? 1_555 CA ? E CA . ? A CA 204 ? 1_555 O   ? J HOH .   ? A HOH 309 ? 1_555 171.2 ? 
60 O2G ? C APC .   ? A APC 202 ? 1_555 CA ? E CA . ? A CA 204 ? 1_555 O   ? J HOH .   ? A HOH 309 ? 1_555 87.5  ? 
61 O1B ? C APC .   ? A APC 202 ? 1_555 CA ? E CA . ? A CA 204 ? 1_555 O   ? J HOH .   ? A HOH 309 ? 1_555 83.9  ? 
62 OD2 ? A ASP 99  ? A ASP 95  ? 1_555 CA ? E CA . ? A CA 204 ? 1_555 O   ? J HOH .   ? A HOH 370 ? 1_555 90.3  ? 
63 OD2 ? A ASP 101 ? A ASP 97  ? 1_555 CA ? E CA . ? A CA 204 ? 1_555 O   ? J HOH .   ? A HOH 370 ? 1_555 90.8  ? 
64 O2G ? C APC .   ? A APC 202 ? 1_555 CA ? E CA . ? A CA 204 ? 1_555 O   ? J HOH .   ? A HOH 370 ? 1_555 99.7  ? 
65 O1B ? C APC .   ? A APC 202 ? 1_555 CA ? E CA . ? A CA 204 ? 1_555 O   ? J HOH .   ? A HOH 370 ? 1_555 164.7 ? 
66 O   ? J HOH .   ? A HOH 309 ? 1_555 CA ? E CA . ? A CA 204 ? 1_555 O   ? J HOH .   ? A HOH 370 ? 1_555 80.8  ? 
# 
loop_
_pdbx_audit_revision_history.ordinal 
_pdbx_audit_revision_history.data_content_type 
_pdbx_audit_revision_history.major_revision 
_pdbx_audit_revision_history.minor_revision 
_pdbx_audit_revision_history.revision_date 
1 'Structure model' 1 0 2016-05-04 
2 'Structure model' 1 1 2016-06-22 
3 'Structure model' 1 2 2023-09-27 
# 
_pdbx_audit_revision_details.ordinal             1 
_pdbx_audit_revision_details.revision_ordinal    1 
_pdbx_audit_revision_details.data_content_type   'Structure model' 
_pdbx_audit_revision_details.provider            repository 
_pdbx_audit_revision_details.type                'Initial release' 
_pdbx_audit_revision_details.description         ? 
_pdbx_audit_revision_details.details             ? 
# 
loop_
_pdbx_audit_revision_group.ordinal 
_pdbx_audit_revision_group.revision_ordinal 
_pdbx_audit_revision_group.data_content_type 
_pdbx_audit_revision_group.group 
1 2 'Structure model' 'Database references'    
2 3 'Structure model' 'Data collection'        
3 3 'Structure model' 'Database references'    
4 3 'Structure model' 'Derived calculations'   
5 3 'Structure model' 'Refinement description' 
# 
loop_
_pdbx_audit_revision_category.ordinal 
_pdbx_audit_revision_category.revision_ordinal 
_pdbx_audit_revision_category.data_content_type 
_pdbx_audit_revision_category.category 
1 3 'Structure model' chem_comp_atom                
2 3 'Structure model' chem_comp_bond                
3 3 'Structure model' citation                      
4 3 'Structure model' database_2                    
5 3 'Structure model' diffrn_source                 
6 3 'Structure model' pdbx_initial_refinement_model 
7 3 'Structure model' pdbx_struct_conn_angle        
8 3 'Structure model' pdbx_struct_oper_list         
9 3 'Structure model' struct_conn                   
# 
loop_
_pdbx_audit_revision_item.ordinal 
_pdbx_audit_revision_item.revision_ordinal 
_pdbx_audit_revision_item.data_content_type 
_pdbx_audit_revision_item.item 
1  3 'Structure model' '_citation.journal_id_CSD'                    
2  3 'Structure model' '_database_2.pdbx_DOI'                        
3  3 'Structure model' '_database_2.pdbx_database_accession'         
4  3 'Structure model' '_diffrn_source.pdbx_synchrotron_site'        
5  3 'Structure model' '_pdbx_struct_conn_angle.ptnr1_auth_comp_id'  
6  3 'Structure model' '_pdbx_struct_conn_angle.ptnr1_auth_seq_id'   
7  3 'Structure model' '_pdbx_struct_conn_angle.ptnr1_label_asym_id' 
8  3 'Structure model' '_pdbx_struct_conn_angle.ptnr1_label_atom_id' 
9  3 'Structure model' '_pdbx_struct_conn_angle.ptnr1_label_comp_id' 
10 3 'Structure model' '_pdbx_struct_conn_angle.ptnr1_label_seq_id'  
11 3 'Structure model' '_pdbx_struct_conn_angle.ptnr1_symmetry'      
12 3 'Structure model' '_pdbx_struct_conn_angle.ptnr2_symmetry'      
13 3 'Structure model' '_pdbx_struct_conn_angle.ptnr3_auth_comp_id'  
14 3 'Structure model' '_pdbx_struct_conn_angle.ptnr3_auth_seq_id'   
15 3 'Structure model' '_pdbx_struct_conn_angle.ptnr3_label_asym_id' 
16 3 'Structure model' '_pdbx_struct_conn_angle.ptnr3_label_atom_id' 
17 3 'Structure model' '_pdbx_struct_conn_angle.ptnr3_label_comp_id' 
18 3 'Structure model' '_pdbx_struct_conn_angle.ptnr3_label_seq_id'  
19 3 'Structure model' '_pdbx_struct_conn_angle.ptnr3_symmetry'      
20 3 'Structure model' '_pdbx_struct_conn_angle.value'               
21 3 'Structure model' '_pdbx_struct_oper_list.symmetry_operation'   
22 3 'Structure model' '_struct_conn.pdbx_dist_value'                
23 3 'Structure model' '_struct_conn.ptnr1_auth_comp_id'             
24 3 'Structure model' '_struct_conn.ptnr1_auth_seq_id'              
25 3 'Structure model' '_struct_conn.ptnr1_label_asym_id'            
26 3 'Structure model' '_struct_conn.ptnr1_label_atom_id'            
27 3 'Structure model' '_struct_conn.ptnr1_label_comp_id'            
28 3 'Structure model' '_struct_conn.ptnr1_label_seq_id'             
29 3 'Structure model' '_struct_conn.ptnr2_auth_comp_id'             
30 3 'Structure model' '_struct_conn.ptnr2_auth_seq_id'              
31 3 'Structure model' '_struct_conn.ptnr2_label_asym_id'            
32 3 'Structure model' '_struct_conn.ptnr2_label_atom_id'            
33 3 'Structure model' '_struct_conn.ptnr2_label_comp_id'            
34 3 'Structure model' '_struct_conn.ptnr2_symmetry'                 
# 
loop_
_software.citation_id 
_software.classification 
_software.compiler_name 
_software.compiler_version 
_software.contact_author 
_software.contact_author_email 
_software.date 
_software.description 
_software.dependencies 
_software.hardware 
_software.language 
_software.location 
_software.mods 
_software.name 
_software.os 
_software.os_version 
_software.type 
_software.version 
_software.pdbx_ordinal 
? refinement       ? ? ? ? ? ? ? ? ? ? ? REFMAC  ? ? ? 5.8.0103 1 
? 'model building' ? ? ? ? ? ? ? ? ? ? ? Coot    ? ? ? 0.8.1    2 
? 'data scaling'   ? ? ? ? ? ? ? ? ? ? ? Aimless ? ? ? .        3 
? 'data reduction' ? ? ? ? ? ? ? ? ? ? ? XDS     ? ? ? .        4 
? phasing          ? ? ? ? ? ? ? ? ? ? ? MOLREP  ? ? ? .        5 
# 
loop_
_pdbx_validate_torsion.id 
_pdbx_validate_torsion.PDB_model_num 
_pdbx_validate_torsion.auth_comp_id 
_pdbx_validate_torsion.auth_asym_id 
_pdbx_validate_torsion.auth_seq_id 
_pdbx_validate_torsion.PDB_ins_code 
_pdbx_validate_torsion.label_alt_id 
_pdbx_validate_torsion.phi 
_pdbx_validate_torsion.psi 
1 1 SER A 13 ? ? 62.88 83.41 
2 1 SER A 13 ? ? 63.65 82.52 
# 
loop_
_pdbx_unobs_or_zero_occ_residues.id 
_pdbx_unobs_or_zero_occ_residues.PDB_model_num 
_pdbx_unobs_or_zero_occ_residues.polymer_flag 
_pdbx_unobs_or_zero_occ_residues.occupancy_flag 
_pdbx_unobs_or_zero_occ_residues.auth_asym_id 
_pdbx_unobs_or_zero_occ_residues.auth_comp_id 
_pdbx_unobs_or_zero_occ_residues.auth_seq_id 
_pdbx_unobs_or_zero_occ_residues.PDB_ins_code 
_pdbx_unobs_or_zero_occ_residues.label_asym_id 
_pdbx_unobs_or_zero_occ_residues.label_comp_id 
_pdbx_unobs_or_zero_occ_residues.label_seq_id 
1 1 Y 1 A GLY -3 ? A GLY 1 
2 1 Y 1 A SER -2 ? A SER 2 
3 1 Y 1 A ALA -1 ? A ALA 3 
# 
loop_
_chem_comp_atom.comp_id 
_chem_comp_atom.atom_id 
_chem_comp_atom.type_symbol 
_chem_comp_atom.pdbx_aromatic_flag 
_chem_comp_atom.pdbx_stereo_config 
_chem_comp_atom.pdbx_ordinal 
5RW C1     C  Y N 1   
5RW C2     C  Y N 2   
5RW C3     C  Y N 3   
5RW C4     C  Y N 4   
5RW C5     C  Y N 5   
5RW C6     C  Y N 6   
5RW C7     C  Y N 7   
5RW C8     C  Y N 8   
5RW C9     C  Y N 9   
5RW C10    C  N N 10  
5RW C11    C  N N 11  
5RW C12    C  N N 12  
5RW N13    N  Y N 13  
5RW N14    N  N N 14  
5RW N15    N  Y N 15  
5RW N16    N  N N 16  
5RW N17    N  N N 17  
5RW O18    O  N N 18  
5RW F19    F  N N 19  
5RW S20    S  N N 20  
5RW H1     H  N N 21  
5RW H2     H  N N 22  
5RW H3     H  N N 23  
5RW H4     H  N N 24  
5RW H5     H  N N 25  
5RW H6     H  N N 26  
5RW H7     H  N N 27  
5RW H9     H  N N 28  
5RW H10    H  N N 29  
5RW H11    H  N N 30  
ALA N      N  N N 31  
ALA CA     C  N S 32  
ALA C      C  N N 33  
ALA O      O  N N 34  
ALA CB     C  N N 35  
ALA OXT    O  N N 36  
ALA H      H  N N 37  
ALA H2     H  N N 38  
ALA HA     H  N N 39  
ALA HB1    H  N N 40  
ALA HB2    H  N N 41  
ALA HB3    H  N N 42  
ALA HXT    H  N N 43  
APC PG     P  N N 44  
APC O1G    O  N N 45  
APC O2G    O  N N 46  
APC O3G    O  N N 47  
APC PB     P  N S 48  
APC O1B    O  N N 49  
APC O2B    O  N N 50  
APC O3B    O  N N 51  
APC PA     P  N R 52  
APC O1A    O  N N 53  
APC O2A    O  N N 54  
APC C3A    C  N N 55  
APC "O5'"  O  N N 56  
APC "C5'"  C  N N 57  
APC "C4'"  C  N R 58  
APC "O4'"  O  N N 59  
APC "C3'"  C  N S 60  
APC "O3'"  O  N N 61  
APC "C2'"  C  N R 62  
APC "O2'"  O  N N 63  
APC "C1'"  C  N R 64  
APC N9     N  Y N 65  
APC C8     C  Y N 66  
APC N7     N  Y N 67  
APC C5     C  Y N 68  
APC C6     C  Y N 69  
APC N6     N  N N 70  
APC N1     N  Y N 71  
APC C2     C  Y N 72  
APC N3     N  Y N 73  
APC C4     C  Y N 74  
APC HOG2   H  N N 75  
APC HOG3   H  N N 76  
APC HOB2   H  N N 77  
APC HOA2   H  N N 78  
APC H3A1   H  N N 79  
APC H3A2   H  N N 80  
APC "H5'1" H  N N 81  
APC "H5'2" H  N N 82  
APC "H4'"  H  N N 83  
APC "H3'"  H  N N 84  
APC "HO3'" H  N N 85  
APC "H2'"  H  N N 86  
APC "HO2'" H  N N 87  
APC "H1'"  H  N N 88  
APC H8     H  N N 89  
APC HN61   H  N N 90  
APC HN62   H  N N 91  
APC H2     H  N N 92  
ARG N      N  N N 93  
ARG CA     C  N S 94  
ARG C      C  N N 95  
ARG O      O  N N 96  
ARG CB     C  N N 97  
ARG CG     C  N N 98  
ARG CD     C  N N 99  
ARG NE     N  N N 100 
ARG CZ     C  N N 101 
ARG NH1    N  N N 102 
ARG NH2    N  N N 103 
ARG OXT    O  N N 104 
ARG H      H  N N 105 
ARG H2     H  N N 106 
ARG HA     H  N N 107 
ARG HB2    H  N N 108 
ARG HB3    H  N N 109 
ARG HG2    H  N N 110 
ARG HG3    H  N N 111 
ARG HD2    H  N N 112 
ARG HD3    H  N N 113 
ARG HE     H  N N 114 
ARG HH11   H  N N 115 
ARG HH12   H  N N 116 
ARG HH21   H  N N 117 
ARG HH22   H  N N 118 
ARG HXT    H  N N 119 
ASN N      N  N N 120 
ASN CA     C  N S 121 
ASN C      C  N N 122 
ASN O      O  N N 123 
ASN CB     C  N N 124 
ASN CG     C  N N 125 
ASN OD1    O  N N 126 
ASN ND2    N  N N 127 
ASN OXT    O  N N 128 
ASN H      H  N N 129 
ASN H2     H  N N 130 
ASN HA     H  N N 131 
ASN HB2    H  N N 132 
ASN HB3    H  N N 133 
ASN HD21   H  N N 134 
ASN HD22   H  N N 135 
ASN HXT    H  N N 136 
ASP N      N  N N 137 
ASP CA     C  N S 138 
ASP C      C  N N 139 
ASP O      O  N N 140 
ASP CB     C  N N 141 
ASP CG     C  N N 142 
ASP OD1    O  N N 143 
ASP OD2    O  N N 144 
ASP OXT    O  N N 145 
ASP H      H  N N 146 
ASP H2     H  N N 147 
ASP HA     H  N N 148 
ASP HB2    H  N N 149 
ASP HB3    H  N N 150 
ASP HD2    H  N N 151 
ASP HXT    H  N N 152 
CA  CA     CA N N 153 
CL  CL     CL N N 154 
GLN N      N  N N 155 
GLN CA     C  N S 156 
GLN C      C  N N 157 
GLN O      O  N N 158 
GLN CB     C  N N 159 
GLN CG     C  N N 160 
GLN CD     C  N N 161 
GLN OE1    O  N N 162 
GLN NE2    N  N N 163 
GLN OXT    O  N N 164 
GLN H      H  N N 165 
GLN H2     H  N N 166 
GLN HA     H  N N 167 
GLN HB2    H  N N 168 
GLN HB3    H  N N 169 
GLN HG2    H  N N 170 
GLN HG3    H  N N 171 
GLN HE21   H  N N 172 
GLN HE22   H  N N 173 
GLN HXT    H  N N 174 
GLU N      N  N N 175 
GLU CA     C  N S 176 
GLU C      C  N N 177 
GLU O      O  N N 178 
GLU CB     C  N N 179 
GLU CG     C  N N 180 
GLU CD     C  N N 181 
GLU OE1    O  N N 182 
GLU OE2    O  N N 183 
GLU OXT    O  N N 184 
GLU H      H  N N 185 
GLU H2     H  N N 186 
GLU HA     H  N N 187 
GLU HB2    H  N N 188 
GLU HB3    H  N N 189 
GLU HG2    H  N N 190 
GLU HG3    H  N N 191 
GLU HE2    H  N N 192 
GLU HXT    H  N N 193 
GLY N      N  N N 194 
GLY CA     C  N N 195 
GLY C      C  N N 196 
GLY O      O  N N 197 
GLY OXT    O  N N 198 
GLY H      H  N N 199 
GLY H2     H  N N 200 
GLY HA2    H  N N 201 
GLY HA3    H  N N 202 
GLY HXT    H  N N 203 
HIS N      N  N N 204 
HIS CA     C  N S 205 
HIS C      C  N N 206 
HIS O      O  N N 207 
HIS CB     C  N N 208 
HIS CG     C  Y N 209 
HIS ND1    N  Y N 210 
HIS CD2    C  Y N 211 
HIS CE1    C  Y N 212 
HIS NE2    N  Y N 213 
HIS OXT    O  N N 214 
HIS H      H  N N 215 
HIS H2     H  N N 216 
HIS HA     H  N N 217 
HIS HB2    H  N N 218 
HIS HB3    H  N N 219 
HIS HD1    H  N N 220 
HIS HD2    H  N N 221 
HIS HE1    H  N N 222 
HIS HE2    H  N N 223 
HIS HXT    H  N N 224 
HOH O      O  N N 225 
HOH H1     H  N N 226 
HOH H2     H  N N 227 
ILE N      N  N N 228 
ILE CA     C  N S 229 
ILE C      C  N N 230 
ILE O      O  N N 231 
ILE CB     C  N S 232 
ILE CG1    C  N N 233 
ILE CG2    C  N N 234 
ILE CD1    C  N N 235 
ILE OXT    O  N N 236 
ILE H      H  N N 237 
ILE H2     H  N N 238 
ILE HA     H  N N 239 
ILE HB     H  N N 240 
ILE HG12   H  N N 241 
ILE HG13   H  N N 242 
ILE HG21   H  N N 243 
ILE HG22   H  N N 244 
ILE HG23   H  N N 245 
ILE HD11   H  N N 246 
ILE HD12   H  N N 247 
ILE HD13   H  N N 248 
ILE HXT    H  N N 249 
LEU N      N  N N 250 
LEU CA     C  N S 251 
LEU C      C  N N 252 
LEU O      O  N N 253 
LEU CB     C  N N 254 
LEU CG     C  N N 255 
LEU CD1    C  N N 256 
LEU CD2    C  N N 257 
LEU OXT    O  N N 258 
LEU H      H  N N 259 
LEU H2     H  N N 260 
LEU HA     H  N N 261 
LEU HB2    H  N N 262 
LEU HB3    H  N N 263 
LEU HG     H  N N 264 
LEU HD11   H  N N 265 
LEU HD12   H  N N 266 
LEU HD13   H  N N 267 
LEU HD21   H  N N 268 
LEU HD22   H  N N 269 
LEU HD23   H  N N 270 
LEU HXT    H  N N 271 
LYS N      N  N N 272 
LYS CA     C  N S 273 
LYS C      C  N N 274 
LYS O      O  N N 275 
LYS CB     C  N N 276 
LYS CG     C  N N 277 
LYS CD     C  N N 278 
LYS CE     C  N N 279 
LYS NZ     N  N N 280 
LYS OXT    O  N N 281 
LYS H      H  N N 282 
LYS H2     H  N N 283 
LYS HA     H  N N 284 
LYS HB2    H  N N 285 
LYS HB3    H  N N 286 
LYS HG2    H  N N 287 
LYS HG3    H  N N 288 
LYS HD2    H  N N 289 
LYS HD3    H  N N 290 
LYS HE2    H  N N 291 
LYS HE3    H  N N 292 
LYS HZ1    H  N N 293 
LYS HZ2    H  N N 294 
LYS HZ3    H  N N 295 
LYS HXT    H  N N 296 
MET N      N  N N 297 
MET CA     C  N S 298 
MET C      C  N N 299 
MET O      O  N N 300 
MET CB     C  N N 301 
MET CG     C  N N 302 
MET SD     S  N N 303 
MET CE     C  N N 304 
MET OXT    O  N N 305 
MET H      H  N N 306 
MET H2     H  N N 307 
MET HA     H  N N 308 
MET HB2    H  N N 309 
MET HB3    H  N N 310 
MET HG2    H  N N 311 
MET HG3    H  N N 312 
MET HE1    H  N N 313 
MET HE2    H  N N 314 
MET HE3    H  N N 315 
MET HXT    H  N N 316 
NA  NA     NA N N 317 
PHE N      N  N N 318 
PHE CA     C  N S 319 
PHE C      C  N N 320 
PHE O      O  N N 321 
PHE CB     C  N N 322 
PHE CG     C  Y N 323 
PHE CD1    C  Y N 324 
PHE CD2    C  Y N 325 
PHE CE1    C  Y N 326 
PHE CE2    C  Y N 327 
PHE CZ     C  Y N 328 
PHE OXT    O  N N 329 
PHE H      H  N N 330 
PHE H2     H  N N 331 
PHE HA     H  N N 332 
PHE HB2    H  N N 333 
PHE HB3    H  N N 334 
PHE HD1    H  N N 335 
PHE HD2    H  N N 336 
PHE HE1    H  N N 337 
PHE HE2    H  N N 338 
PHE HZ     H  N N 339 
PHE HXT    H  N N 340 
PRO N      N  N N 341 
PRO CA     C  N S 342 
PRO C      C  N N 343 
PRO O      O  N N 344 
PRO CB     C  N N 345 
PRO CG     C  N N 346 
PRO CD     C  N N 347 
PRO OXT    O  N N 348 
PRO H      H  N N 349 
PRO HA     H  N N 350 
PRO HB2    H  N N 351 
PRO HB3    H  N N 352 
PRO HG2    H  N N 353 
PRO HG3    H  N N 354 
PRO HD2    H  N N 355 
PRO HD3    H  N N 356 
PRO HXT    H  N N 357 
SER N      N  N N 358 
SER CA     C  N S 359 
SER C      C  N N 360 
SER O      O  N N 361 
SER CB     C  N N 362 
SER OG     O  N N 363 
SER OXT    O  N N 364 
SER H      H  N N 365 
SER H2     H  N N 366 
SER HA     H  N N 367 
SER HB2    H  N N 368 
SER HB3    H  N N 369 
SER HG     H  N N 370 
SER HXT    H  N N 371 
THR N      N  N N 372 
THR CA     C  N S 373 
THR C      C  N N 374 
THR O      O  N N 375 
THR CB     C  N R 376 
THR OG1    O  N N 377 
THR CG2    C  N N 378 
THR OXT    O  N N 379 
THR H      H  N N 380 
THR H2     H  N N 381 
THR HA     H  N N 382 
THR HB     H  N N 383 
THR HG1    H  N N 384 
THR HG21   H  N N 385 
THR HG22   H  N N 386 
THR HG23   H  N N 387 
THR HXT    H  N N 388 
TRP N      N  N N 389 
TRP CA     C  N S 390 
TRP C      C  N N 391 
TRP O      O  N N 392 
TRP CB     C  N N 393 
TRP CG     C  Y N 394 
TRP CD1    C  Y N 395 
TRP CD2    C  Y N 396 
TRP NE1    N  Y N 397 
TRP CE2    C  Y N 398 
TRP CE3    C  Y N 399 
TRP CZ2    C  Y N 400 
TRP CZ3    C  Y N 401 
TRP CH2    C  Y N 402 
TRP OXT    O  N N 403 
TRP H      H  N N 404 
TRP H2     H  N N 405 
TRP HA     H  N N 406 
TRP HB2    H  N N 407 
TRP HB3    H  N N 408 
TRP HD1    H  N N 409 
TRP HE1    H  N N 410 
TRP HE3    H  N N 411 
TRP HZ2    H  N N 412 
TRP HZ3    H  N N 413 
TRP HH2    H  N N 414 
TRP HXT    H  N N 415 
TYR N      N  N N 416 
TYR CA     C  N S 417 
TYR C      C  N N 418 
TYR O      O  N N 419 
TYR CB     C  N N 420 
TYR CG     C  Y N 421 
TYR CD1    C  Y N 422 
TYR CD2    C  Y N 423 
TYR CE1    C  Y N 424 
TYR CE2    C  Y N 425 
TYR CZ     C  Y N 426 
TYR OH     O  N N 427 
TYR OXT    O  N N 428 
TYR H      H  N N 429 
TYR H2     H  N N 430 
TYR HA     H  N N 431 
TYR HB2    H  N N 432 
TYR HB3    H  N N 433 
TYR HD1    H  N N 434 
TYR HD2    H  N N 435 
TYR HE1    H  N N 436 
TYR HE2    H  N N 437 
TYR HH     H  N N 438 
TYR HXT    H  N N 439 
VAL N      N  N N 440 
VAL CA     C  N S 441 
VAL C      C  N N 442 
VAL O      O  N N 443 
VAL CB     C  N N 444 
VAL CG1    C  N N 445 
VAL CG2    C  N N 446 
VAL OXT    O  N N 447 
VAL H      H  N N 448 
VAL H2     H  N N 449 
VAL HA     H  N N 450 
VAL HB     H  N N 451 
VAL HG11   H  N N 452 
VAL HG12   H  N N 453 
VAL HG13   H  N N 454 
VAL HG21   H  N N 455 
VAL HG22   H  N N 456 
VAL HG23   H  N N 457 
VAL HXT    H  N N 458 
# 
loop_
_chem_comp_bond.comp_id 
_chem_comp_bond.atom_id_1 
_chem_comp_bond.atom_id_2 
_chem_comp_bond.value_order 
_chem_comp_bond.pdbx_aromatic_flag 
_chem_comp_bond.pdbx_stereo_config 
_chem_comp_bond.pdbx_ordinal 
5RW C12   C5     sing N N 1   
5RW C12   S20    sing N N 2   
5RW C2    C4     doub Y N 3   
5RW C2    C5     sing Y N 4   
5RW C4    C6     sing Y N 5   
5RW C5    C1     doub Y N 6   
5RW C6    F19    sing N N 7   
5RW C6    C3     doub Y N 8   
5RW C1    C3     sing Y N 9   
5RW O18   C10    doub N N 10  
5RW S20   C9     sing N N 11  
5RW N13   C9     sing Y N 12  
5RW N13   C7     sing Y N 13  
5RW C9    N15    doub Y N 14  
5RW C10   C7     sing N N 15  
5RW C10   N16    sing N N 16  
5RW C7    C8     doub Y N 17  
5RW N16   C11    sing N N 18  
5RW N15   C8     sing Y N 19  
5RW C8    N14    sing N N 20  
5RW C11   N14    doub N N 21  
5RW C11   N17    sing N N 22  
5RW C1    H1     sing N N 23  
5RW C2    H2     sing N N 24  
5RW C3    H3     sing N N 25  
5RW C4    H4     sing N N 26  
5RW C12   H5     sing N N 27  
5RW C12   H6     sing N N 28  
5RW N13   H7     sing N N 29  
5RW N16   H9     sing N N 30  
5RW N17   H10    sing N N 31  
5RW N17   H11    sing N N 32  
ALA N     CA     sing N N 33  
ALA N     H      sing N N 34  
ALA N     H2     sing N N 35  
ALA CA    C      sing N N 36  
ALA CA    CB     sing N N 37  
ALA CA    HA     sing N N 38  
ALA C     O      doub N N 39  
ALA C     OXT    sing N N 40  
ALA CB    HB1    sing N N 41  
ALA CB    HB2    sing N N 42  
ALA CB    HB3    sing N N 43  
ALA OXT   HXT    sing N N 44  
APC PG    O1G    doub N N 45  
APC PG    O2G    sing N N 46  
APC PG    O3G    sing N N 47  
APC PG    O3B    sing N N 48  
APC O2G   HOG2   sing N N 49  
APC O3G   HOG3   sing N N 50  
APC PB    O1B    doub N N 51  
APC PB    O2B    sing N N 52  
APC PB    O3B    sing N N 53  
APC PB    C3A    sing N N 54  
APC O2B   HOB2   sing N N 55  
APC PA    O1A    doub N N 56  
APC PA    O2A    sing N N 57  
APC PA    C3A    sing N N 58  
APC PA    "O5'"  sing N N 59  
APC O2A   HOA2   sing N N 60  
APC C3A   H3A1   sing N N 61  
APC C3A   H3A2   sing N N 62  
APC "O5'" "C5'"  sing N N 63  
APC "C5'" "C4'"  sing N N 64  
APC "C5'" "H5'1" sing N N 65  
APC "C5'" "H5'2" sing N N 66  
APC "C4'" "O4'"  sing N N 67  
APC "C4'" "C3'"  sing N N 68  
APC "C4'" "H4'"  sing N N 69  
APC "O4'" "C1'"  sing N N 70  
APC "C3'" "O3'"  sing N N 71  
APC "C3'" "C2'"  sing N N 72  
APC "C3'" "H3'"  sing N N 73  
APC "O3'" "HO3'" sing N N 74  
APC "C2'" "O2'"  sing N N 75  
APC "C2'" "C1'"  sing N N 76  
APC "C2'" "H2'"  sing N N 77  
APC "O2'" "HO2'" sing N N 78  
APC "C1'" N9     sing N N 79  
APC "C1'" "H1'"  sing N N 80  
APC N9    C8     sing Y N 81  
APC N9    C4     sing Y N 82  
APC C8    N7     doub Y N 83  
APC C8    H8     sing N N 84  
APC N7    C5     sing Y N 85  
APC C5    C6     sing Y N 86  
APC C5    C4     doub Y N 87  
APC C6    N6     sing N N 88  
APC C6    N1     doub Y N 89  
APC N6    HN61   sing N N 90  
APC N6    HN62   sing N N 91  
APC N1    C2     sing Y N 92  
APC C2    N3     doub Y N 93  
APC C2    H2     sing N N 94  
APC N3    C4     sing Y N 95  
ARG N     CA     sing N N 96  
ARG N     H      sing N N 97  
ARG N     H2     sing N N 98  
ARG CA    C      sing N N 99  
ARG CA    CB     sing N N 100 
ARG CA    HA     sing N N 101 
ARG C     O      doub N N 102 
ARG C     OXT    sing N N 103 
ARG CB    CG     sing N N 104 
ARG CB    HB2    sing N N 105 
ARG CB    HB3    sing N N 106 
ARG CG    CD     sing N N 107 
ARG CG    HG2    sing N N 108 
ARG CG    HG3    sing N N 109 
ARG CD    NE     sing N N 110 
ARG CD    HD2    sing N N 111 
ARG CD    HD3    sing N N 112 
ARG NE    CZ     sing N N 113 
ARG NE    HE     sing N N 114 
ARG CZ    NH1    sing N N 115 
ARG CZ    NH2    doub N N 116 
ARG NH1   HH11   sing N N 117 
ARG NH1   HH12   sing N N 118 
ARG NH2   HH21   sing N N 119 
ARG NH2   HH22   sing N N 120 
ARG OXT   HXT    sing N N 121 
ASN N     CA     sing N N 122 
ASN N     H      sing N N 123 
ASN N     H2     sing N N 124 
ASN CA    C      sing N N 125 
ASN CA    CB     sing N N 126 
ASN CA    HA     sing N N 127 
ASN C     O      doub N N 128 
ASN C     OXT    sing N N 129 
ASN CB    CG     sing N N 130 
ASN CB    HB2    sing N N 131 
ASN CB    HB3    sing N N 132 
ASN CG    OD1    doub N N 133 
ASN CG    ND2    sing N N 134 
ASN ND2   HD21   sing N N 135 
ASN ND2   HD22   sing N N 136 
ASN OXT   HXT    sing N N 137 
ASP N     CA     sing N N 138 
ASP N     H      sing N N 139 
ASP N     H2     sing N N 140 
ASP CA    C      sing N N 141 
ASP CA    CB     sing N N 142 
ASP CA    HA     sing N N 143 
ASP C     O      doub N N 144 
ASP C     OXT    sing N N 145 
ASP CB    CG     sing N N 146 
ASP CB    HB2    sing N N 147 
ASP CB    HB3    sing N N 148 
ASP CG    OD1    doub N N 149 
ASP CG    OD2    sing N N 150 
ASP OD2   HD2    sing N N 151 
ASP OXT   HXT    sing N N 152 
GLN N     CA     sing N N 153 
GLN N     H      sing N N 154 
GLN N     H2     sing N N 155 
GLN CA    C      sing N N 156 
GLN CA    CB     sing N N 157 
GLN CA    HA     sing N N 158 
GLN C     O      doub N N 159 
GLN C     OXT    sing N N 160 
GLN CB    CG     sing N N 161 
GLN CB    HB2    sing N N 162 
GLN CB    HB3    sing N N 163 
GLN CG    CD     sing N N 164 
GLN CG    HG2    sing N N 165 
GLN CG    HG3    sing N N 166 
GLN CD    OE1    doub N N 167 
GLN CD    NE2    sing N N 168 
GLN NE2   HE21   sing N N 169 
GLN NE2   HE22   sing N N 170 
GLN OXT   HXT    sing N N 171 
GLU N     CA     sing N N 172 
GLU N     H      sing N N 173 
GLU N     H2     sing N N 174 
GLU CA    C      sing N N 175 
GLU CA    CB     sing N N 176 
GLU CA    HA     sing N N 177 
GLU C     O      doub N N 178 
GLU C     OXT    sing N N 179 
GLU CB    CG     sing N N 180 
GLU CB    HB2    sing N N 181 
GLU CB    HB3    sing N N 182 
GLU CG    CD     sing N N 183 
GLU CG    HG2    sing N N 184 
GLU CG    HG3    sing N N 185 
GLU CD    OE1    doub N N 186 
GLU CD    OE2    sing N N 187 
GLU OE2   HE2    sing N N 188 
GLU OXT   HXT    sing N N 189 
GLY N     CA     sing N N 190 
GLY N     H      sing N N 191 
GLY N     H2     sing N N 192 
GLY CA    C      sing N N 193 
GLY CA    HA2    sing N N 194 
GLY CA    HA3    sing N N 195 
GLY C     O      doub N N 196 
GLY C     OXT    sing N N 197 
GLY OXT   HXT    sing N N 198 
HIS N     CA     sing N N 199 
HIS N     H      sing N N 200 
HIS N     H2     sing N N 201 
HIS CA    C      sing N N 202 
HIS CA    CB     sing N N 203 
HIS CA    HA     sing N N 204 
HIS C     O      doub N N 205 
HIS C     OXT    sing N N 206 
HIS CB    CG     sing N N 207 
HIS CB    HB2    sing N N 208 
HIS CB    HB3    sing N N 209 
HIS CG    ND1    sing Y N 210 
HIS CG    CD2    doub Y N 211 
HIS ND1   CE1    doub Y N 212 
HIS ND1   HD1    sing N N 213 
HIS CD2   NE2    sing Y N 214 
HIS CD2   HD2    sing N N 215 
HIS CE1   NE2    sing Y N 216 
HIS CE1   HE1    sing N N 217 
HIS NE2   HE2    sing N N 218 
HIS OXT   HXT    sing N N 219 
HOH O     H1     sing N N 220 
HOH O     H2     sing N N 221 
ILE N     CA     sing N N 222 
ILE N     H      sing N N 223 
ILE N     H2     sing N N 224 
ILE CA    C      sing N N 225 
ILE CA    CB     sing N N 226 
ILE CA    HA     sing N N 227 
ILE C     O      doub N N 228 
ILE C     OXT    sing N N 229 
ILE CB    CG1    sing N N 230 
ILE CB    CG2    sing N N 231 
ILE CB    HB     sing N N 232 
ILE CG1   CD1    sing N N 233 
ILE CG1   HG12   sing N N 234 
ILE CG1   HG13   sing N N 235 
ILE CG2   HG21   sing N N 236 
ILE CG2   HG22   sing N N 237 
ILE CG2   HG23   sing N N 238 
ILE CD1   HD11   sing N N 239 
ILE CD1   HD12   sing N N 240 
ILE CD1   HD13   sing N N 241 
ILE OXT   HXT    sing N N 242 
LEU N     CA     sing N N 243 
LEU N     H      sing N N 244 
LEU N     H2     sing N N 245 
LEU CA    C      sing N N 246 
LEU CA    CB     sing N N 247 
LEU CA    HA     sing N N 248 
LEU C     O      doub N N 249 
LEU C     OXT    sing N N 250 
LEU CB    CG     sing N N 251 
LEU CB    HB2    sing N N 252 
LEU CB    HB3    sing N N 253 
LEU CG    CD1    sing N N 254 
LEU CG    CD2    sing N N 255 
LEU CG    HG     sing N N 256 
LEU CD1   HD11   sing N N 257 
LEU CD1   HD12   sing N N 258 
LEU CD1   HD13   sing N N 259 
LEU CD2   HD21   sing N N 260 
LEU CD2   HD22   sing N N 261 
LEU CD2   HD23   sing N N 262 
LEU OXT   HXT    sing N N 263 
LYS N     CA     sing N N 264 
LYS N     H      sing N N 265 
LYS N     H2     sing N N 266 
LYS CA    C      sing N N 267 
LYS CA    CB     sing N N 268 
LYS CA    HA     sing N N 269 
LYS C     O      doub N N 270 
LYS C     OXT    sing N N 271 
LYS CB    CG     sing N N 272 
LYS CB    HB2    sing N N 273 
LYS CB    HB3    sing N N 274 
LYS CG    CD     sing N N 275 
LYS CG    HG2    sing N N 276 
LYS CG    HG3    sing N N 277 
LYS CD    CE     sing N N 278 
LYS CD    HD2    sing N N 279 
LYS CD    HD3    sing N N 280 
LYS CE    NZ     sing N N 281 
LYS CE    HE2    sing N N 282 
LYS CE    HE3    sing N N 283 
LYS NZ    HZ1    sing N N 284 
LYS NZ    HZ2    sing N N 285 
LYS NZ    HZ3    sing N N 286 
LYS OXT   HXT    sing N N 287 
MET N     CA     sing N N 288 
MET N     H      sing N N 289 
MET N     H2     sing N N 290 
MET CA    C      sing N N 291 
MET CA    CB     sing N N 292 
MET CA    HA     sing N N 293 
MET C     O      doub N N 294 
MET C     OXT    sing N N 295 
MET CB    CG     sing N N 296 
MET CB    HB2    sing N N 297 
MET CB    HB3    sing N N 298 
MET CG    SD     sing N N 299 
MET CG    HG2    sing N N 300 
MET CG    HG3    sing N N 301 
MET SD    CE     sing N N 302 
MET CE    HE1    sing N N 303 
MET CE    HE2    sing N N 304 
MET CE    HE3    sing N N 305 
MET OXT   HXT    sing N N 306 
PHE N     CA     sing N N 307 
PHE N     H      sing N N 308 
PHE N     H2     sing N N 309 
PHE CA    C      sing N N 310 
PHE CA    CB     sing N N 311 
PHE CA    HA     sing N N 312 
PHE C     O      doub N N 313 
PHE C     OXT    sing N N 314 
PHE CB    CG     sing N N 315 
PHE CB    HB2    sing N N 316 
PHE CB    HB3    sing N N 317 
PHE CG    CD1    doub Y N 318 
PHE CG    CD2    sing Y N 319 
PHE CD1   CE1    sing Y N 320 
PHE CD1   HD1    sing N N 321 
PHE CD2   CE2    doub Y N 322 
PHE CD2   HD2    sing N N 323 
PHE CE1   CZ     doub Y N 324 
PHE CE1   HE1    sing N N 325 
PHE CE2   CZ     sing Y N 326 
PHE CE2   HE2    sing N N 327 
PHE CZ    HZ     sing N N 328 
PHE OXT   HXT    sing N N 329 
PRO N     CA     sing N N 330 
PRO N     CD     sing N N 331 
PRO N     H      sing N N 332 
PRO CA    C      sing N N 333 
PRO CA    CB     sing N N 334 
PRO CA    HA     sing N N 335 
PRO C     O      doub N N 336 
PRO C     OXT    sing N N 337 
PRO CB    CG     sing N N 338 
PRO CB    HB2    sing N N 339 
PRO CB    HB3    sing N N 340 
PRO CG    CD     sing N N 341 
PRO CG    HG2    sing N N 342 
PRO CG    HG3    sing N N 343 
PRO CD    HD2    sing N N 344 
PRO CD    HD3    sing N N 345 
PRO OXT   HXT    sing N N 346 
SER N     CA     sing N N 347 
SER N     H      sing N N 348 
SER N     H2     sing N N 349 
SER CA    C      sing N N 350 
SER CA    CB     sing N N 351 
SER CA    HA     sing N N 352 
SER C     O      doub N N 353 
SER C     OXT    sing N N 354 
SER CB    OG     sing N N 355 
SER CB    HB2    sing N N 356 
SER CB    HB3    sing N N 357 
SER OG    HG     sing N N 358 
SER OXT   HXT    sing N N 359 
THR N     CA     sing N N 360 
THR N     H      sing N N 361 
THR N     H2     sing N N 362 
THR CA    C      sing N N 363 
THR CA    CB     sing N N 364 
THR CA    HA     sing N N 365 
THR C     O      doub N N 366 
THR C     OXT    sing N N 367 
THR CB    OG1    sing N N 368 
THR CB    CG2    sing N N 369 
THR CB    HB     sing N N 370 
THR OG1   HG1    sing N N 371 
THR CG2   HG21   sing N N 372 
THR CG2   HG22   sing N N 373 
THR CG2   HG23   sing N N 374 
THR OXT   HXT    sing N N 375 
TRP N     CA     sing N N 376 
TRP N     H      sing N N 377 
TRP N     H2     sing N N 378 
TRP CA    C      sing N N 379 
TRP CA    CB     sing N N 380 
TRP CA    HA     sing N N 381 
TRP C     O      doub N N 382 
TRP C     OXT    sing N N 383 
TRP CB    CG     sing N N 384 
TRP CB    HB2    sing N N 385 
TRP CB    HB3    sing N N 386 
TRP CG    CD1    doub Y N 387 
TRP CG    CD2    sing Y N 388 
TRP CD1   NE1    sing Y N 389 
TRP CD1   HD1    sing N N 390 
TRP CD2   CE2    doub Y N 391 
TRP CD2   CE3    sing Y N 392 
TRP NE1   CE2    sing Y N 393 
TRP NE1   HE1    sing N N 394 
TRP CE2   CZ2    sing Y N 395 
TRP CE3   CZ3    doub Y N 396 
TRP CE3   HE3    sing N N 397 
TRP CZ2   CH2    doub Y N 398 
TRP CZ2   HZ2    sing N N 399 
TRP CZ3   CH2    sing Y N 400 
TRP CZ3   HZ3    sing N N 401 
TRP CH2   HH2    sing N N 402 
TRP OXT   HXT    sing N N 403 
TYR N     CA     sing N N 404 
TYR N     H      sing N N 405 
TYR N     H2     sing N N 406 
TYR CA    C      sing N N 407 
TYR CA    CB     sing N N 408 
TYR CA    HA     sing N N 409 
TYR C     O      doub N N 410 
TYR C     OXT    sing N N 411 
TYR CB    CG     sing N N 412 
TYR CB    HB2    sing N N 413 
TYR CB    HB3    sing N N 414 
TYR CG    CD1    doub Y N 415 
TYR CG    CD2    sing Y N 416 
TYR CD1   CE1    sing Y N 417 
TYR CD1   HD1    sing N N 418 
TYR CD2   CE2    doub Y N 419 
TYR CD2   HD2    sing N N 420 
TYR CE1   CZ     doub Y N 421 
TYR CE1   HE1    sing N N 422 
TYR CE2   CZ     sing Y N 423 
TYR CE2   HE2    sing N N 424 
TYR CZ    OH     sing N N 425 
TYR OH    HH     sing N N 426 
TYR OXT   HXT    sing N N 427 
VAL N     CA     sing N N 428 
VAL N     H      sing N N 429 
VAL N     H2     sing N N 430 
VAL CA    C      sing N N 431 
VAL CA    CB     sing N N 432 
VAL CA    HA     sing N N 433 
VAL C     O      doub N N 434 
VAL C     OXT    sing N N 435 
VAL CB    CG1    sing N N 436 
VAL CB    CG2    sing N N 437 
VAL CB    HB     sing N N 438 
VAL CG1   HG11   sing N N 439 
VAL CG1   HG12   sing N N 440 
VAL CG1   HG13   sing N N 441 
VAL CG2   HG21   sing N N 442 
VAL CG2   HG22   sing N N 443 
VAL CG2   HG23   sing N N 444 
VAL OXT   HXT    sing N N 445 
# 
loop_
_pdbx_entity_nonpoly.entity_id 
_pdbx_entity_nonpoly.name 
_pdbx_entity_nonpoly.comp_id 
2 '2-azanyl-8-[(4-fluorophenyl)methylsulfanyl]-1,7-dihydropurin-6-one' 5RW 
3 'DIPHOSPHOMETHYLPHOSPHONIC ACID ADENOSYL ESTER'                      APC 
4 'CALCIUM ION'                                                        CA  
5 'SODIUM ION'                                                         NA  
6 'CHLORIDE ION'                                                       CL  
7 water                                                                HOH 
# 
_pdbx_initial_refinement_model.id               1 
_pdbx_initial_refinement_model.entity_id_list   ? 
_pdbx_initial_refinement_model.type             'experimental model' 
_pdbx_initial_refinement_model.source_name      PDB 
_pdbx_initial_refinement_model.accession_code   5ETK 
_pdbx_initial_refinement_model.details          ? 
# 
